data_7JPT
#
_entry.id   7JPT
#
_cell.length_a   1.00
_cell.length_b   1.00
_cell.length_c   1.00
_cell.angle_alpha   90.00
_cell.angle_beta   90.00
_cell.angle_gamma   90.00
#
_symmetry.space_group_name_H-M   'P 1'
#
loop_
_entity.id
_entity.type
_entity.pdbx_description
1 polymer 'Lymphocyte antigen 75'
2 branched beta-D-mannopyranose-(1-4)-2-acetamido-2-deoxy-beta-D-glucopyranose-(1-4)-2-acetamido-2-deoxy-beta-D-glucopyranose
3 non-polymer 2-acetamido-2-deoxy-beta-D-glucopyranose
#
_entity_poly.entity_id   1
_entity_poly.type   'polypeptide(L)'
_entity_poly.pdbx_seq_one_letter_code
;RAANDPFTIVHGNTGKCIKPVYGWIVADDCDETEDKLWKWVSQHRLFHLHSQKCLGLDITKSVNELRMFSCDSSAMLWWK
CEHHSLYGAARYRLALKDGHGTAISNASDVWKKGGSEESLCDQPYHEIYTRDGNSYGRPCEFPFLIDGTWHHDCILDEDH
SGPWCATTLNYEYDRKWGICLKPENGCEDNWEKNEQFGSCYQFNTQTALSWKEAYVSCQNQGADLLSINSAAELTYLKEK
EGIAKIFWIGLNQLYSARGWEWSDHKPLNFLNWDPDRPSAPTIGGSSCARMDAESGLWQSFSCEAQLPYVCRKPLNNTVE
LTDVWTYSDTRCDAGWLPNNGFCYLLVNESNSWDKAHAKCKAFSSDLISIHSLADVEVVVTKLHNEDIKEEVWIGLKNIN
IPTLFQWSDGTEVTLTYWDENEPNVPYNKTPNCVSYLGELGQWKVQSCEEKLKYVCKRKGEKLNDASSDKMCPPDEGWKR
HGETCYKIYEDEVPFGTNCNLTITSRFEQEYLNDLMKKYDKSLRKYFWTGLRDVDSCGEYNWATVGGRRRAVTFSNWNFL
EPASPGGCVAMSTGKSVGKWEVKDCRSFKALSICKKMSGPLGPEEASPKPDDPCPEGWQSFPASLSCYKVFHAERIVRKR
NWEEAERFCQALGAHLSSFSHVDEIKEFLHFLTDQFSGQHWLWIGLNKRSPDLQGSWQWSDRTPVSTIIMPNEFQQDYDI
RDCAAVKVFHRPWRRGWHFYDDREFIYLRPFACDTKLEWVCQIPKGRTPKTPDWYNPDRAGIHGPPLIIEGSEYWFVADL
HLNYEEAVLYCASNHSFLATITSFVGLKAIKNKIANISGDGQKWWIRISEWPIDDHFTYSRYPWHRFPVTFGEECLYMSA
KTWLIDLGKPTDCSTKLPFICEKYNVSSLEKYSPDSAAKVQCSEQWIPFQNKCFLKIKPVSLTFSQASDTCHSYGGTLPS
VLSQIEQDFITSLLPDMEATLWIGLRWTAYEKINKWTDNRELTYSNFHPLLVSGRLRIPENFFEEESRYHCALILNLQKS
PFTGTWNFTSCSERHFVSLCQKYSEVKSRQTLQNASETVKYLNNLYKIIPKTLTWHSAKRECLKSNMQLVSITDPYQQAF
LSVQALLHNSSLWIGLFSQDDELNFGWSDGKRLHFSRWAETNGQLEDCVVLDTDGFWKTVDCNDNQPGAICYYSGNETEK
EVKPVDSVKCPSPVLNTPWIPFQNCCYNFIITKNRHMATTQDEVHTKCQKLNPKSHILSIRDEKENNFVLEQLLYFNYMA
SWVMLGITYRNKSLMWFDKTPLSYTHWRAGRPTIKNEKFLAGLSTDGFWDIQTFKVIEEAVYFHQHSILACKIEMVDYKE
EYNTTLPQFMPYEDGIYSVIQKKVTWYEALNMCSQSGGHLASVHNQNGQLFLEDIVKRDGFPLWVGLSSHDGSESSFEWS
DGSTFDYIPWKGQTSPGNCVLLDPKGTWKHEKCNSVKDGAICYKPTKSKKLSRLTYSSRCPAAKENGSRWIQYKGHCYKS
DQALHSFSEAKKLCSKHDHSATIVSIKDEDENKFVSRLMRENNNITMRVWLGLSQHSVDQSWSWLDGSEVTFVKWENKSK
SGVGRCSMLIASNETWKKVECEHGFGRVVCKVPLGPDYTAIAIIVATLSILVLMGGLIWFLFQRHRLHLAGFSSVRYAQG
VNEDEIMLPSFHD
;
_entity_poly.pdbx_strand_id   A
#
# COMPACT_ATOMS: atom_id res chain seq x y z
N ARG A 1 -4.12 -24.27 -1.55
CA ARG A 1 -5.04 -23.58 -2.46
C ARG A 1 -6.07 -22.76 -1.68
N ALA A 2 -6.92 -22.05 -2.40
CA ALA A 2 -7.94 -21.20 -1.77
C ALA A 2 -9.03 -20.92 -2.79
N ALA A 3 -10.27 -21.23 -2.45
CA ALA A 3 -11.40 -20.99 -3.34
C ALA A 3 -12.67 -20.96 -2.52
N ASN A 4 -13.67 -20.28 -3.06
CA ASN A 4 -14.98 -20.16 -2.42
C ASN A 4 -15.85 -21.35 -2.83
N ASP A 5 -16.41 -22.04 -1.84
CA ASP A 5 -17.24 -23.20 -2.09
C ASP A 5 -18.70 -22.85 -1.87
N PRO A 6 -19.60 -23.25 -2.77
CA PRO A 6 -21.02 -22.99 -2.55
C PRO A 6 -21.53 -23.75 -1.32
N PHE A 7 -22.36 -23.07 -0.54
CA PHE A 7 -22.83 -23.59 0.73
C PHE A 7 -24.35 -23.47 0.80
N THR A 8 -24.91 -23.93 1.92
CA THR A 8 -26.33 -23.81 2.20
C THR A 8 -26.50 -23.17 3.58
N ILE A 9 -27.65 -22.52 3.78
CA ILE A 9 -27.97 -21.86 5.04
C ILE A 9 -28.83 -22.79 5.88
N VAL A 10 -28.49 -22.94 7.15
CA VAL A 10 -29.22 -23.81 8.06
C VAL A 10 -29.56 -23.01 9.32
N HIS A 11 -30.78 -23.19 9.81
CA HIS A 11 -31.19 -22.51 11.04
C HIS A 11 -30.78 -23.30 12.26
N GLY A 12 -30.55 -22.59 13.36
CA GLY A 12 -30.07 -23.19 14.58
C GLY A 12 -31.16 -23.60 15.56
N ASN A 13 -32.08 -22.67 15.86
CA ASN A 13 -33.17 -22.99 16.76
C ASN A 13 -34.04 -24.10 16.20
N THR A 14 -34.46 -23.98 14.94
CA THR A 14 -35.11 -25.05 14.22
C THR A 14 -34.11 -25.67 13.27
N GLY A 15 -33.73 -26.93 13.53
CA GLY A 15 -32.66 -27.56 12.79
C GLY A 15 -33.01 -27.99 11.39
N LYS A 16 -33.46 -27.06 10.55
CA LYS A 16 -33.78 -27.36 9.16
C LYS A 16 -33.12 -26.32 8.26
N CYS A 17 -33.55 -26.28 7.01
CA CYS A 17 -32.83 -25.70 5.88
C CYS A 17 -33.54 -24.44 5.39
N ILE A 18 -33.03 -23.88 4.29
CA ILE A 18 -33.59 -22.68 3.68
C ILE A 18 -33.97 -22.99 2.23
N LYS A 19 -34.89 -22.21 1.68
CA LYS A 19 -35.37 -22.42 0.32
C LYS A 19 -35.90 -21.14 -0.30
N PRO A 20 -35.13 -20.49 -1.18
CA PRO A 20 -35.65 -19.31 -1.88
C PRO A 20 -36.30 -19.64 -3.22
N VAL A 21 -37.48 -19.06 -3.43
CA VAL A 21 -38.21 -19.21 -4.68
C VAL A 21 -38.62 -17.81 -5.13
N TYR A 22 -39.40 -17.71 -6.21
CA TYR A 22 -39.65 -16.42 -6.85
C TYR A 22 -40.22 -15.39 -5.87
N GLY A 23 -41.10 -15.82 -4.97
CA GLY A 23 -41.79 -14.85 -4.12
C GLY A 23 -41.11 -14.57 -2.80
N TRP A 24 -40.85 -15.60 -2.01
CA TRP A 24 -40.29 -15.45 -0.67
C TRP A 24 -39.61 -16.75 -0.28
N ILE A 25 -39.30 -16.90 0.99
CA ILE A 25 -38.74 -18.13 1.53
C ILE A 25 -39.89 -19.10 1.79
N VAL A 26 -39.69 -20.36 1.42
CA VAL A 26 -40.73 -21.37 1.53
C VAL A 26 -40.16 -22.54 2.35
N ALA A 27 -40.95 -23.60 2.52
CA ALA A 27 -40.49 -24.78 3.25
C ALA A 27 -39.16 -25.28 2.67
N ASP A 28 -38.31 -25.77 3.57
CA ASP A 28 -36.93 -26.10 3.22
C ASP A 28 -36.84 -27.20 2.17
N ASP A 29 -37.28 -28.41 2.53
CA ASP A 29 -37.28 -29.56 1.62
C ASP A 29 -35.91 -29.79 0.98
N CYS A 30 -34.84 -29.40 1.67
CA CYS A 30 -33.49 -29.54 1.13
C CYS A 30 -32.93 -30.89 1.58
N ASP A 31 -31.60 -31.04 1.50
CA ASP A 31 -30.82 -32.28 1.53
C ASP A 31 -30.84 -32.91 0.14
N GLU A 32 -31.49 -32.29 -0.83
CA GLU A 32 -31.33 -32.59 -2.26
C GLU A 32 -31.02 -31.23 -2.89
N THR A 33 -29.74 -30.86 -2.87
CA THR A 33 -29.29 -29.51 -3.18
C THR A 33 -29.18 -29.24 -4.68
N GLU A 34 -29.81 -30.07 -5.51
CA GLU A 34 -29.80 -29.82 -6.95
C GLU A 34 -30.68 -28.63 -7.35
N ASP A 35 -31.29 -27.94 -6.38
CA ASP A 35 -32.12 -26.79 -6.68
C ASP A 35 -31.81 -25.59 -5.80
N LYS A 36 -30.71 -25.60 -5.04
CA LYS A 36 -30.36 -24.48 -4.19
C LYS A 36 -28.86 -24.50 -3.90
N LEU A 37 -28.24 -23.34 -3.96
CA LEU A 37 -26.82 -23.18 -3.64
C LEU A 37 -26.56 -21.70 -3.39
N TRP A 38 -25.92 -21.39 -2.27
CA TRP A 38 -25.62 -20.01 -1.90
C TRP A 38 -24.11 -19.79 -1.89
N LYS A 39 -23.70 -18.58 -2.27
CA LYS A 39 -22.29 -18.24 -2.30
C LYS A 39 -22.10 -16.77 -2.00
N TRP A 40 -21.06 -16.45 -1.24
CA TRP A 40 -20.72 -15.05 -0.97
C TRP A 40 -20.12 -14.42 -2.22
N VAL A 41 -20.50 -13.17 -2.48
CA VAL A 41 -19.97 -12.39 -3.59
C VAL A 41 -19.53 -11.03 -3.06
N SER A 42 -19.12 -10.16 -3.99
CA SER A 42 -18.63 -8.84 -3.62
C SER A 42 -19.73 -8.01 -2.97
N GLN A 43 -19.29 -6.95 -2.27
CA GLN A 43 -20.20 -6.02 -1.57
C GLN A 43 -20.99 -6.73 -0.47
N HIS A 44 -20.42 -7.80 0.08
CA HIS A 44 -21.01 -8.54 1.20
C HIS A 44 -22.42 -9.02 0.86
N ARG A 45 -22.57 -9.60 -0.32
CA ARG A 45 -23.85 -10.06 -0.81
C ARG A 45 -23.89 -11.58 -0.92
N LEU A 46 -25.09 -12.12 -0.89
CA LEU A 46 -25.33 -13.55 -1.08
C LEU A 46 -25.94 -13.76 -2.45
N PHE A 47 -25.45 -14.79 -3.15
CA PHE A 47 -25.85 -15.08 -4.51
C PHE A 47 -26.34 -16.52 -4.59
N HIS A 48 -27.52 -16.71 -5.18
CA HIS A 48 -28.10 -18.03 -5.37
C HIS A 48 -27.73 -18.55 -6.75
N LEU A 49 -27.10 -19.72 -6.79
CA LEU A 49 -26.63 -20.26 -8.07
C LEU A 49 -27.76 -20.74 -8.97
N HIS A 50 -28.96 -20.92 -8.43
CA HIS A 50 -30.09 -21.39 -9.22
C HIS A 50 -30.89 -20.24 -9.82
N SER A 51 -31.41 -19.35 -8.97
CA SER A 51 -32.23 -18.24 -9.45
C SER A 51 -31.40 -17.10 -10.03
N GLN A 52 -30.09 -17.09 -9.78
CA GLN A 52 -29.20 -16.02 -10.26
C GLN A 52 -29.68 -14.65 -9.79
N LYS A 53 -30.11 -14.58 -8.53
CA LYS A 53 -30.56 -13.33 -7.93
C LYS A 53 -29.97 -13.23 -6.53
N CYS A 54 -29.82 -11.99 -6.06
CA CYS A 54 -29.21 -11.73 -4.77
C CYS A 54 -30.26 -11.40 -3.74
N LEU A 55 -30.10 -11.94 -2.54
CA LEU A 55 -31.06 -11.74 -1.47
C LEU A 55 -30.98 -10.30 -0.94
N GLY A 56 -32.13 -9.80 -0.48
CA GLY A 56 -32.15 -8.47 0.10
C GLY A 56 -33.50 -8.16 0.69
N LEU A 57 -33.65 -6.91 1.10
CA LEU A 57 -34.90 -6.44 1.70
C LEU A 57 -35.67 -5.55 0.73
N ASN A 64 -40.83 -4.23 5.36
CA ASN A 64 -39.52 -4.85 5.20
C ASN A 64 -39.66 -6.34 4.85
N GLU A 65 -39.97 -6.62 3.59
CA GLU A 65 -40.14 -7.98 3.11
C GLU A 65 -38.85 -8.43 2.42
N LEU A 66 -38.33 -9.58 2.85
CA LEU A 66 -37.10 -10.12 2.28
C LEU A 66 -37.41 -10.88 1.00
N ARG A 67 -36.70 -10.56 -0.07
CA ARG A 67 -36.92 -11.19 -1.37
C ARG A 67 -35.62 -11.20 -2.16
N MET A 68 -35.63 -11.91 -3.28
CA MET A 68 -34.48 -12.02 -4.16
C MET A 68 -34.61 -11.00 -5.28
N PHE A 69 -33.75 -9.98 -5.27
CA PHE A 69 -33.72 -8.98 -6.32
C PHE A 69 -32.45 -9.12 -7.14
N SER A 70 -32.48 -8.64 -8.38
CA SER A 70 -31.27 -8.56 -9.18
C SER A 70 -30.32 -7.55 -8.54
N CYS A 71 -29.12 -8.01 -8.18
CA CYS A 71 -28.22 -7.19 -7.37
C CYS A 71 -27.50 -6.11 -8.17
N ASP A 72 -28.01 -5.76 -9.35
CA ASP A 72 -27.59 -4.54 -10.03
C ASP A 72 -28.43 -3.34 -9.57
N SER A 73 -28.55 -3.20 -8.26
CA SER A 73 -29.39 -2.16 -7.67
C SER A 73 -28.86 -1.82 -6.29
N SER A 74 -29.25 -0.65 -5.79
CA SER A 74 -28.90 -0.21 -4.45
C SER A 74 -30.17 -0.23 -3.60
N ALA A 75 -30.46 -1.40 -3.01
CA ALA A 75 -31.63 -1.60 -2.17
C ALA A 75 -31.23 -2.24 -0.86
N MET A 76 -30.14 -1.75 -0.26
CA MET A 76 -29.57 -2.32 0.98
C MET A 76 -29.27 -3.80 0.80
N LEU A 77 -28.64 -4.13 -0.33
CA LEU A 77 -28.27 -5.51 -0.66
C LEU A 77 -26.87 -5.79 -0.10
N TRP A 78 -26.82 -6.02 1.21
CA TRP A 78 -25.56 -6.32 1.87
C TRP A 78 -25.85 -6.84 3.27
N TRP A 79 -25.03 -7.78 3.72
CA TRP A 79 -25.15 -8.38 5.05
C TRP A 79 -23.81 -8.32 5.75
N LYS A 80 -23.84 -8.51 7.07
CA LYS A 80 -22.63 -8.40 7.87
C LYS A 80 -22.43 -9.63 8.74
N CYS A 81 -21.35 -9.64 9.53
CA CYS A 81 -20.95 -10.79 10.34
C CYS A 81 -21.13 -10.45 11.81
N GLU A 82 -22.21 -10.96 12.40
CA GLU A 82 -22.47 -10.80 13.82
C GLU A 82 -21.80 -11.96 14.58
N HIS A 83 -22.17 -12.13 15.85
CA HIS A 83 -21.64 -13.24 16.64
C HIS A 83 -21.90 -14.57 15.94
N HIS A 84 -23.18 -14.90 15.71
CA HIS A 84 -23.53 -16.08 14.93
C HIS A 84 -24.72 -15.83 14.02
N SER A 85 -25.18 -14.59 13.88
CA SER A 85 -26.32 -14.23 13.04
C SER A 85 -25.87 -13.22 11.99
N LEU A 86 -26.84 -12.68 11.26
CA LEU A 86 -26.59 -11.69 10.22
C LEU A 86 -27.47 -10.47 10.45
N TYR A 87 -26.89 -9.28 10.35
CA TYR A 87 -27.61 -8.03 10.48
C TYR A 87 -27.41 -7.18 9.23
N GLY A 88 -28.44 -6.42 8.88
CA GLY A 88 -28.47 -5.71 7.61
C GLY A 88 -27.88 -4.31 7.63
N ALA A 89 -28.69 -3.33 7.21
CA ALA A 89 -28.17 -1.97 7.03
C ALA A 89 -27.91 -1.27 8.35
N ALA A 90 -28.96 -1.08 9.14
CA ALA A 90 -28.88 -0.33 10.40
C ALA A 90 -29.50 -1.15 11.52
N ARG A 91 -28.69 -1.98 12.16
CA ARG A 91 -29.12 -2.79 13.31
C ARG A 91 -30.33 -3.66 12.97
N TYR A 92 -30.32 -4.22 11.76
CA TYR A 92 -31.40 -5.10 11.33
C TYR A 92 -31.07 -6.54 11.73
N ARG A 93 -31.81 -7.50 11.20
CA ARG A 93 -31.56 -8.91 11.49
C ARG A 93 -32.25 -9.75 10.43
N LEU A 94 -31.90 -11.04 10.41
CA LEU A 94 -32.46 -12.00 9.47
C LEU A 94 -33.10 -13.14 10.25
N ALA A 95 -34.39 -13.35 10.03
CA ALA A 95 -35.12 -14.41 10.71
C ALA A 95 -36.20 -14.96 9.79
N LEU A 96 -36.69 -16.15 10.12
CA LEU A 96 -37.81 -16.77 9.41
C LEU A 96 -38.91 -17.10 10.40
N LYS A 97 -40.14 -17.12 9.91
CA LYS A 97 -41.31 -17.40 10.74
C LYS A 97 -42.25 -18.32 9.98
N ASP A 98 -42.43 -19.53 10.50
CA ASP A 98 -43.31 -20.53 9.89
C ASP A 98 -42.92 -20.84 8.44
N GLY A 99 -41.61 -20.80 8.16
CA GLY A 99 -41.13 -21.09 6.82
C GLY A 99 -40.74 -19.86 6.04
N HIS A 100 -41.53 -18.79 6.18
CA HIS A 100 -41.26 -17.55 5.47
C HIS A 100 -40.26 -16.70 6.24
N GLY A 101 -39.33 -16.10 5.50
CA GLY A 101 -38.26 -15.29 6.09
C GLY A 101 -38.61 -13.82 6.06
N THR A 102 -38.43 -13.17 7.20
CA THR A 102 -38.71 -11.74 7.33
C THR A 102 -37.82 -11.18 8.44
N ALA A 103 -37.34 -9.96 8.23
CA ALA A 103 -36.44 -9.34 9.20
C ALA A 103 -37.12 -9.16 10.55
N ILE A 104 -36.32 -9.20 11.60
CA ILE A 104 -36.82 -9.06 12.97
C ILE A 104 -36.17 -7.91 13.72
N SER A 105 -34.96 -7.49 13.34
CA SER A 105 -34.22 -6.39 13.97
C SER A 105 -33.87 -6.68 15.42
N ASN A 106 -33.82 -7.94 15.81
CA ASN A 106 -33.43 -8.33 17.16
C ASN A 106 -33.03 -9.80 17.21
N ASP A 109 -31.57 -15.56 17.29
CA ASP A 109 -31.53 -16.31 16.05
C ASP A 109 -30.10 -16.51 15.58
N VAL A 110 -29.80 -17.69 15.03
CA VAL A 110 -28.48 -18.00 14.52
C VAL A 110 -28.64 -18.70 13.18
N TRP A 111 -27.64 -18.52 12.31
CA TRP A 111 -27.61 -19.14 11.00
C TRP A 111 -26.23 -19.72 10.74
N LYS A 112 -26.20 -21.02 10.41
CA LYS A 112 -24.95 -21.75 10.23
C LYS A 112 -24.90 -22.30 8.81
N LYS A 113 -23.79 -22.97 8.49
CA LYS A 113 -23.60 -23.58 7.19
C LYS A 113 -24.33 -24.92 7.12
N GLY A 114 -24.31 -25.51 5.93
CA GLY A 114 -24.87 -26.84 5.74
C GLY A 114 -23.82 -27.92 5.90
N GLY A 115 -23.95 -28.75 6.93
CA GLY A 115 -22.95 -29.75 7.20
C GLY A 115 -21.76 -29.27 7.99
N SER A 116 -21.86 -28.10 8.63
CA SER A 116 -20.76 -27.55 9.41
C SER A 116 -21.35 -26.72 10.54
N GLU A 117 -20.47 -26.20 11.40
CA GLU A 117 -20.86 -25.39 12.56
C GLU A 117 -20.04 -24.11 12.56
N GLU A 118 -20.48 -23.13 11.76
CA GLU A 118 -19.91 -21.80 11.76
C GLU A 118 -20.92 -20.85 11.11
N SER A 119 -20.70 -19.55 11.32
CA SER A 119 -21.70 -18.53 11.05
C SER A 119 -21.62 -17.97 9.64
N LEU A 120 -21.18 -18.78 8.68
CA LEU A 120 -20.97 -18.37 7.29
C LEU A 120 -19.89 -17.31 7.15
N CYS A 121 -19.05 -17.14 8.16
CA CYS A 121 -18.15 -16.01 8.23
C CYS A 121 -16.73 -16.38 8.66
N ASP A 122 -16.50 -17.59 9.17
CA ASP A 122 -15.19 -17.99 9.65
C ASP A 122 -14.17 -18.16 8.54
N GLN A 123 -14.60 -18.61 7.35
CA GLN A 123 -13.70 -18.76 6.22
C GLN A 123 -13.60 -17.45 5.47
N PRO A 124 -12.42 -16.84 5.38
CA PRO A 124 -12.31 -15.55 4.68
C PRO A 124 -12.62 -15.68 3.20
N TYR A 125 -13.05 -14.58 2.61
CA TYR A 125 -13.37 -14.55 1.18
C TYR A 125 -12.07 -14.63 0.37
N HIS A 126 -11.89 -15.75 -0.34
CA HIS A 126 -10.69 -15.99 -1.13
C HIS A 126 -10.99 -15.60 -2.58
N GLU A 127 -10.57 -14.41 -2.96
CA GLU A 127 -10.76 -13.94 -4.32
C GLU A 127 -9.65 -14.48 -5.22
N ILE A 128 -9.95 -14.56 -6.51
CA ILE A 128 -9.01 -15.07 -7.49
C ILE A 128 -8.50 -13.91 -8.34
N TYR A 129 -7.27 -14.04 -8.82
CA TYR A 129 -6.65 -13.03 -9.65
C TYR A 129 -6.65 -13.47 -11.11
N THR A 130 -6.33 -12.52 -11.99
CA THR A 130 -6.31 -12.76 -13.43
C THR A 130 -4.87 -12.69 -13.94
N ARG A 131 -4.65 -13.29 -15.11
CA ARG A 131 -3.29 -13.41 -15.64
C ARG A 131 -2.93 -12.25 -16.57
N ASP A 132 -3.67 -12.09 -17.67
CA ASP A 132 -3.36 -11.04 -18.62
C ASP A 132 -4.63 -10.52 -19.26
N GLY A 133 -4.56 -9.30 -19.77
CA GLY A 133 -5.72 -8.67 -20.39
C GLY A 133 -5.60 -7.16 -20.34
N ASN A 134 -6.76 -6.51 -20.41
CA ASN A 134 -6.83 -5.06 -20.26
C ASN A 134 -6.99 -4.64 -18.80
N SER A 135 -6.72 -5.53 -17.87
CA SER A 135 -6.85 -5.24 -16.45
C SER A 135 -5.54 -5.30 -15.68
N TYR A 136 -4.50 -5.90 -16.25
CA TYR A 136 -3.19 -6.00 -15.61
C TYR A 136 -3.26 -6.77 -14.30
N GLY A 137 -3.97 -7.90 -14.33
CA GLY A 137 -3.97 -8.82 -13.22
C GLY A 137 -4.84 -8.44 -12.04
N ARG A 138 -5.83 -7.58 -12.24
CA ARG A 138 -6.71 -7.22 -11.15
C ARG A 138 -7.64 -8.38 -10.80
N PRO A 139 -8.03 -8.50 -9.53
CA PRO A 139 -8.86 -9.64 -9.12
C PRO A 139 -10.24 -9.59 -9.75
N CYS A 140 -10.88 -10.76 -9.83
CA CYS A 140 -12.21 -10.85 -10.41
C CYS A 140 -13.23 -10.13 -9.55
N GLU A 141 -14.36 -9.80 -10.16
CA GLU A 141 -15.49 -9.16 -9.47
C GLU A 141 -16.76 -9.90 -9.87
N PHE A 142 -17.19 -10.83 -9.00
CA PHE A 142 -18.39 -11.61 -9.27
C PHE A 142 -19.58 -11.04 -8.49
N PRO A 143 -20.79 -11.05 -9.08
CA PRO A 143 -21.08 -11.55 -10.42
C PRO A 143 -20.96 -10.47 -11.49
N PHE A 144 -21.05 -10.85 -12.76
CA PHE A 144 -21.04 -9.88 -13.84
C PHE A 144 -22.13 -10.24 -14.84
N LEU A 145 -22.68 -9.22 -15.49
CA LEU A 145 -23.83 -9.37 -16.38
C LEU A 145 -23.36 -9.44 -17.82
N ILE A 146 -23.68 -10.53 -18.49
CA ILE A 146 -23.36 -10.73 -19.90
C ILE A 146 -24.51 -11.49 -20.56
N ASP A 147 -25.02 -10.94 -21.66
CA ASP A 147 -26.13 -11.55 -22.40
C ASP A 147 -27.35 -11.72 -21.49
N GLY A 148 -27.56 -10.74 -20.60
CA GLY A 148 -28.65 -10.80 -19.66
C GLY A 148 -28.53 -11.86 -18.59
N THR A 149 -27.39 -12.54 -18.50
CA THR A 149 -27.17 -13.58 -17.51
C THR A 149 -26.09 -13.14 -16.53
N TRP A 150 -26.30 -13.47 -15.26
CA TRP A 150 -25.34 -13.14 -14.21
C TRP A 150 -24.41 -14.32 -13.98
N HIS A 151 -23.13 -14.12 -14.24
CA HIS A 151 -22.11 -15.14 -14.06
C HIS A 151 -21.36 -14.90 -12.75
N HIS A 152 -21.18 -15.97 -11.99
CA HIS A 152 -20.51 -15.91 -10.69
C HIS A 152 -19.14 -16.54 -10.68
N ASP A 153 -18.71 -17.16 -11.77
CA ASP A 153 -17.40 -17.79 -11.86
C ASP A 153 -16.81 -17.50 -13.24
N CYS A 154 -15.61 -18.01 -13.48
CA CYS A 154 -14.95 -17.80 -14.76
C CYS A 154 -15.62 -18.62 -15.84
N ILE A 155 -15.84 -18.01 -17.00
CA ILE A 155 -16.51 -18.66 -18.11
C ILE A 155 -15.47 -19.10 -19.13
N LEU A 156 -15.87 -20.01 -20.01
CA LEU A 156 -15.00 -20.54 -21.05
C LEU A 156 -15.76 -20.53 -22.37
N ASP A 157 -15.38 -19.62 -23.27
CA ASP A 157 -15.99 -19.51 -24.59
C ASP A 157 -14.91 -19.66 -25.66
N GLU A 158 -15.36 -19.96 -26.88
CA GLU A 158 -14.45 -20.18 -28.00
C GLU A 158 -13.88 -18.88 -28.55
N ASP A 159 -14.24 -17.73 -27.99
CA ASP A 159 -13.73 -16.46 -28.49
C ASP A 159 -12.41 -16.08 -27.82
N HIS A 160 -12.39 -16.02 -26.49
CA HIS A 160 -11.21 -15.61 -25.76
C HIS A 160 -10.22 -16.77 -25.66
N SER A 161 -9.18 -16.61 -24.85
CA SER A 161 -8.14 -17.63 -24.75
C SER A 161 -8.60 -18.81 -23.89
N GLY A 162 -8.94 -18.55 -22.63
CA GLY A 162 -9.37 -19.59 -21.73
C GLY A 162 -10.40 -19.09 -20.73
N PRO A 163 -10.23 -19.48 -19.46
CA PRO A 163 -11.15 -19.00 -18.42
C PRO A 163 -10.96 -17.53 -18.12
N TRP A 164 -11.92 -16.69 -18.49
CA TRP A 164 -11.81 -15.25 -18.34
C TRP A 164 -13.00 -14.72 -17.53
N CYS A 165 -12.73 -13.71 -16.71
CA CYS A 165 -13.74 -13.07 -15.89
C CYS A 165 -13.70 -11.57 -16.11
N ALA A 166 -14.68 -10.89 -15.50
CA ALA A 166 -14.71 -9.44 -15.48
C ALA A 166 -14.10 -8.94 -14.17
N THR A 167 -13.37 -7.84 -14.25
CA THR A 167 -12.55 -7.38 -13.13
C THR A 167 -13.13 -6.15 -12.43
N THR A 168 -14.24 -5.60 -12.91
CA THR A 168 -14.87 -4.44 -12.28
C THR A 168 -16.34 -4.75 -12.03
N LEU A 169 -17.03 -3.80 -11.39
CA LEU A 169 -18.43 -3.99 -11.07
C LEU A 169 -19.29 -4.04 -12.33
N ASN A 170 -19.26 -2.97 -13.13
CA ASN A 170 -20.05 -2.89 -14.35
C ASN A 170 -19.13 -3.23 -15.52
N TYR A 171 -19.32 -4.43 -16.07
CA TYR A 171 -18.49 -4.88 -17.19
C TYR A 171 -18.94 -4.24 -18.51
N GLU A 172 -20.22 -3.91 -18.64
CA GLU A 172 -20.73 -3.38 -19.90
C GLU A 172 -20.20 -1.97 -20.16
N TYR A 173 -20.07 -1.16 -19.12
CA TYR A 173 -19.63 0.23 -19.28
C TYR A 173 -18.12 0.39 -19.18
N ASP A 174 -17.40 -0.65 -18.76
CA ASP A 174 -15.95 -0.59 -18.66
C ASP A 174 -15.24 -1.49 -19.66
N ARG A 175 -15.78 -2.68 -19.92
CA ARG A 175 -15.21 -3.63 -20.88
C ARG A 175 -13.77 -4.00 -20.51
N LYS A 176 -13.57 -4.30 -19.24
CA LYS A 176 -12.28 -4.73 -18.72
C LYS A 176 -12.40 -6.16 -18.23
N TRP A 177 -11.61 -7.06 -18.81
CA TRP A 177 -11.68 -8.48 -18.50
C TRP A 177 -10.28 -9.01 -18.19
N GLY A 178 -10.21 -10.30 -17.89
CA GLY A 178 -8.93 -10.93 -17.61
C GLY A 178 -9.00 -12.44 -17.54
N ILE A 179 -8.00 -13.12 -18.10
CA ILE A 179 -7.94 -14.57 -18.05
C ILE A 179 -7.71 -15.01 -16.61
N CYS A 180 -8.58 -15.88 -16.10
CA CYS A 180 -8.53 -16.29 -14.71
C CYS A 180 -7.27 -17.12 -14.44
N LEU A 181 -7.01 -17.35 -13.15
CA LEU A 181 -5.90 -18.17 -12.69
C LEU A 181 -6.45 -19.17 -11.68
N LYS A 182 -6.93 -20.30 -12.17
CA LYS A 182 -7.50 -21.33 -11.33
C LYS A 182 -6.47 -22.41 -11.00
N PRO A 183 -6.56 -23.03 -9.84
CA PRO A 183 -5.62 -24.11 -9.50
C PRO A 183 -5.78 -25.29 -10.44
N GLU A 184 -4.67 -25.68 -11.06
CA GLU A 184 -4.65 -26.79 -12.01
C GLU A 184 -4.00 -28.01 -11.38
N ASN A 185 -4.39 -29.19 -11.87
CA ASN A 185 -3.83 -30.42 -11.34
C ASN A 185 -2.39 -30.62 -11.80
N GLY A 186 -2.11 -30.34 -13.07
CA GLY A 186 -0.77 -30.46 -13.61
C GLY A 186 -0.28 -29.15 -14.21
N CYS A 187 0.98 -29.16 -14.63
CA CYS A 187 1.61 -28.00 -15.24
C CYS A 187 1.57 -28.03 -16.75
N GLU A 188 0.53 -28.62 -17.34
CA GLU A 188 0.40 -28.70 -18.80
C GLU A 188 -0.19 -27.42 -19.39
N ASP A 189 -1.37 -27.02 -18.92
CA ASP A 189 -2.03 -25.82 -19.43
C ASP A 189 -1.54 -24.60 -18.67
N ASN A 190 -1.48 -23.47 -19.38
CA ASN A 190 -1.01 -22.17 -18.88
C ASN A 190 0.16 -22.29 -17.92
N TRP A 191 1.08 -23.21 -18.20
CA TRP A 191 2.27 -23.41 -17.39
C TRP A 191 3.40 -23.87 -18.32
N GLU A 192 4.52 -24.27 -17.72
CA GLU A 192 5.64 -24.85 -18.45
C GLU A 192 6.14 -26.04 -17.65
N LYS A 193 5.75 -27.25 -18.05
CA LYS A 193 5.87 -28.44 -17.22
C LYS A 193 7.33 -28.83 -16.94
N ASN A 194 8.28 -28.06 -17.46
CA ASN A 194 9.69 -28.30 -17.19
C ASN A 194 10.41 -26.97 -17.04
N GLU A 195 11.46 -26.98 -16.23
CA GLU A 195 12.26 -25.79 -15.96
C GLU A 195 13.68 -26.25 -15.64
N GLN A 196 14.47 -25.36 -15.04
CA GLN A 196 15.86 -25.63 -14.70
C GLN A 196 16.07 -25.32 -13.21
N PHE A 197 15.85 -26.31 -12.35
CA PHE A 197 15.40 -27.64 -12.76
C PHE A 197 14.48 -28.25 -11.70
N GLY A 198 13.51 -29.04 -12.13
CA GLY A 198 12.63 -29.71 -11.20
C GLY A 198 11.45 -28.89 -10.73
N SER A 199 10.83 -28.11 -11.63
CA SER A 199 9.69 -27.28 -11.28
C SER A 199 8.99 -26.88 -12.57
N CYS A 200 7.86 -26.19 -12.42
CA CYS A 200 7.11 -25.67 -13.55
C CYS A 200 6.81 -24.19 -13.30
N TYR A 201 7.06 -23.37 -14.32
CA TYR A 201 7.00 -21.93 -14.18
C TYR A 201 5.76 -21.37 -14.87
N GLN A 202 5.35 -20.18 -14.41
CA GLN A 202 4.27 -19.42 -15.03
C GLN A 202 4.70 -17.96 -15.05
N PHE A 203 5.11 -17.48 -16.21
CA PHE A 203 5.55 -16.10 -16.40
C PHE A 203 4.35 -15.29 -16.87
N ASN A 204 3.72 -14.55 -15.96
CA ASN A 204 2.60 -13.69 -16.29
C ASN A 204 3.09 -12.24 -16.29
N THR A 205 3.28 -11.69 -17.49
CA THR A 205 3.70 -10.31 -17.65
C THR A 205 2.47 -9.40 -17.71
N GLN A 206 2.74 -8.09 -17.62
CA GLN A 206 1.70 -7.08 -17.63
C GLN A 206 0.69 -7.31 -16.49
N THR A 207 1.20 -7.21 -15.26
CA THR A 207 0.37 -7.37 -14.06
C THR A 207 0.94 -6.47 -12.96
N ALA A 208 0.32 -5.30 -12.79
CA ALA A 208 0.75 -4.33 -11.79
C ALA A 208 0.17 -4.73 -10.45
N LEU A 209 0.87 -5.63 -9.75
CA LEU A 209 0.42 -6.14 -8.46
C LEU A 209 1.51 -5.93 -7.42
N SER A 210 1.07 -5.69 -6.19
CA SER A 210 2.01 -5.53 -5.08
C SER A 210 2.61 -6.88 -4.71
N TRP A 211 3.56 -6.85 -3.78
CA TRP A 211 4.23 -8.08 -3.37
C TRP A 211 3.25 -9.04 -2.69
N LYS A 212 2.45 -8.53 -1.75
CA LYS A 212 1.50 -9.40 -1.06
C LYS A 212 0.41 -9.89 -2.01
N GLU A 213 -0.03 -9.04 -2.94
CA GLU A 213 -1.02 -9.47 -3.91
C GLU A 213 -0.46 -10.53 -4.85
N ALA A 214 0.79 -10.36 -5.28
CA ALA A 214 1.43 -11.36 -6.13
C ALA A 214 1.61 -12.67 -5.37
N TYR A 215 1.98 -12.59 -4.09
CA TYR A 215 2.14 -13.80 -3.29
C TYR A 215 0.81 -14.52 -3.12
N VAL A 216 -0.26 -13.78 -2.86
CA VAL A 216 -1.58 -14.39 -2.73
C VAL A 216 -2.00 -15.03 -4.05
N SER A 217 -1.71 -14.36 -5.17
CA SER A 217 -2.06 -14.91 -6.48
C SER A 217 -1.30 -16.19 -6.77
N CYS A 218 0.00 -16.23 -6.46
CA CYS A 218 0.76 -17.45 -6.69
C CYS A 218 0.38 -18.55 -5.69
N GLN A 219 -0.10 -18.18 -4.51
CA GLN A 219 -0.44 -19.17 -3.50
C GLN A 219 -1.82 -19.78 -3.72
N ASN A 220 -2.76 -19.01 -4.27
CA ASN A 220 -4.09 -19.55 -4.53
C ASN A 220 -4.04 -20.68 -5.55
N GLN A 221 -3.04 -20.68 -6.42
CA GLN A 221 -2.83 -21.76 -7.38
C GLN A 221 -2.05 -22.92 -6.81
N GLY A 222 -1.78 -22.91 -5.50
CA GLY A 222 -0.98 -23.95 -4.87
C GLY A 222 0.51 -23.74 -4.95
N ALA A 223 0.98 -22.87 -5.83
CA ALA A 223 2.40 -22.61 -6.00
C ALA A 223 2.85 -21.50 -5.05
N ASP A 224 4.06 -20.99 -5.27
CA ASP A 224 4.57 -19.85 -4.51
C ASP A 224 5.30 -18.94 -5.49
N LEU A 225 5.97 -17.92 -4.96
CA LEU A 225 6.70 -16.99 -5.79
C LEU A 225 8.01 -17.63 -6.24
N LEU A 226 8.87 -16.85 -6.88
CA LEU A 226 10.12 -17.37 -7.43
C LEU A 226 11.06 -17.81 -6.30
N SER A 227 12.04 -18.62 -6.67
CA SER A 227 13.04 -19.08 -5.70
C SER A 227 14.30 -19.45 -6.49
N ILE A 228 15.36 -18.67 -6.32
CA ILE A 228 16.63 -18.90 -7.00
C ILE A 228 17.61 -19.47 -5.99
N ASN A 229 18.07 -20.70 -6.24
CA ASN A 229 19.02 -21.36 -5.36
C ASN A 229 20.36 -21.66 -6.01
N SER A 230 20.46 -21.57 -7.33
CA SER A 230 21.71 -21.85 -8.02
C SER A 230 21.83 -20.92 -9.22
N ALA A 231 23.05 -20.82 -9.74
CA ALA A 231 23.29 -19.97 -10.91
C ALA A 231 22.61 -20.50 -12.16
N ALA A 232 22.28 -21.80 -12.20
CA ALA A 232 21.59 -22.35 -13.36
C ALA A 232 20.19 -21.76 -13.50
N GLU A 233 19.43 -21.70 -12.41
CA GLU A 233 18.11 -21.09 -12.45
C GLU A 233 18.20 -19.62 -12.80
N LEU A 234 19.22 -18.93 -12.30
CA LEU A 234 19.38 -17.51 -12.60
C LEU A 234 19.64 -17.28 -14.08
N THR A 235 20.58 -18.04 -14.65
CA THR A 235 20.89 -17.89 -16.08
C THR A 235 19.76 -18.42 -16.96
N TYR A 236 18.90 -19.28 -16.45
CA TYR A 236 17.72 -19.68 -17.21
C TYR A 236 16.66 -18.57 -17.19
N LEU A 237 16.49 -17.90 -16.05
CA LEU A 237 15.56 -16.78 -15.98
C LEU A 237 16.06 -15.59 -16.79
N LYS A 238 17.38 -15.44 -16.92
CA LYS A 238 17.91 -14.35 -17.73
C LYS A 238 17.62 -14.56 -19.21
N GLU A 239 17.86 -15.77 -19.70
CA GLU A 239 17.71 -16.07 -21.12
C GLU A 239 16.29 -16.45 -21.51
N LYS A 240 15.31 -16.26 -20.63
CA LYS A 240 13.93 -16.55 -20.97
C LYS A 240 13.39 -15.50 -21.93
N GLU A 241 12.60 -15.95 -22.91
CA GLU A 241 12.07 -15.04 -23.92
C GLU A 241 10.93 -14.20 -23.36
N GLY A 242 9.84 -14.85 -22.94
CA GLY A 242 8.68 -14.14 -22.43
C GLY A 242 8.75 -13.87 -20.94
N ILE A 243 9.60 -12.92 -20.54
CA ILE A 243 9.78 -12.57 -19.13
C ILE A 243 9.91 -11.06 -19.02
N ALA A 244 9.36 -10.49 -17.96
CA ALA A 244 9.45 -9.07 -17.74
C ALA A 244 10.86 -8.66 -17.35
N LYS A 245 11.19 -7.39 -17.62
CA LYS A 245 12.54 -6.91 -17.33
C LYS A 245 12.77 -6.71 -15.84
N ILE A 246 11.71 -6.39 -15.08
CA ILE A 246 11.79 -6.24 -13.63
C ILE A 246 10.55 -6.89 -13.03
N PHE A 247 10.76 -7.72 -12.01
CA PHE A 247 9.64 -8.44 -11.40
C PHE A 247 9.98 -8.76 -9.94
N TRP A 248 9.13 -9.56 -9.31
CA TRP A 248 9.30 -10.00 -7.93
C TRP A 248 9.99 -11.36 -7.89
N ILE A 249 10.57 -11.68 -6.72
CA ILE A 249 11.23 -12.96 -6.51
C ILE A 249 10.80 -13.64 -5.23
N GLY A 250 9.88 -13.06 -4.46
CA GLY A 250 9.45 -13.63 -3.21
C GLY A 250 10.39 -13.43 -2.04
N LEU A 251 11.64 -13.07 -2.30
CA LEU A 251 12.57 -12.77 -1.21
C LEU A 251 12.07 -11.56 -0.44
N ASN A 252 11.84 -11.75 0.86
CA ASN A 252 11.24 -10.70 1.67
C ASN A 252 11.66 -10.87 3.12
N GLN A 253 11.60 -9.77 3.86
CA GLN A 253 11.75 -9.77 5.32
C GLN A 253 10.57 -9.00 5.89
N LEU A 254 9.46 -9.69 6.06
CA LEU A 254 8.24 -9.08 6.61
C LEU A 254 7.99 -9.50 8.04
N TYR A 255 8.91 -10.23 8.67
CA TYR A 255 8.80 -10.59 10.06
C TYR A 255 9.27 -9.43 10.94
N SER A 256 9.35 -9.68 12.25
CA SER A 256 9.73 -8.62 13.18
C SER A 256 11.25 -8.53 13.34
N ALA A 257 11.90 -9.65 13.63
CA ALA A 257 13.33 -9.68 13.90
C ALA A 257 14.00 -10.80 13.12
N ARG A 258 13.71 -10.89 11.82
CA ARG A 258 14.33 -11.87 10.94
C ARG A 258 14.97 -11.16 9.76
N GLY A 259 16.12 -11.68 9.31
CA GLY A 259 16.93 -11.00 8.33
C GLY A 259 16.35 -10.94 6.93
N TRP A 260 16.28 -12.08 6.26
CA TRP A 260 15.75 -12.15 4.89
C TRP A 260 15.34 -13.59 4.62
N GLU A 261 14.11 -13.77 4.14
CA GLU A 261 13.56 -15.10 3.93
C GLU A 261 13.01 -15.20 2.51
N TRP A 262 12.93 -16.44 2.03
CA TRP A 262 12.25 -16.71 0.78
C TRP A 262 10.74 -16.81 1.00
N SER A 263 9.98 -16.62 -0.07
CA SER A 263 8.53 -16.79 0.00
C SER A 263 8.18 -18.23 0.39
N ASP A 264 8.63 -19.19 -0.42
CA ASP A 264 8.52 -20.59 -0.05
C ASP A 264 9.61 -20.96 0.95
N HIS A 265 9.36 -22.03 1.70
CA HIS A 265 10.27 -22.46 2.76
C HIS A 265 11.50 -23.11 2.13
N LYS A 266 12.42 -22.26 1.68
CA LYS A 266 13.68 -22.67 1.09
C LYS A 266 14.82 -21.88 1.71
N PRO A 267 16.01 -22.49 1.83
CA PRO A 267 17.13 -21.77 2.44
C PRO A 267 17.65 -20.67 1.53
N LEU A 268 18.15 -19.61 2.17
CA LEU A 268 18.70 -18.46 1.46
C LEU A 268 20.22 -18.57 1.50
N ASN A 269 20.79 -19.27 0.51
CA ASN A 269 22.23 -19.43 0.38
C ASN A 269 22.79 -18.71 -0.83
N PHE A 270 22.05 -18.64 -1.93
CA PHE A 270 22.50 -17.96 -3.14
C PHE A 270 21.99 -16.53 -3.11
N LEU A 271 22.91 -15.57 -2.97
CA LEU A 271 22.57 -14.16 -2.91
C LEU A 271 23.16 -13.43 -4.11
N ASN A 272 22.40 -12.48 -4.65
CA ASN A 272 22.81 -11.71 -5.82
C ASN A 272 22.46 -10.25 -5.64
N TRP A 273 22.76 -9.70 -4.46
CA TRP A 273 22.37 -8.33 -4.16
C TRP A 273 23.14 -7.34 -5.02
N ASP A 274 22.46 -6.25 -5.40
CA ASP A 274 23.10 -5.21 -6.18
C ASP A 274 24.13 -4.46 -5.33
N PRO A 275 25.34 -4.29 -5.84
CA PRO A 275 26.37 -3.57 -5.08
C PRO A 275 26.23 -2.06 -5.08
N ASP A 276 25.18 -1.50 -5.70
CA ASP A 276 25.00 -0.06 -5.71
C ASP A 276 24.08 0.44 -4.60
N ARG A 277 23.19 -0.41 -4.10
CA ARG A 277 22.29 -0.01 -3.04
C ARG A 277 23.04 0.13 -1.73
N PRO A 278 22.99 1.27 -1.05
CA PRO A 278 23.71 1.43 0.21
C PRO A 278 23.05 0.76 1.41
N SER A 279 21.92 0.09 1.22
CA SER A 279 21.25 -0.67 2.27
C SER A 279 20.89 0.23 3.45
N ALA A 280 19.99 1.16 3.18
CA ALA A 280 19.46 2.06 4.20
C ALA A 280 18.94 1.26 5.39
N PRO A 281 19.54 1.39 6.58
CA PRO A 281 19.19 0.50 7.70
C PRO A 281 17.76 0.64 8.18
N THR A 282 17.35 1.86 8.56
CA THR A 282 16.04 2.07 9.18
C THR A 282 15.12 2.93 8.32
N ILE A 283 15.54 4.14 7.95
CA ILE A 283 14.70 5.05 7.18
C ILE A 283 15.16 5.03 5.73
N GLY A 284 14.21 4.84 4.81
CA GLY A 284 14.51 4.73 3.41
C GLY A 284 14.70 3.32 2.90
N GLY A 285 14.93 2.36 3.80
CA GLY A 285 15.09 0.98 3.40
C GLY A 285 13.77 0.35 2.97
N SER A 286 13.83 -0.97 2.79
CA SER A 286 12.67 -1.74 2.35
C SER A 286 12.65 -3.07 3.08
N SER A 287 11.64 -3.89 2.76
CA SER A 287 11.49 -5.21 3.36
C SER A 287 11.18 -6.29 2.35
N CYS A 288 10.99 -5.96 1.08
CA CYS A 288 10.75 -6.93 0.03
C CYS A 288 11.73 -6.67 -1.11
N ALA A 289 12.06 -7.73 -1.85
CA ALA A 289 13.08 -7.68 -2.87
C ALA A 289 12.47 -7.59 -4.26
N ARG A 290 13.33 -7.36 -5.24
CA ARG A 290 12.93 -7.15 -6.62
C ARG A 290 14.08 -7.57 -7.53
N MET A 291 13.77 -8.23 -8.64
CA MET A 291 14.77 -8.77 -9.55
C MET A 291 14.72 -8.03 -10.88
N ASP A 292 15.89 -7.60 -11.36
CA ASP A 292 16.07 -7.06 -12.70
C ASP A 292 16.57 -8.16 -13.61
N ALA A 293 15.88 -8.36 -14.73
CA ALA A 293 16.16 -9.47 -15.63
C ALA A 293 17.18 -9.15 -16.71
N GLU A 294 17.41 -7.87 -17.00
CA GLU A 294 18.43 -7.52 -17.98
C GLU A 294 19.82 -7.91 -17.49
N SER A 295 20.12 -7.60 -16.23
CA SER A 295 21.35 -8.04 -15.59
C SER A 295 21.12 -9.14 -14.58
N GLY A 296 19.87 -9.45 -14.24
CA GLY A 296 19.56 -10.46 -13.26
C GLY A 296 20.11 -10.13 -11.89
N LEU A 297 19.79 -8.94 -11.39
CA LEU A 297 20.34 -8.45 -10.13
C LEU A 297 19.22 -8.16 -9.14
N TRP A 298 19.53 -8.32 -7.86
CA TRP A 298 18.54 -8.20 -6.79
C TRP A 298 18.68 -6.86 -6.10
N GLN A 299 17.54 -6.19 -5.88
CA GLN A 299 17.49 -4.93 -5.14
C GLN A 299 16.41 -5.04 -4.08
N SER A 300 16.44 -4.09 -3.14
CA SER A 300 15.46 -4.02 -2.06
C SER A 300 14.56 -2.80 -2.33
N PHE A 301 13.47 -3.02 -3.04
CA PHE A 301 12.54 -1.96 -3.41
C PHE A 301 11.32 -2.01 -2.50
N SER A 302 10.72 -0.84 -2.27
CA SER A 302 9.52 -0.74 -1.46
C SER A 302 8.39 -1.54 -2.10
N CYS A 303 8.06 -2.68 -1.51
CA CYS A 303 7.14 -3.64 -2.11
C CYS A 303 5.67 -3.24 -1.96
N GLU A 304 5.40 -1.97 -1.66
CA GLU A 304 4.07 -1.41 -1.81
C GLU A 304 3.78 -1.00 -3.25
N ALA A 305 4.73 -1.24 -4.16
CA ALA A 305 4.61 -0.83 -5.55
C ALA A 305 3.73 -1.81 -6.31
N GLN A 306 3.73 -1.70 -7.64
CA GLN A 306 2.94 -2.58 -8.52
C GLN A 306 3.85 -3.05 -9.64
N LEU A 307 4.45 -4.24 -9.45
CA LEU A 307 5.38 -4.82 -10.38
C LEU A 307 4.90 -6.21 -10.80
N PRO A 308 5.25 -6.66 -12.01
CA PRO A 308 4.88 -8.02 -12.42
C PRO A 308 5.61 -9.06 -11.58
N TYR A 309 5.17 -10.31 -11.73
CA TYR A 309 5.70 -11.40 -10.92
C TYR A 309 5.74 -12.67 -11.76
N VAL A 310 5.98 -13.79 -11.09
CA VAL A 310 6.08 -15.09 -11.75
C VAL A 310 5.83 -16.16 -10.70
N CYS A 311 5.05 -17.18 -11.08
CA CYS A 311 4.72 -18.27 -10.17
C CYS A 311 5.57 -19.50 -10.49
N ARG A 312 5.86 -20.28 -9.45
CA ARG A 312 6.68 -21.48 -9.58
C ARG A 312 6.09 -22.59 -8.74
N LYS A 313 5.75 -23.71 -9.39
CA LYS A 313 5.13 -24.83 -8.71
C LYS A 313 6.05 -26.04 -8.75
N PRO A 314 6.27 -26.70 -7.61
CA PRO A 314 7.15 -27.89 -7.62
C PRO A 314 6.54 -29.01 -8.46
N LEU A 315 7.34 -29.56 -9.36
CA LEU A 315 6.90 -30.65 -10.22
C LEU A 315 6.97 -31.96 -9.46
N ASN A 316 5.81 -32.59 -9.25
CA ASN A 316 5.70 -33.85 -8.51
C ASN A 316 6.27 -33.69 -7.11
N ASN A 317 5.63 -32.81 -6.33
CA ASN A 317 6.07 -32.54 -4.97
C ASN A 317 5.80 -33.75 -4.07
N THR A 318 6.76 -34.04 -3.20
CA THR A 318 6.67 -35.15 -2.26
C THR A 318 6.89 -34.63 -0.84
N VAL A 319 6.11 -35.17 0.10
CA VAL A 319 6.20 -34.78 1.50
C VAL A 319 7.23 -35.69 2.15
N GLU A 320 8.48 -35.26 2.14
CA GLU A 320 9.58 -36.02 2.72
C GLU A 320 9.99 -35.36 4.04
N LEU A 321 10.13 -36.18 5.08
CA LEU A 321 10.53 -35.68 6.40
C LEU A 321 11.68 -36.49 6.97
N THR A 322 12.03 -36.23 8.21
CA THR A 322 13.12 -36.94 8.87
C THR A 322 12.88 -36.94 10.38
N ASP A 323 13.73 -37.67 11.09
CA ASP A 323 13.66 -37.75 12.55
C ASP A 323 14.49 -36.62 13.16
N VAL A 324 13.99 -35.40 12.97
CA VAL A 324 14.72 -34.23 13.43
C VAL A 324 14.52 -33.98 14.91
N TRP A 325 13.46 -34.52 15.50
CA TRP A 325 13.17 -34.38 16.93
C TRP A 325 13.30 -35.75 17.57
N THR A 326 14.49 -36.08 18.04
CA THR A 326 14.73 -37.36 18.68
C THR A 326 15.36 -37.16 20.06
N TYR A 327 15.77 -38.26 20.70
CA TYR A 327 16.36 -38.21 22.02
C TYR A 327 17.47 -39.25 22.14
N SER A 328 18.62 -38.82 22.65
CA SER A 328 19.75 -39.72 22.85
C SER A 328 20.59 -39.15 23.99
N ASP A 329 20.48 -39.75 25.17
CA ASP A 329 21.24 -39.32 26.34
C ASP A 329 22.64 -39.94 26.28
N THR A 330 23.49 -39.34 25.44
CA THR A 330 24.83 -39.83 25.22
C THR A 330 25.83 -39.00 26.00
N ARG A 331 26.99 -39.61 26.27
CA ARG A 331 28.08 -38.96 26.98
C ARG A 331 29.18 -38.57 26.00
N CYS A 332 29.93 -37.53 26.36
CA CYS A 332 30.99 -37.05 25.48
C CYS A 332 32.33 -37.01 26.21
N ASP A 333 33.33 -36.39 25.60
CA ASP A 333 34.69 -36.44 26.11
C ASP A 333 34.93 -35.44 27.24
N ALA A 334 34.06 -35.46 28.26
CA ALA A 334 34.27 -34.73 29.51
C ALA A 334 34.43 -33.23 29.27
N GLY A 335 33.35 -32.60 28.80
CA GLY A 335 33.34 -31.16 28.63
C GLY A 335 32.59 -30.68 27.41
N TRP A 336 32.41 -31.54 26.43
CA TRP A 336 31.68 -31.20 25.21
C TRP A 336 30.19 -31.36 25.46
N LEU A 337 29.43 -30.30 25.19
CA LEU A 337 28.00 -30.29 25.47
C LEU A 337 27.27 -31.31 24.61
N PRO A 338 26.64 -32.34 25.19
CA PRO A 338 25.98 -33.37 24.39
C PRO A 338 24.53 -33.04 24.10
N ASN A 339 24.13 -33.25 22.84
CA ASN A 339 22.77 -33.00 22.39
C ASN A 339 22.49 -33.86 21.18
N ASN A 340 21.52 -34.77 21.30
CA ASN A 340 21.02 -35.58 20.20
C ASN A 340 22.15 -36.28 19.44
N GLY A 341 23.02 -36.95 20.20
CA GLY A 341 24.11 -37.70 19.62
C GLY A 341 25.30 -36.89 19.17
N PHE A 342 25.23 -35.57 19.22
CA PHE A 342 26.33 -34.70 18.84
C PHE A 342 26.89 -33.98 20.07
N CYS A 343 28.02 -33.31 19.87
CA CYS A 343 28.68 -32.58 20.94
C CYS A 343 29.11 -31.21 20.42
N TYR A 344 28.52 -30.16 20.97
CA TYR A 344 28.86 -28.79 20.62
C TYR A 344 29.79 -28.23 21.68
N LEU A 345 30.72 -27.38 21.25
CA LEU A 345 31.58 -26.68 22.20
C LEU A 345 32.18 -25.45 21.55
N LEU A 346 32.22 -24.36 22.30
CA LEU A 346 32.77 -23.09 21.82
C LEU A 346 34.04 -22.77 22.61
N VAL A 347 35.04 -22.25 21.91
CA VAL A 347 36.30 -21.85 22.54
C VAL A 347 36.21 -20.39 22.97
N ASN A 348 36.62 -20.11 24.21
CA ASN A 348 36.56 -18.77 24.75
C ASN A 348 37.70 -17.87 24.29
N GLU A 349 38.60 -18.38 23.44
CA GLU A 349 39.73 -17.61 22.98
C GLU A 349 39.37 -16.82 21.74
N SER A 350 39.93 -15.61 21.62
CA SER A 350 39.71 -14.79 20.43
C SER A 350 40.48 -15.37 19.25
N ASN A 351 39.81 -15.50 18.12
CA ASN A 351 40.42 -16.10 16.93
C ASN A 351 39.69 -15.58 15.69
N SER A 352 40.33 -15.79 14.54
CA SER A 352 39.73 -15.47 13.24
C SER A 352 38.81 -16.62 12.84
N TRP A 353 38.38 -16.61 11.58
CA TRP A 353 37.51 -17.69 11.09
C TRP A 353 38.33 -18.87 10.55
N ASP A 354 39.20 -18.61 9.57
CA ASP A 354 39.97 -19.71 8.97
C ASP A 354 40.95 -20.30 9.96
N LYS A 355 41.59 -19.46 10.78
CA LYS A 355 42.54 -19.97 11.75
C LYS A 355 41.86 -20.85 12.79
N ALA A 356 40.69 -20.43 13.28
CA ALA A 356 39.96 -21.24 14.26
C ALA A 356 39.40 -22.51 13.62
N HIS A 357 38.97 -22.44 12.35
CA HIS A 357 38.54 -23.63 11.63
C HIS A 357 39.66 -24.65 11.56
N ALA A 358 40.86 -24.21 11.14
CA ALA A 358 42.01 -25.12 11.10
C ALA A 358 42.41 -25.58 12.50
N LYS A 359 42.15 -24.76 13.51
CA LYS A 359 42.52 -25.12 14.88
C LYS A 359 41.65 -26.26 15.40
N CYS A 360 40.35 -26.03 15.49
CA CYS A 360 39.45 -27.04 16.03
C CYS A 360 39.03 -28.07 14.99
N LYS A 361 39.60 -28.00 13.78
CA LYS A 361 39.44 -29.07 12.79
C LYS A 361 40.43 -30.21 13.01
N ALA A 362 41.62 -29.90 13.53
CA ALA A 362 42.63 -30.94 13.76
C ALA A 362 42.16 -32.02 14.73
N PHE A 363 41.19 -31.72 15.58
CA PHE A 363 40.58 -32.73 16.44
C PHE A 363 39.63 -33.58 15.59
N SER A 364 38.86 -34.45 16.25
CA SER A 364 37.86 -35.23 15.52
C SER A 364 36.57 -34.42 15.38
N SER A 365 36.68 -33.20 14.87
CA SER A 365 35.54 -32.31 14.76
C SER A 365 35.85 -31.24 13.72
N ASP A 366 34.83 -30.46 13.38
CA ASP A 366 34.97 -29.33 12.47
C ASP A 366 33.90 -28.30 12.85
N LEU A 367 33.92 -27.16 12.16
CA LEU A 367 33.02 -26.05 12.49
C LEU A 367 31.56 -26.49 12.46
N ILE A 368 30.73 -25.76 13.22
CA ILE A 368 29.35 -26.15 13.42
C ILE A 368 28.56 -26.00 12.12
N SER A 369 27.47 -26.74 12.02
CA SER A 369 26.56 -26.67 10.88
C SER A 369 25.13 -26.83 11.39
N ILE A 370 24.25 -25.93 10.94
CA ILE A 370 22.85 -25.92 11.36
C ILE A 370 22.00 -26.33 10.18
N HIS A 371 21.26 -27.43 10.33
CA HIS A 371 20.43 -27.95 9.26
C HIS A 371 18.94 -27.75 9.47
N SER A 372 18.48 -27.71 10.72
CA SER A 372 17.07 -27.54 11.04
C SER A 372 16.94 -26.83 12.37
N LEU A 373 15.74 -26.84 12.95
CA LEU A 373 15.48 -26.08 14.17
C LEU A 373 16.08 -26.73 15.42
N ALA A 374 16.59 -27.95 15.33
CA ALA A 374 17.20 -28.58 16.50
C ALA A 374 18.52 -27.91 16.86
N ASP A 375 19.35 -27.62 15.86
CA ASP A 375 20.61 -26.94 16.11
C ASP A 375 20.37 -25.52 16.61
N VAL A 376 19.36 -24.84 16.07
CA VAL A 376 19.02 -23.51 16.56
C VAL A 376 18.52 -23.58 18.00
N GLU A 377 17.71 -24.59 18.32
CA GLU A 377 17.26 -24.79 19.69
C GLU A 377 18.43 -24.98 20.63
N VAL A 378 19.40 -25.81 20.23
CA VAL A 378 20.61 -25.99 21.03
C VAL A 378 21.30 -24.64 21.25
N VAL A 379 21.57 -23.93 20.14
CA VAL A 379 22.33 -22.68 20.21
C VAL A 379 21.64 -21.66 21.11
N VAL A 380 20.31 -21.63 21.11
CA VAL A 380 19.61 -20.61 21.89
C VAL A 380 19.50 -21.04 23.36
N THR A 381 19.06 -22.27 23.62
CA THR A 381 18.85 -22.69 25.01
C THR A 381 20.16 -22.81 25.76
N LYS A 382 21.11 -23.57 25.19
CA LYS A 382 22.43 -23.69 25.83
C LYS A 382 23.27 -22.47 25.46
N LEU A 383 24.58 -22.56 25.69
CA LEU A 383 25.54 -21.50 25.34
C LEU A 383 25.35 -20.27 26.21
N HIS A 384 25.20 -20.47 27.52
CA HIS A 384 25.22 -19.40 28.52
C HIS A 384 24.19 -18.31 28.20
N ASN A 385 22.91 -18.71 28.23
CA ASN A 385 21.79 -17.81 27.97
C ASN A 385 21.92 -17.19 26.58
N GLU A 386 21.86 -18.06 25.57
CA GLU A 386 21.93 -17.73 24.14
C GLU A 386 23.01 -16.69 23.82
N ASP A 387 24.13 -16.74 24.54
CA ASP A 387 25.27 -15.85 24.29
C ASP A 387 24.83 -14.37 24.34
N ILE A 388 24.44 -13.96 25.55
CA ILE A 388 23.89 -12.63 25.81
C ILE A 388 24.76 -11.54 25.18
N LYS A 389 26.03 -11.49 25.57
CA LYS A 389 26.98 -10.55 25.01
C LYS A 389 28.15 -11.36 24.46
N GLU A 390 28.02 -11.81 23.21
CA GLU A 390 29.03 -12.65 22.57
C GLU A 390 28.88 -12.52 21.07
N GLU A 391 29.88 -13.02 20.35
CA GLU A 391 29.81 -13.25 18.92
C GLU A 391 30.59 -14.51 18.61
N VAL A 392 29.92 -15.47 17.98
CA VAL A 392 30.45 -16.81 17.77
C VAL A 392 30.48 -17.11 16.28
N TRP A 393 31.55 -17.74 15.81
CA TRP A 393 31.65 -18.10 14.41
C TRP A 393 30.74 -19.28 14.09
N ILE A 394 30.58 -19.54 12.79
CA ILE A 394 29.77 -20.65 12.32
C ILE A 394 30.29 -21.04 10.94
N GLY A 395 30.40 -22.35 10.71
CA GLY A 395 31.05 -22.87 9.52
C GLY A 395 30.28 -22.74 8.22
N LEU A 396 29.95 -21.51 7.84
CA LEU A 396 29.30 -21.22 6.56
C LEU A 396 30.11 -20.15 5.85
N LYS A 397 30.68 -20.51 4.70
CA LYS A 397 31.57 -19.62 3.97
C LYS A 397 31.12 -19.52 2.51
N ASN A 398 31.54 -18.44 1.86
CA ASN A 398 31.21 -18.21 0.47
C ASN A 398 32.43 -17.72 -0.28
N ILE A 399 32.74 -18.35 -1.41
CA ILE A 399 33.81 -17.92 -2.30
C ILE A 399 33.39 -17.84 -3.76
N ASN A 400 32.14 -18.16 -4.07
CA ASN A 400 31.68 -18.20 -5.45
C ASN A 400 31.21 -16.83 -5.90
N ILE A 401 31.08 -16.66 -7.22
CA ILE A 401 30.52 -15.46 -7.82
C ILE A 401 29.46 -15.88 -8.83
N PRO A 402 28.17 -15.59 -8.60
CA PRO A 402 27.62 -14.84 -7.46
C PRO A 402 27.70 -15.57 -6.12
N THR A 403 27.27 -14.90 -5.07
CA THR A 403 27.41 -15.43 -3.71
C THR A 403 26.61 -16.72 -3.54
N LEU A 404 27.25 -17.73 -2.97
CA LEU A 404 26.60 -19.01 -2.70
C LEU A 404 27.22 -19.58 -1.43
N PHE A 405 26.53 -19.41 -0.32
CA PHE A 405 27.03 -19.90 0.97
C PHE A 405 27.00 -21.42 1.01
N GLN A 406 28.05 -22.01 1.58
CA GLN A 406 28.17 -23.45 1.72
C GLN A 406 28.82 -23.76 3.06
N TRP A 407 28.48 -24.93 3.60
CA TRP A 407 29.03 -25.35 4.89
C TRP A 407 30.44 -25.88 4.71
N SER A 408 31.20 -25.89 5.82
CA SER A 408 32.55 -26.43 5.80
C SER A 408 32.53 -27.93 5.52
N ASP A 409 31.59 -28.65 6.14
CA ASP A 409 31.41 -30.08 5.90
C ASP A 409 29.92 -30.35 5.80
N GLY A 410 29.47 -30.73 4.60
CA GLY A 410 28.07 -30.98 4.39
C GLY A 410 27.79 -31.34 2.94
N THR A 411 26.51 -31.44 2.62
CA THR A 411 26.09 -31.80 1.27
C THR A 411 25.15 -30.75 0.69
N GLU A 412 24.31 -30.14 1.54
CA GLU A 412 23.35 -29.15 1.08
C GLU A 412 22.85 -28.35 2.28
N VAL A 413 22.62 -27.06 2.04
CA VAL A 413 22.06 -26.19 3.08
C VAL A 413 20.55 -26.35 3.10
N THR A 414 19.98 -26.39 4.30
CA THR A 414 18.54 -26.59 4.45
C THR A 414 17.84 -25.55 5.32
N LEU A 415 18.57 -24.78 6.13
CA LEU A 415 17.94 -23.80 7.01
C LEU A 415 18.87 -22.61 7.17
N THR A 416 18.35 -21.41 6.90
CA THR A 416 19.10 -20.16 7.08
C THR A 416 18.37 -19.31 8.11
N TYR A 417 19.11 -18.87 9.13
CA TYR A 417 18.56 -18.10 10.24
C TYR A 417 19.32 -16.78 10.31
N TRP A 418 18.86 -15.79 9.54
CA TRP A 418 19.54 -14.51 9.44
C TRP A 418 19.08 -13.56 10.54
N ASP A 419 19.88 -12.50 10.73
CA ASP A 419 19.57 -11.47 11.71
C ASP A 419 19.01 -10.25 10.99
N GLU A 420 17.98 -9.66 11.58
CA GLU A 420 17.28 -8.55 10.94
C GLU A 420 18.09 -7.27 11.04
N ASN A 421 18.44 -6.69 9.90
CA ASN A 421 18.22 -7.31 8.59
C ASN A 421 19.42 -7.06 7.69
N GLU A 422 20.40 -7.95 7.72
CA GLU A 422 21.66 -7.73 7.01
C GLU A 422 22.34 -9.05 6.69
N PRO A 423 22.02 -9.66 5.55
CA PRO A 423 22.95 -10.61 4.95
C PRO A 423 24.21 -9.87 4.52
N ASN A 424 24.01 -8.73 3.87
CA ASN A 424 25.03 -7.71 3.67
C ASN A 424 26.29 -8.27 3.02
N VAL A 425 26.14 -8.74 1.78
CA VAL A 425 27.27 -9.21 0.99
C VAL A 425 27.99 -8.00 0.42
N PRO A 426 29.25 -7.76 0.79
CA PRO A 426 29.96 -6.58 0.27
C PRO A 426 30.24 -6.70 -1.22
N TYR A 427 30.59 -5.56 -1.82
CA TYR A 427 30.85 -5.53 -3.25
C TYR A 427 32.18 -6.20 -3.58
N ASN A 428 33.27 -5.69 -3.02
CA ASN A 428 34.61 -6.21 -3.26
C ASN A 428 35.05 -6.98 -2.02
N LYS A 429 34.68 -8.27 -1.96
CA LYS A 429 35.05 -9.12 -0.85
C LYS A 429 34.95 -10.57 -1.32
N THR A 430 36.09 -11.25 -1.42
CA THR A 430 36.11 -12.65 -1.84
C THR A 430 35.71 -13.57 -0.69
N PRO A 431 36.27 -13.42 0.53
CA PRO A 431 35.79 -14.27 1.63
C PRO A 431 34.55 -13.71 2.30
N ASN A 432 33.55 -14.57 2.54
CA ASN A 432 32.32 -14.17 3.22
C ASN A 432 32.11 -15.10 4.40
N CYS A 433 31.97 -14.52 5.59
CA CYS A 433 31.88 -15.28 6.83
C CYS A 433 30.59 -14.88 7.55
N VAL A 434 30.12 -15.75 8.44
CA VAL A 434 28.92 -15.50 9.22
C VAL A 434 29.23 -15.67 10.69
N SER A 435 28.40 -15.04 11.52
CA SER A 435 28.58 -15.05 12.97
C SER A 435 27.23 -14.93 13.65
N TYR A 436 27.22 -15.20 14.95
CA TYR A 436 26.02 -15.22 15.77
C TYR A 436 25.81 -13.88 16.46
N LEU A 437 24.54 -13.50 16.60
CA LEU A 437 24.16 -12.37 17.45
C LEU A 437 22.64 -12.40 17.62
N GLY A 438 22.17 -11.65 18.59
CA GLY A 438 20.74 -11.57 18.85
C GLY A 438 20.29 -12.56 19.90
N GLU A 439 19.20 -12.21 20.59
CA GLU A 439 18.64 -13.09 21.60
C GLU A 439 18.04 -14.36 21.00
N LEU A 440 17.73 -14.34 19.70
CA LEU A 440 17.19 -15.52 19.02
C LEU A 440 18.27 -16.34 18.33
N GLY A 441 19.54 -15.97 18.50
CA GLY A 441 20.63 -16.72 17.89
C GLY A 441 20.60 -16.68 16.38
N GLN A 442 20.71 -15.50 15.79
CA GLN A 442 20.62 -15.31 14.36
C GLN A 442 21.99 -14.99 13.77
N TRP A 443 22.07 -15.03 12.45
CA TRP A 443 23.33 -14.94 11.73
C TRP A 443 23.47 -13.58 11.07
N LYS A 444 24.70 -13.06 11.08
CA LYS A 444 25.07 -11.85 10.37
C LYS A 444 26.39 -12.10 9.64
N VAL A 445 26.77 -11.16 8.78
CA VAL A 445 27.98 -11.28 7.98
C VAL A 445 29.15 -10.67 8.74
N GLN A 446 30.36 -11.12 8.40
CA GLN A 446 31.59 -10.63 8.98
C GLN A 446 32.67 -10.59 7.91
N SER A 447 33.91 -10.35 8.34
CA SER A 447 35.01 -10.13 7.41
C SER A 447 36.07 -11.23 7.42
N CYS A 448 35.87 -12.29 8.21
CA CYS A 448 36.88 -13.35 8.38
C CYS A 448 38.23 -12.77 8.83
N GLU A 449 38.18 -11.65 9.53
CA GLU A 449 39.39 -11.00 10.02
C GLU A 449 39.29 -10.51 11.46
N GLU A 450 38.11 -10.55 12.08
CA GLU A 450 37.93 -10.08 13.44
C GLU A 450 38.26 -11.18 14.44
N LYS A 451 38.65 -10.76 15.64
CA LYS A 451 38.99 -11.68 16.72
C LYS A 451 37.76 -11.86 17.60
N LEU A 452 37.10 -13.01 17.45
CA LEU A 452 35.89 -13.30 18.21
C LEU A 452 35.75 -14.81 18.36
N LYS A 453 34.96 -15.21 19.35
CA LYS A 453 34.85 -16.60 19.71
C LYS A 453 34.25 -17.43 18.57
N TYR A 454 34.38 -18.74 18.69
CA TYR A 454 33.88 -19.67 17.68
C TYR A 454 33.41 -20.93 18.37
N VAL A 455 32.55 -21.68 17.67
CA VAL A 455 31.98 -22.92 18.16
C VAL A 455 32.16 -23.99 17.09
N CYS A 456 32.31 -25.24 17.52
CA CYS A 456 32.35 -26.34 16.56
C CYS A 456 31.82 -27.61 17.22
N LYS A 457 31.66 -28.63 16.37
CA LYS A 457 30.74 -29.73 16.61
C LYS A 457 31.40 -31.07 16.28
N ARG A 458 31.10 -32.08 17.09
CA ARG A 458 31.65 -33.42 16.94
C ARG A 458 30.53 -34.43 16.92
N LYS A 459 30.74 -35.52 16.17
CA LYS A 459 29.80 -36.63 16.13
C LYS A 459 30.17 -37.62 17.23
N GLY A 460 29.28 -37.78 18.22
CA GLY A 460 29.53 -38.65 19.34
C GLY A 460 28.95 -40.04 19.14
N GLU A 461 29.21 -40.89 20.13
CA GLU A 461 28.74 -42.27 20.12
C GLU A 461 27.46 -42.39 20.93
N LYS A 462 26.65 -43.38 20.58
CA LYS A 462 25.39 -43.59 21.26
C LYS A 462 25.58 -44.34 22.58
N LEU A 463 24.66 -44.11 23.50
CA LEU A 463 24.72 -44.76 24.81
C LEU A 463 23.31 -45.07 25.33
N ASP A 469 17.56 -43.91 33.58
CA ASP A 469 17.09 -43.57 34.91
C ASP A 469 15.60 -43.85 35.05
N LYS A 470 15.17 -44.21 36.26
CA LYS A 470 13.77 -44.51 36.54
C LYS A 470 12.93 -43.25 36.77
N MET A 471 13.53 -42.06 36.64
CA MET A 471 12.77 -40.83 36.81
C MET A 471 11.80 -40.60 35.66
N CYS A 472 12.12 -41.11 34.48
CA CYS A 472 11.29 -40.93 33.29
C CYS A 472 11.26 -42.22 32.50
N PRO A 473 10.37 -43.15 32.83
CA PRO A 473 10.28 -44.40 32.10
C PRO A 473 9.49 -44.24 30.81
N PRO A 474 10.10 -44.57 29.67
CA PRO A 474 9.37 -44.45 28.39
C PRO A 474 8.59 -45.72 28.05
N ASP A 475 8.41 -46.61 29.03
CA ASP A 475 7.78 -47.89 28.76
C ASP A 475 6.29 -47.74 28.47
N GLU A 476 5.64 -46.74 29.07
CA GLU A 476 4.21 -46.55 28.94
C GLU A 476 3.86 -45.48 27.90
N GLY A 477 4.67 -45.36 26.84
CA GLY A 477 4.42 -44.36 25.82
C GLY A 477 4.72 -42.97 26.31
N TRP A 478 5.92 -42.77 26.85
CA TRP A 478 6.33 -41.50 27.44
C TRP A 478 7.53 -40.99 26.65
N LYS A 479 7.33 -39.92 25.89
CA LYS A 479 8.40 -39.42 25.04
C LYS A 479 9.35 -38.53 25.85
N ARG A 480 10.60 -38.47 25.40
CA ARG A 480 11.63 -37.70 26.08
C ARG A 480 12.16 -36.62 25.14
N HIS A 481 12.55 -35.49 25.72
CA HIS A 481 13.10 -34.38 24.95
C HIS A 481 14.51 -33.99 25.37
N GLY A 482 14.98 -34.43 26.53
CA GLY A 482 16.33 -34.14 26.97
C GLY A 482 16.41 -33.61 28.38
N GLU A 483 15.46 -32.75 28.75
CA GLU A 483 15.42 -32.21 30.11
C GLU A 483 14.05 -32.40 30.72
N THR A 484 13.01 -32.42 29.89
CA THR A 484 11.63 -32.55 30.36
C THR A 484 10.89 -33.46 29.40
N CYS A 485 10.32 -34.54 29.92
CA CYS A 485 9.59 -35.50 29.12
C CYS A 485 8.17 -35.02 28.86
N TYR A 486 7.52 -35.65 27.88
CA TYR A 486 6.13 -35.38 27.55
C TYR A 486 5.34 -36.69 27.55
N LYS A 487 4.07 -36.58 27.93
CA LYS A 487 3.19 -37.73 28.04
C LYS A 487 1.82 -37.36 27.49
N ILE A 488 1.26 -38.26 26.68
CA ILE A 488 -0.07 -38.10 26.10
C ILE A 488 -1.02 -39.05 26.81
N TYR A 489 -2.29 -38.64 26.90
CA TYR A 489 -3.32 -39.43 27.53
C TYR A 489 -4.29 -39.98 26.48
N GLU A 490 -5.15 -40.90 26.93
CA GLU A 490 -6.07 -41.57 26.01
C GLU A 490 -7.23 -40.66 25.62
N ASP A 491 -8.02 -40.24 26.62
CA ASP A 491 -9.17 -39.39 26.34
C ASP A 491 -9.47 -38.54 27.57
N GLU A 492 -10.00 -37.35 27.32
CA GLU A 492 -10.39 -36.44 28.40
C GLU A 492 -11.41 -35.46 27.85
N VAL A 493 -12.65 -35.57 28.31
CA VAL A 493 -13.74 -34.74 27.81
C VAL A 493 -13.64 -33.32 28.36
N PRO A 494 -13.60 -33.09 29.67
CA PRO A 494 -13.53 -31.72 30.17
C PRO A 494 -12.11 -31.16 30.09
N PHE A 495 -12.01 -29.87 30.34
CA PHE A 495 -10.75 -29.16 30.27
C PHE A 495 -10.01 -29.27 31.59
N GLY A 496 -8.76 -29.71 31.54
CA GLY A 496 -7.94 -29.85 32.73
C GLY A 496 -8.47 -30.87 33.71
N THR A 497 -8.67 -32.11 33.24
CA THR A 497 -9.13 -33.17 34.13
C THR A 497 -8.10 -33.45 35.21
N ASN A 498 -6.86 -33.69 34.81
CA ASN A 498 -5.77 -33.90 35.75
C ASN A 498 -4.58 -33.00 35.49
N CYS A 499 -4.55 -32.29 34.36
CA CYS A 499 -3.34 -31.65 33.89
C CYS A 499 -3.66 -30.68 32.76
N ASN A 500 -2.89 -29.59 32.69
CA ASN A 500 -2.97 -28.62 31.61
C ASN A 500 -1.56 -28.25 31.19
N LEU A 501 -1.37 -28.08 29.87
CA LEU A 501 -0.04 -27.87 29.31
C LEU A 501 0.24 -26.38 29.10
N THR A 502 1.47 -25.97 29.40
CA THR A 502 1.93 -24.61 29.18
C THR A 502 3.16 -24.64 28.30
N ILE A 503 3.15 -23.84 27.23
CA ILE A 503 4.25 -23.77 26.28
C ILE A 503 4.99 -22.45 26.49
N THR A 504 6.28 -22.45 26.16
CA THR A 504 7.14 -21.31 26.46
C THR A 504 7.79 -20.66 25.24
N SER A 505 8.06 -21.39 24.16
CA SER A 505 8.75 -20.82 23.02
C SER A 505 8.33 -21.58 21.76
N ARG A 506 8.94 -21.21 20.64
CA ARG A 506 8.57 -21.81 19.35
C ARG A 506 9.20 -23.18 19.14
N PHE A 507 10.37 -23.43 19.74
CA PHE A 507 11.01 -24.74 19.59
C PHE A 507 10.22 -25.82 20.32
N GLU A 508 9.76 -25.51 21.53
CA GLU A 508 8.86 -26.42 22.23
C GLU A 508 7.59 -26.67 21.42
N GLN A 509 7.09 -25.62 20.76
CA GLN A 509 5.90 -25.78 19.93
C GLN A 509 6.16 -26.71 18.76
N GLU A 510 7.32 -26.57 18.11
CA GLU A 510 7.65 -27.44 16.98
C GLU A 510 7.85 -28.88 17.43
N TYR A 511 8.45 -29.09 18.61
CA TYR A 511 8.59 -30.42 19.15
C TYR A 511 7.22 -31.03 19.43
N LEU A 512 6.31 -30.24 20.01
CA LEU A 512 4.95 -30.72 20.26
C LEU A 512 4.23 -31.04 18.97
N ASN A 513 4.47 -30.24 17.92
CA ASN A 513 3.84 -30.50 16.63
C ASN A 513 4.35 -31.81 16.03
N ASP A 514 5.66 -32.05 16.10
CA ASP A 514 6.20 -33.32 15.60
C ASP A 514 5.66 -34.49 16.40
N LEU A 515 5.54 -34.33 17.72
CA LEU A 515 4.99 -35.41 18.54
C LEU A 515 3.54 -35.69 18.20
N MET A 516 2.75 -34.65 17.96
CA MET A 516 1.34 -34.85 17.61
C MET A 516 1.20 -35.47 16.24
N LYS A 517 2.05 -35.07 15.28
CA LYS A 517 1.99 -35.66 13.95
C LYS A 517 2.43 -37.11 13.96
N LYS A 518 3.39 -37.45 14.83
CA LYS A 518 3.82 -38.85 14.93
C LYS A 518 2.80 -39.71 15.66
N TYR A 519 2.08 -39.12 16.62
CA TYR A 519 1.11 -39.90 17.39
C TYR A 519 -0.11 -40.26 16.56
N ASP A 520 -0.81 -39.27 16.04
CA ASP A 520 -2.06 -39.49 15.33
C ASP A 520 -1.81 -39.80 13.85
N LYS A 521 -2.85 -40.31 13.19
CA LYS A 521 -2.77 -40.67 11.78
C LYS A 521 -3.80 -40.00 10.90
N SER A 522 -4.78 -39.30 11.47
CA SER A 522 -5.81 -38.61 10.68
C SER A 522 -6.02 -37.21 11.26
N LEU A 523 -7.04 -36.53 10.77
CA LEU A 523 -7.32 -35.16 11.16
C LEU A 523 -8.54 -35.11 12.09
N ARG A 524 -8.81 -33.91 12.62
CA ARG A 524 -9.95 -33.66 13.51
C ARG A 524 -9.79 -34.36 14.86
N LYS A 525 -8.60 -34.28 15.44
CA LYS A 525 -8.35 -34.70 16.82
C LYS A 525 -7.53 -33.62 17.51
N TYR A 526 -8.14 -32.94 18.48
CA TYR A 526 -7.51 -31.79 19.12
C TYR A 526 -6.84 -32.20 20.43
N PHE A 527 -5.84 -31.41 20.82
CA PHE A 527 -5.09 -31.62 22.06
C PHE A 527 -5.25 -30.40 22.94
N TRP A 528 -5.55 -30.63 24.22
CA TRP A 528 -5.83 -29.53 25.14
C TRP A 528 -4.56 -28.73 25.44
N THR A 529 -4.75 -27.47 25.84
CA THR A 529 -3.66 -26.58 26.20
C THR A 529 -4.13 -25.69 27.35
N GLY A 530 -3.29 -25.57 28.37
CA GLY A 530 -3.66 -24.83 29.57
C GLY A 530 -3.62 -23.33 29.42
N LEU A 531 -4.40 -22.79 28.48
CA LEU A 531 -4.49 -21.36 28.26
C LEU A 531 -5.96 -20.98 28.18
N ARG A 532 -6.40 -20.13 29.11
CA ARG A 532 -7.80 -19.74 29.20
C ARG A 532 -7.88 -18.39 29.90
N ASP A 533 -9.11 -17.91 30.07
CA ASP A 533 -9.39 -16.67 30.79
C ASP A 533 -10.44 -16.98 31.86
N VAL A 534 -9.98 -17.13 33.11
CA VAL A 534 -10.89 -17.47 34.20
C VAL A 534 -11.83 -16.31 34.49
N ASP A 535 -11.33 -15.09 34.35
CA ASP A 535 -12.15 -13.89 34.61
C ASP A 535 -13.00 -13.49 33.40
N SER A 536 -12.83 -14.15 32.26
CA SER A 536 -13.56 -13.83 31.04
C SER A 536 -13.37 -12.38 30.64
N CYS A 537 -12.15 -11.88 30.84
CA CYS A 537 -11.82 -10.48 30.57
C CYS A 537 -11.24 -10.27 29.17
N GLY A 538 -11.19 -11.33 28.36
CA GLY A 538 -10.65 -11.25 27.02
C GLY A 538 -9.18 -11.58 26.92
N GLU A 539 -8.41 -11.32 27.98
CA GLU A 539 -6.99 -11.64 27.99
C GLU A 539 -6.77 -13.08 28.40
N TYR A 540 -5.94 -13.80 27.66
CA TYR A 540 -5.67 -15.21 27.92
C TYR A 540 -4.41 -15.35 28.76
N ASN A 541 -4.47 -16.24 29.75
CA ASN A 541 -3.34 -16.49 30.64
C ASN A 541 -3.23 -17.99 30.88
N TRP A 542 -2.03 -18.43 31.23
CA TRP A 542 -1.79 -19.84 31.49
C TRP A 542 -2.47 -20.25 32.80
N ALA A 543 -3.03 -21.45 32.80
CA ALA A 543 -3.74 -21.95 33.97
C ALA A 543 -2.76 -22.16 35.13
N THR A 544 -3.17 -21.72 36.31
CA THR A 544 -2.34 -21.84 37.51
C THR A 544 -2.63 -23.17 38.19
N VAL A 545 -1.59 -24.00 38.34
CA VAL A 545 -1.71 -25.28 39.01
C VAL A 545 -1.41 -25.11 40.49
N GLY A 546 -1.29 -23.86 40.93
CA GLY A 546 -0.99 -23.56 42.31
C GLY A 546 0.36 -22.88 42.48
N GLY A 547 0.33 -21.58 42.79
CA GLY A 547 1.57 -20.84 42.94
C GLY A 547 2.35 -20.63 41.67
N ARG A 548 1.67 -20.64 40.52
CA ARG A 548 2.31 -20.46 39.22
C ARG A 548 1.63 -19.33 38.48
N ARG A 549 2.40 -18.33 38.07
CA ARG A 549 1.91 -17.18 37.33
C ARG A 549 2.80 -16.88 36.14
N ARG A 550 3.14 -17.93 35.39
CA ARG A 550 4.03 -17.78 34.23
C ARG A 550 3.33 -16.98 33.14
N ALA A 551 3.91 -15.83 32.79
CA ALA A 551 3.33 -14.98 31.75
C ALA A 551 3.50 -15.61 30.38
N VAL A 552 2.66 -15.15 29.44
CA VAL A 552 2.70 -15.66 28.08
C VAL A 552 3.93 -15.11 27.38
N THR A 553 4.84 -16.00 26.98
CA THR A 553 6.05 -15.61 26.27
C THR A 553 6.05 -16.05 24.81
N PHE A 554 5.04 -16.79 24.36
CA PHE A 554 4.95 -17.25 22.99
C PHE A 554 3.50 -17.53 22.66
N SER A 555 3.12 -17.25 21.41
CA SER A 555 1.74 -17.41 20.98
C SER A 555 1.70 -17.62 19.46
N ASN A 556 0.86 -18.57 19.02
CA ASN A 556 0.68 -18.82 17.60
C ASN A 556 -0.75 -19.29 17.39
N TRP A 557 -1.62 -18.36 17.00
CA TRP A 557 -3.03 -18.69 16.77
C TRP A 557 -3.24 -19.07 15.31
N ASN A 558 -4.49 -19.37 14.97
CA ASN A 558 -4.86 -19.70 13.60
C ASN A 558 -5.05 -18.41 12.80
N PHE A 559 -5.69 -18.51 11.65
CA PHE A 559 -5.90 -17.35 10.78
C PHE A 559 -6.59 -16.22 11.55
N LEU A 560 -7.82 -16.44 12.00
CA LEU A 560 -8.52 -15.50 12.88
C LEU A 560 -9.08 -16.30 14.07
N GLU A 561 -8.23 -16.54 15.05
CA GLU A 561 -8.68 -17.33 16.19
C GLU A 561 -9.41 -16.51 17.26
N PRO A 562 -8.87 -15.36 17.73
CA PRO A 562 -9.55 -14.65 18.81
C PRO A 562 -10.92 -14.15 18.38
N ALA A 563 -11.97 -14.77 18.92
CA ALA A 563 -13.34 -14.41 18.58
C ALA A 563 -14.29 -14.32 19.77
N SER A 564 -13.89 -14.79 20.95
CA SER A 564 -14.78 -14.83 22.09
C SER A 564 -14.00 -14.40 23.33
N PRO A 565 -14.57 -13.52 24.18
CA PRO A 565 -13.96 -13.18 25.47
C PRO A 565 -14.16 -14.25 26.54
N GLY A 566 -13.92 -15.50 26.16
CA GLY A 566 -14.10 -16.62 27.06
C GLY A 566 -14.13 -17.94 26.33
N GLY A 567 -13.50 -18.97 26.90
CA GLY A 567 -13.41 -20.28 26.31
C GLY A 567 -12.07 -20.90 26.66
N CYS A 568 -11.76 -22.02 25.99
CA CYS A 568 -10.52 -22.74 26.25
C CYS A 568 -9.89 -23.15 24.93
N VAL A 569 -8.57 -23.20 24.91
CA VAL A 569 -7.82 -23.41 23.68
C VAL A 569 -7.40 -24.87 23.56
N ALA A 570 -7.21 -25.29 22.31
CA ALA A 570 -6.77 -26.64 21.97
C ALA A 570 -5.86 -26.53 20.75
N MET A 571 -5.31 -27.66 20.31
CA MET A 571 -4.37 -27.71 19.21
C MET A 571 -4.84 -28.68 18.15
N SER A 572 -4.95 -28.19 16.91
CA SER A 572 -5.31 -29.03 15.77
C SER A 572 -4.08 -29.68 15.18
N THR A 573 -4.31 -30.75 14.41
CA THR A 573 -3.20 -31.52 13.84
C THR A 573 -3.39 -31.93 12.39
N GLY A 574 -4.52 -31.60 11.76
CA GLY A 574 -4.75 -32.01 10.38
C GLY A 574 -3.84 -31.29 9.39
N LYS A 575 -4.09 -30.01 9.20
CA LYS A 575 -3.23 -29.14 8.41
C LYS A 575 -2.81 -27.90 9.17
N SER A 576 -3.67 -27.37 10.04
CA SER A 576 -3.30 -26.30 10.96
C SER A 576 -2.59 -26.91 12.16
N VAL A 577 -1.39 -27.42 11.90
CA VAL A 577 -0.64 -28.17 12.89
C VAL A 577 -0.21 -27.24 14.03
N GLY A 578 -0.68 -27.54 15.24
CA GLY A 578 -0.28 -26.80 16.41
C GLY A 578 -0.88 -25.41 16.55
N LYS A 579 -1.78 -25.00 15.64
CA LYS A 579 -2.41 -23.70 15.75
C LYS A 579 -3.37 -23.69 16.92
N TRP A 580 -3.16 -22.77 17.85
CA TRP A 580 -3.98 -22.71 19.07
C TRP A 580 -5.38 -22.23 18.71
N GLU A 581 -6.31 -23.16 18.57
CA GLU A 581 -7.70 -22.82 18.31
C GLU A 581 -8.43 -22.61 19.64
N VAL A 582 -9.55 -21.89 19.57
CA VAL A 582 -10.36 -21.59 20.74
C VAL A 582 -11.71 -22.25 20.57
N LYS A 583 -12.09 -23.11 21.53
CA LYS A 583 -13.37 -23.79 21.54
C LYS A 583 -14.06 -23.54 22.87
N ASP A 584 -15.28 -24.05 22.98
CA ASP A 584 -16.08 -23.87 24.18
C ASP A 584 -15.48 -24.67 25.34
N CYS A 585 -15.15 -23.97 26.43
CA CYS A 585 -14.65 -24.63 27.62
C CYS A 585 -15.75 -25.28 28.45
N ARG A 586 -17.01 -25.22 28.00
CA ARG A 586 -18.10 -25.86 28.72
C ARG A 586 -18.21 -27.33 28.35
N SER A 587 -18.34 -27.63 27.06
CA SER A 587 -18.48 -29.02 26.59
C SER A 587 -17.78 -29.13 25.25
N PHE A 588 -16.57 -29.70 25.25
CA PHE A 588 -15.82 -29.96 24.03
C PHE A 588 -14.71 -30.96 24.37
N LYS A 589 -14.59 -32.01 23.56
CA LYS A 589 -13.61 -33.05 23.81
C LYS A 589 -12.32 -32.78 23.05
N ALA A 590 -11.20 -33.05 23.72
CA ALA A 590 -9.88 -32.93 23.11
C ALA A 590 -8.91 -33.79 23.90
N LEU A 591 -7.84 -34.20 23.24
CA LEU A 591 -6.81 -35.00 23.89
C LEU A 591 -5.99 -34.11 24.83
N SER A 592 -5.03 -34.71 25.53
CA SER A 592 -4.26 -33.98 26.53
C SER A 592 -2.81 -34.47 26.53
N ILE A 593 -1.88 -33.52 26.58
CA ILE A 593 -0.45 -33.79 26.67
C ILE A 593 0.12 -32.93 27.78
N CYS A 594 1.11 -33.45 28.50
CA CYS A 594 1.78 -32.69 29.53
C CYS A 594 3.28 -32.98 29.58
N LYS A 595 3.94 -32.24 30.45
CA LYS A 595 5.36 -32.34 30.73
C LYS A 595 5.56 -32.51 32.23
N LYS A 596 6.77 -32.92 32.63
CA LYS A 596 7.06 -33.14 34.04
C LYS A 596 7.66 -31.90 34.71
N MET A 597 8.78 -31.41 34.18
CA MET A 597 9.46 -30.27 34.78
C MET A 597 8.92 -28.97 34.20
N SER A 598 9.50 -27.85 34.64
CA SER A 598 9.12 -26.53 34.18
C SER A 598 10.32 -25.60 34.34
N GLY A 599 10.09 -24.31 34.17
CA GLY A 599 11.14 -23.32 34.29
C GLY A 599 11.03 -22.51 35.57
N PRO A 600 11.95 -22.74 36.50
CA PRO A 600 11.91 -22.00 37.77
C PRO A 600 12.37 -20.57 37.65
N LEU A 601 13.27 -20.31 36.70
CA LEU A 601 13.81 -18.97 36.48
C LEU A 601 13.24 -18.30 35.24
N GLY A 602 12.27 -18.92 34.58
CA GLY A 602 11.65 -18.35 33.40
C GLY A 602 10.82 -17.12 33.71
N PRO A 603 9.70 -17.30 34.40
CA PRO A 603 8.84 -16.17 34.76
C PRO A 603 9.32 -15.34 35.94
N GLU A 604 10.54 -15.57 36.42
CA GLU A 604 11.09 -14.82 37.55
C GLU A 604 12.00 -13.72 37.00
N GLU A 605 11.36 -12.67 36.48
CA GLU A 605 12.09 -11.54 35.91
C GLU A 605 11.16 -10.35 35.82
N ALA A 606 11.60 -9.20 36.35
CA ALA A 606 10.85 -7.95 36.30
C ALA A 606 11.81 -6.85 35.87
N SER A 607 11.91 -6.64 34.55
CA SER A 607 12.82 -5.64 34.01
C SER A 607 12.27 -4.22 34.11
N PRO A 608 11.03 -3.94 33.71
CA PRO A 608 10.53 -2.56 33.81
C PRO A 608 10.15 -2.20 35.24
N LYS A 609 10.15 -0.89 35.51
CA LYS A 609 9.79 -0.35 36.80
C LYS A 609 8.79 0.78 36.61
N PRO A 610 7.70 0.82 37.39
CA PRO A 610 6.69 1.86 37.21
C PRO A 610 7.07 3.21 37.83
N ASP A 611 8.32 3.39 38.26
CA ASP A 611 8.75 4.64 38.85
C ASP A 611 9.71 5.44 37.98
N ASP A 612 10.21 4.85 36.88
CA ASP A 612 11.13 5.56 36.02
C ASP A 612 10.36 6.48 35.07
N PRO A 613 10.69 7.77 35.03
CA PRO A 613 9.96 8.69 34.16
C PRO A 613 10.45 8.63 32.72
N CYS A 614 9.74 9.35 31.85
CA CYS A 614 10.08 9.42 30.45
C CYS A 614 11.29 10.33 30.24
N PRO A 615 12.11 10.05 29.22
CA PRO A 615 13.35 10.83 29.02
C PRO A 615 13.12 12.32 28.81
N GLU A 616 12.38 12.68 27.75
CA GLU A 616 12.16 14.09 27.44
C GLU A 616 10.98 14.22 26.50
N GLY A 617 9.93 14.91 26.94
CA GLY A 617 8.79 15.21 26.10
C GLY A 617 7.81 14.07 25.88
N TRP A 618 8.17 12.84 26.22
CA TRP A 618 7.27 11.71 26.05
C TRP A 618 6.21 11.73 27.14
N GLN A 619 4.95 11.67 26.73
CA GLN A 619 3.83 11.67 27.66
C GLN A 619 3.42 10.24 28.00
N SER A 620 3.03 10.02 29.26
CA SER A 620 2.65 8.70 29.71
C SER A 620 1.85 8.81 30.98
N PHE A 621 0.92 7.86 31.18
CA PHE A 621 0.14 7.74 32.40
C PHE A 621 0.72 6.67 33.31
N PRO A 622 0.57 6.80 34.63
CA PRO A 622 1.26 5.88 35.55
C PRO A 622 0.84 4.42 35.41
N ALA A 623 -0.27 4.13 34.71
CA ALA A 623 -0.73 2.76 34.51
C ALA A 623 -0.33 2.22 33.15
N SER A 624 0.83 2.61 32.64
CA SER A 624 1.29 2.21 31.31
C SER A 624 2.66 1.55 31.29
N LEU A 625 3.51 1.84 32.29
CA LEU A 625 4.90 1.36 32.34
C LEU A 625 5.62 1.53 31.00
N SER A 626 5.25 2.56 30.25
CA SER A 626 5.86 2.81 28.95
C SER A 626 5.54 4.25 28.54
N CYS A 627 6.51 4.91 27.92
CA CYS A 627 6.34 6.28 27.45
C CYS A 627 5.84 6.29 26.02
N TYR A 628 4.98 7.26 25.71
CA TYR A 628 4.37 7.36 24.40
C TYR A 628 4.74 8.67 23.73
N LYS A 629 4.68 8.67 22.40
CA LYS A 629 4.93 9.87 21.60
C LYS A 629 4.04 9.80 20.38
N VAL A 630 2.97 10.59 20.38
CA VAL A 630 1.97 10.58 19.31
C VAL A 630 2.34 11.66 18.30
N PHE A 631 2.18 11.34 17.01
CA PHE A 631 2.49 12.27 15.93
C PHE A 631 1.17 12.68 15.28
N HIS A 632 0.76 13.93 15.53
CA HIS A 632 -0.50 14.43 15.01
C HIS A 632 -0.46 14.54 13.49
N ALA A 633 -1.61 14.85 12.90
CA ALA A 633 -1.74 14.96 11.46
C ALA A 633 -1.32 16.31 10.90
N GLU A 634 -0.78 17.20 11.74
CA GLU A 634 -0.38 18.53 11.30
C GLU A 634 1.07 18.85 11.60
N ARG A 635 1.64 18.32 12.70
CA ARG A 635 3.01 18.64 13.06
C ARG A 635 4.02 17.92 12.18
N ILE A 636 3.71 16.70 11.76
CA ILE A 636 4.64 15.89 10.98
C ILE A 636 4.78 16.48 9.58
N VAL A 637 5.79 16.03 8.84
CA VAL A 637 5.94 16.46 7.45
C VAL A 637 4.77 15.96 6.62
N ARG A 638 4.35 14.71 6.82
CA ARG A 638 3.24 14.12 6.09
C ARG A 638 2.89 12.79 6.75
N LYS A 639 1.67 12.34 6.50
CA LYS A 639 1.28 11.01 6.92
C LYS A 639 2.06 9.97 6.11
N ARG A 640 2.10 8.75 6.64
CA ARG A 640 2.89 7.70 6.01
C ARG A 640 2.22 6.35 6.24
N ASN A 641 2.73 5.34 5.53
CA ASN A 641 2.18 4.00 5.55
C ASN A 641 2.54 3.31 6.87
N TRP A 642 2.17 2.02 6.96
CA TRP A 642 2.49 1.26 8.16
C TRP A 642 3.99 1.01 8.28
N GLU A 643 4.63 0.56 7.20
CA GLU A 643 6.05 0.27 7.25
C GLU A 643 6.86 1.53 7.50
N GLU A 644 6.47 2.63 6.87
CA GLU A 644 7.19 3.89 7.09
C GLU A 644 7.02 4.38 8.52
N ALA A 645 5.83 4.23 9.10
CA ALA A 645 5.63 4.61 10.49
C ALA A 645 6.45 3.74 11.42
N GLU A 646 6.48 2.44 11.16
CA GLU A 646 7.29 1.53 11.98
C GLU A 646 8.77 1.87 11.88
N ARG A 647 9.25 2.22 10.69
CA ARG A 647 10.65 2.56 10.51
C ARG A 647 10.98 3.89 11.20
N PHE A 648 10.06 4.86 11.13
CA PHE A 648 10.27 6.12 11.83
C PHE A 648 10.29 5.92 13.34
N CYS A 649 9.47 5.00 13.85
CA CYS A 649 9.49 4.70 15.28
C CYS A 649 10.77 3.98 15.66
N GLN A 650 11.27 3.09 14.79
CA GLN A 650 12.49 2.36 15.09
C GLN A 650 13.72 3.27 15.04
N ALA A 651 13.71 4.27 14.16
CA ALA A 651 14.83 5.20 14.08
C ALA A 651 15.03 5.93 15.40
N LEU A 652 13.94 6.29 16.08
CA LEU A 652 14.02 6.96 17.37
C LEU A 652 14.33 5.99 18.52
N GLY A 653 14.51 4.70 18.23
CA GLY A 653 14.75 3.72 19.27
C GLY A 653 13.51 3.13 19.89
N ALA A 654 12.38 3.19 19.20
CA ALA A 654 11.12 2.69 19.75
C ALA A 654 10.40 1.81 18.74
N HIS A 655 9.15 1.45 19.03
CA HIS A 655 8.32 0.68 18.13
C HIS A 655 6.89 1.22 18.21
N LEU A 656 5.99 0.61 17.45
CA LEU A 656 4.59 0.97 17.53
C LEU A 656 3.99 0.47 18.84
N SER A 657 2.91 1.13 19.26
CA SER A 657 2.30 0.82 20.55
C SER A 657 1.80 -0.62 20.58
N SER A 658 2.31 -1.39 21.53
CA SER A 658 1.96 -2.79 21.69
C SER A 658 1.65 -3.04 23.16
N PHE A 659 0.38 -3.28 23.48
CA PHE A 659 -0.05 -3.50 24.85
C PHE A 659 -0.11 -4.99 25.15
N SER A 660 0.18 -5.34 26.40
CA SER A 660 0.21 -6.73 26.84
C SER A 660 -1.14 -7.16 27.41
N HIS A 661 -1.69 -6.39 28.34
CA HIS A 661 -2.96 -6.72 28.96
C HIS A 661 -4.11 -6.11 28.18
N VAL A 662 -5.34 -6.46 28.57
CA VAL A 662 -6.55 -5.94 27.91
C VAL A 662 -7.08 -4.68 28.58
N ASP A 663 -6.52 -4.29 29.72
CA ASP A 663 -6.85 -3.00 30.32
C ASP A 663 -5.92 -1.89 29.86
N GLU A 664 -4.70 -2.25 29.49
CA GLU A 664 -3.75 -1.25 29.00
C GLU A 664 -4.23 -0.60 27.71
N ILE A 665 -4.91 -1.37 26.85
CA ILE A 665 -5.40 -0.83 25.59
C ILE A 665 -6.44 0.26 25.84
N LYS A 666 -7.41 -0.02 26.72
CA LYS A 666 -8.44 0.97 27.01
C LYS A 666 -7.88 2.16 27.78
N GLU A 667 -6.92 1.92 28.68
CA GLU A 667 -6.28 3.04 29.38
C GLU A 667 -5.53 3.94 28.40
N PHE A 668 -4.80 3.34 27.46
CA PHE A 668 -4.06 4.10 26.45
C PHE A 668 -5.01 4.85 25.52
N LEU A 669 -6.15 4.25 25.18
CA LEU A 669 -7.14 4.94 24.35
C LEU A 669 -7.73 6.13 25.10
N HIS A 670 -8.09 5.94 26.37
CA HIS A 670 -8.62 7.05 27.16
C HIS A 670 -7.57 8.13 27.39
N PHE A 671 -6.30 7.76 27.40
CA PHE A 671 -5.25 8.76 27.55
C PHE A 671 -5.01 9.55 26.27
N LEU A 672 -5.09 8.89 25.10
CA LEU A 672 -4.89 9.61 23.85
C LEU A 672 -6.11 10.41 23.42
N THR A 673 -7.31 9.97 23.78
CA THR A 673 -8.50 10.71 23.37
C THR A 673 -8.60 12.08 24.00
N ASP A 674 -7.80 12.36 25.05
CA ASP A 674 -7.75 13.68 25.63
C ASP A 674 -6.90 14.65 24.82
N GLN A 675 -5.97 14.14 24.02
CA GLN A 675 -5.11 14.97 23.20
C GLN A 675 -5.65 15.20 21.79
N PHE A 676 -6.85 14.68 21.50
CA PHE A 676 -7.44 14.81 20.18
C PHE A 676 -8.82 15.44 20.29
N SER A 677 -9.17 16.26 19.30
CA SER A 677 -10.49 16.88 19.20
C SER A 677 -11.38 16.20 18.18
N GLY A 678 -10.82 15.83 17.02
CA GLY A 678 -11.55 15.10 16.01
C GLY A 678 -11.15 13.64 15.96
N GLN A 679 -11.94 12.87 15.21
CA GLN A 679 -11.73 11.44 15.07
C GLN A 679 -10.81 11.15 13.89
N HIS A 680 -9.73 10.42 14.15
CA HIS A 680 -8.80 10.03 13.10
C HIS A 680 -8.08 8.76 13.51
N TRP A 681 -7.84 7.88 12.55
CA TRP A 681 -7.24 6.60 12.85
C TRP A 681 -5.74 6.75 13.17
N LEU A 682 -5.21 5.75 13.86
CA LEU A 682 -3.81 5.70 14.23
C LEU A 682 -3.24 4.31 13.96
N TRP A 683 -1.93 4.25 13.74
CA TRP A 683 -1.27 2.98 13.47
C TRP A 683 -1.00 2.23 14.77
N ILE A 684 -0.92 0.90 14.65
CA ILE A 684 -0.61 0.03 15.77
C ILE A 684 0.30 -1.08 15.27
N GLY A 685 0.97 -1.75 16.23
CA GLY A 685 2.01 -2.70 15.89
C GLY A 685 1.52 -4.00 15.26
N LEU A 686 0.25 -4.33 15.43
CA LEU A 686 -0.26 -5.61 14.93
C LEU A 686 -0.24 -5.64 13.41
N ASN A 687 0.17 -6.78 12.86
CA ASN A 687 0.25 -6.97 11.41
C ASN A 687 0.44 -8.45 11.13
N LYS A 688 -0.20 -8.93 10.07
CA LYS A 688 -0.03 -10.30 9.59
C LYS A 688 0.58 -10.31 8.19
N ARG A 689 1.58 -9.44 7.99
CA ARG A 689 2.16 -9.26 6.67
C ARG A 689 3.14 -10.37 6.30
N SER A 690 3.80 -10.97 7.29
CA SER A 690 4.79 -11.99 7.00
C SER A 690 4.12 -13.28 6.52
N PRO A 691 4.64 -13.91 5.46
CA PRO A 691 4.03 -15.17 5.01
C PRO A 691 4.26 -16.33 5.96
N ASP A 692 5.28 -16.27 6.81
CA ASP A 692 5.52 -17.36 7.76
C ASP A 692 4.42 -17.44 8.81
N LEU A 693 3.74 -16.33 9.08
CA LEU A 693 2.66 -16.34 10.05
C LEU A 693 1.45 -17.11 9.57
N GLN A 694 1.30 -17.28 8.26
CA GLN A 694 0.20 -18.04 7.65
C GLN A 694 -1.16 -17.46 8.03
N GLY A 695 -1.23 -16.16 8.28
CA GLY A 695 -2.48 -15.47 8.58
C GLY A 695 -2.59 -14.98 9.99
N SER A 696 -1.86 -15.57 10.94
CA SER A 696 -1.93 -15.13 12.32
C SER A 696 -1.25 -13.78 12.50
N TRP A 697 -1.73 -13.02 13.48
CA TRP A 697 -1.19 -11.69 13.74
C TRP A 697 0.10 -11.80 14.57
N GLN A 698 0.75 -10.65 14.75
CA GLN A 698 1.97 -10.57 15.55
C GLN A 698 2.25 -9.10 15.83
N TRP A 699 2.96 -8.87 16.93
CA TRP A 699 3.40 -7.53 17.30
C TRP A 699 4.78 -7.27 16.72
N SER A 700 5.02 -6.01 16.34
CA SER A 700 6.27 -5.66 15.67
C SER A 700 7.47 -5.68 16.63
N ASP A 701 7.23 -5.66 17.94
CA ASP A 701 8.31 -5.64 18.92
C ASP A 701 8.55 -7.02 19.53
N ARG A 702 8.15 -8.09 18.85
CA ARG A 702 8.37 -9.47 19.28
C ARG A 702 7.76 -9.70 20.67
N THR A 703 6.46 -9.44 20.77
CA THR A 703 5.69 -9.69 21.97
C THR A 703 4.49 -10.56 21.62
N PRO A 704 4.25 -11.67 22.33
CA PRO A 704 3.17 -12.58 21.94
C PRO A 704 1.81 -11.96 22.15
N VAL A 705 0.98 -12.00 21.09
CA VAL A 705 -0.39 -11.53 21.19
C VAL A 705 -1.20 -12.49 22.05
N SER A 706 -1.94 -11.93 23.01
CA SER A 706 -2.69 -12.76 23.95
C SER A 706 -4.13 -12.29 24.19
N THR A 707 -4.55 -11.17 23.59
CA THR A 707 -5.88 -10.63 23.84
C THR A 707 -6.64 -10.48 22.54
N ILE A 708 -7.97 -10.41 22.67
CA ILE A 708 -8.86 -10.17 21.54
C ILE A 708 -8.81 -8.68 21.18
N ILE A 709 -8.32 -8.38 19.98
CA ILE A 709 -8.15 -6.99 19.57
C ILE A 709 -8.92 -6.70 18.29
N MET A 710 -9.12 -7.71 17.45
CA MET A 710 -9.76 -7.50 16.15
C MET A 710 -11.05 -8.31 16.03
N PRO A 711 -12.10 -7.70 15.50
CA PRO A 711 -13.32 -8.45 15.19
C PRO A 711 -13.15 -9.21 13.87
N ASN A 712 -14.21 -9.87 13.44
CA ASN A 712 -14.22 -10.66 12.21
C ASN A 712 -15.12 -9.96 11.19
N GLU A 713 -14.53 -9.13 10.35
CA GLU A 713 -15.25 -8.46 9.27
C GLU A 713 -15.00 -9.21 7.98
N PHE A 714 -16.08 -9.63 7.32
CA PHE A 714 -16.00 -10.42 6.10
C PHE A 714 -15.64 -9.53 4.92
N GLN A 715 -14.41 -9.02 4.96
CA GLN A 715 -13.92 -8.15 3.90
C GLN A 715 -13.58 -8.96 2.66
N GLN A 716 -13.57 -8.27 1.52
CA GLN A 716 -13.30 -8.93 0.25
C GLN A 716 -11.81 -9.21 0.05
N ASP A 717 -10.94 -8.36 0.57
CA ASP A 717 -9.51 -8.53 0.40
C ASP A 717 -8.81 -8.69 1.74
N TYR A 718 -9.37 -9.52 2.61
CA TYR A 718 -8.82 -9.70 3.96
C TYR A 718 -7.37 -10.16 3.91
N ASP A 719 -6.98 -10.88 2.86
CA ASP A 719 -5.60 -11.35 2.76
C ASP A 719 -4.64 -10.21 2.42
N ILE A 720 -5.15 -9.15 1.78
CA ILE A 720 -4.28 -8.05 1.37
C ILE A 720 -4.07 -7.06 2.51
N ARG A 721 -5.17 -6.55 3.07
CA ARG A 721 -5.09 -5.61 4.19
C ARG A 721 -4.63 -6.37 5.43
N ASP A 722 -3.35 -6.25 5.76
CA ASP A 722 -2.74 -6.99 6.86
C ASP A 722 -2.07 -6.05 7.85
N CYS A 723 -2.71 -4.92 8.13
CA CYS A 723 -2.24 -4.00 9.15
C CYS A 723 -3.42 -3.59 10.01
N ALA A 724 -3.14 -3.29 11.28
CA ALA A 724 -4.18 -2.96 12.25
C ALA A 724 -4.17 -1.47 12.56
N ALA A 725 -5.34 -0.85 12.50
CA ALA A 725 -5.50 0.57 12.79
C ALA A 725 -6.52 0.75 13.90
N VAL A 726 -6.21 1.67 14.82
CA VAL A 726 -7.06 1.95 15.98
C VAL A 726 -7.81 3.25 15.74
N LYS A 727 -9.03 3.32 16.26
CA LYS A 727 -9.88 4.49 16.13
C LYS A 727 -10.09 5.15 17.48
N VAL A 728 -10.02 6.48 17.51
CA VAL A 728 -10.24 7.26 18.71
C VAL A 728 -11.55 8.02 18.58
N PHE A 729 -12.25 8.16 19.69
CA PHE A 729 -13.53 8.86 19.74
C PHE A 729 -13.46 10.01 20.72
N HIS A 730 -14.25 11.05 20.45
CA HIS A 730 -14.34 12.21 21.33
C HIS A 730 -15.52 12.05 22.30
N ARG A 731 -15.48 10.96 23.06
CA ARG A 731 -16.54 10.65 24.00
C ARG A 731 -15.96 10.09 25.31
N HIS A 738 -12.95 0.52 21.95
CA HIS A 738 -11.76 -0.01 21.29
C HIS A 738 -12.11 -0.61 19.93
N PHE A 739 -12.31 0.27 18.95
CA PHE A 739 -12.67 -0.14 17.59
C PHE A 739 -11.41 -0.26 16.75
N TYR A 740 -11.09 -1.48 16.33
CA TYR A 740 -9.91 -1.76 15.53
C TYR A 740 -10.33 -2.27 14.15
N ASP A 741 -9.66 -1.77 13.12
CA ASP A 741 -9.94 -2.20 11.76
C ASP A 741 -8.67 -2.69 11.08
N ASP A 742 -8.84 -3.36 9.95
CA ASP A 742 -7.74 -3.92 9.18
C ASP A 742 -7.56 -3.07 7.92
N ARG A 743 -6.50 -2.27 7.91
CA ARG A 743 -6.13 -1.46 6.76
C ARG A 743 -4.94 -2.08 6.04
N GLU A 744 -4.79 -1.72 4.77
CA GLU A 744 -3.66 -2.19 3.99
C GLU A 744 -2.38 -1.46 4.40
N PHE A 745 -1.25 -2.02 3.96
CA PHE A 745 0.04 -1.42 4.26
C PHE A 745 0.39 -0.27 3.31
N ILE A 746 -0.58 0.22 2.54
CA ILE A 746 -0.35 1.30 1.61
C ILE A 746 -1.00 2.61 2.06
N TYR A 747 -2.02 2.56 2.90
CA TYR A 747 -2.72 3.77 3.31
C TYR A 747 -1.85 4.62 4.23
N LEU A 748 -1.95 5.94 4.06
CA LEU A 748 -1.22 6.89 4.90
C LEU A 748 -2.03 7.16 6.16
N ARG A 749 -1.32 7.32 7.29
CA ARG A 749 -1.98 7.40 8.58
C ARG A 749 -1.03 7.90 9.67
N PRO A 750 -1.50 8.72 10.60
CA PRO A 750 -0.66 9.11 11.74
C PRO A 750 -0.39 7.91 12.63
N PHE A 751 0.55 8.09 13.56
CA PHE A 751 1.02 6.99 14.38
C PHE A 751 1.40 7.51 15.77
N ALA A 752 1.84 6.58 16.62
CA ALA A 752 2.23 6.91 17.99
C ALA A 752 3.24 5.87 18.44
N CYS A 753 4.51 6.28 18.52
CA CYS A 753 5.54 5.35 18.96
C CYS A 753 5.51 5.21 20.48
N ASP A 754 6.09 4.13 20.98
CA ASP A 754 6.17 3.90 22.42
C ASP A 754 7.50 3.24 22.76
N THR A 755 8.07 3.67 23.89
CA THR A 755 9.33 3.13 24.39
C THR A 755 9.13 2.60 25.80
N LYS A 756 10.01 1.69 26.20
CA LYS A 756 9.94 1.10 27.52
C LYS A 756 10.36 2.12 28.58
N LEU A 757 9.88 1.90 29.80
CA LEU A 757 10.16 2.84 30.88
C LEU A 757 11.62 2.86 31.29
N GLU A 758 12.39 1.82 30.93
CA GLU A 758 13.80 1.76 31.29
C GLU A 758 14.74 1.96 30.12
N TRP A 759 14.28 1.78 28.88
CA TRP A 759 15.13 1.93 27.73
C TRP A 759 15.22 3.38 27.28
N VAL A 760 16.35 3.74 26.68
CA VAL A 760 16.58 5.08 26.19
C VAL A 760 16.27 5.13 24.71
N CYS A 761 15.94 6.31 24.21
CA CYS A 761 15.56 6.50 22.83
C CYS A 761 16.77 6.92 21.99
N GLN A 762 16.56 7.06 20.68
CA GLN A 762 17.60 7.45 19.75
C GLN A 762 17.24 8.79 19.10
N ILE A 763 18.25 9.43 18.52
CA ILE A 763 18.09 10.75 17.91
C ILE A 763 18.90 10.85 16.62
N PRO A 764 18.53 10.11 15.57
CA PRO A 764 19.38 10.03 14.37
C PRO A 764 19.14 11.19 13.40
N LYS A 765 19.53 12.40 13.83
CA LYS A 765 19.46 13.60 12.99
C LYS A 765 18.04 13.84 12.47
N GLY A 766 17.07 13.79 13.37
CA GLY A 766 15.68 13.94 12.99
C GLY A 766 14.99 15.14 13.60
N ARG A 767 13.99 14.89 14.45
CA ARG A 767 13.16 15.96 14.99
C ARG A 767 13.82 16.65 16.18
N THR A 768 14.02 15.90 17.27
CA THR A 768 14.59 16.48 18.48
C THR A 768 16.06 16.87 18.33
N PRO A 769 16.95 16.06 17.71
CA PRO A 769 18.37 16.45 17.66
C PRO A 769 18.64 17.62 16.73
N LYS A 770 17.57 18.23 16.22
CA LYS A 770 17.67 19.49 15.50
C LYS A 770 17.85 20.68 16.43
N THR A 771 17.95 20.45 17.74
CA THR A 771 18.11 21.52 18.73
C THR A 771 19.42 22.27 18.52
N PRO A 772 20.57 21.60 18.30
CA PRO A 772 21.77 22.36 17.88
C PRO A 772 21.71 22.72 16.42
N ASP A 773 20.97 21.93 15.65
CA ASP A 773 20.77 22.19 14.23
C ASP A 773 19.79 23.32 13.97
N TRP A 774 19.19 23.89 15.03
CA TRP A 774 18.35 25.08 14.90
C TRP A 774 19.10 26.35 15.28
N TYR A 775 20.27 26.24 15.89
CA TYR A 775 21.04 27.39 16.34
C TYR A 775 22.36 27.54 15.57
N ASN A 776 23.15 26.47 15.45
CA ASN A 776 24.45 26.61 14.80
C ASN A 776 24.34 26.75 13.29
N PRO A 777 23.77 25.78 12.55
CA PRO A 777 23.75 25.94 11.08
C PRO A 777 22.77 26.99 10.61
N ASP A 778 21.67 27.21 11.33
CA ASP A 778 20.74 28.26 10.94
C ASP A 778 21.42 29.63 10.98
N ARG A 779 22.11 29.93 12.09
CA ARG A 779 22.83 31.20 12.17
C ARG A 779 23.99 31.25 11.20
N ALA A 780 24.68 30.12 10.99
CA ALA A 780 25.79 30.09 10.06
C ALA A 780 25.33 30.38 8.63
N GLY A 781 24.13 29.93 8.27
CA GLY A 781 23.60 30.20 6.96
C GLY A 781 22.97 31.57 6.84
N ILE A 782 22.44 32.11 7.94
CA ILE A 782 21.89 33.45 7.90
C ILE A 782 22.99 34.51 7.88
N HIS A 783 24.18 34.18 8.40
CA HIS A 783 25.27 35.14 8.44
C HIS A 783 26.03 35.18 7.12
N GLY A 784 26.62 34.06 6.72
CA GLY A 784 27.47 34.01 5.55
C GLY A 784 26.72 33.99 4.24
N PRO A 785 25.97 32.92 3.98
CA PRO A 785 25.22 32.81 2.72
C PRO A 785 24.16 33.90 2.62
N PRO A 786 24.23 34.74 1.59
CA PRO A 786 23.21 35.78 1.42
C PRO A 786 21.91 35.23 0.88
N LEU A 787 20.95 36.11 0.59
CA LEU A 787 19.67 35.71 0.04
C LEU A 787 19.80 35.38 -1.44
N ILE A 788 19.24 34.24 -1.84
CA ILE A 788 19.30 33.82 -3.23
C ILE A 788 18.44 34.75 -4.09
N ILE A 789 18.89 35.03 -5.31
CA ILE A 789 18.21 35.98 -6.18
C ILE A 789 16.78 35.54 -6.41
N GLU A 790 15.83 36.42 -6.08
CA GLU A 790 14.40 36.20 -6.26
C GLU A 790 13.95 34.94 -5.51
N GLY A 791 14.11 34.98 -4.20
CA GLY A 791 13.74 33.86 -3.36
C GLY A 791 14.12 34.12 -1.92
N SER A 792 13.70 33.19 -1.06
CA SER A 792 13.99 33.28 0.36
C SER A 792 15.40 32.77 0.63
N GLU A 793 15.73 32.58 1.91
CA GLU A 793 17.04 32.07 2.27
C GLU A 793 17.11 30.57 2.04
N TYR A 794 18.28 30.10 1.60
CA TYR A 794 18.52 28.69 1.32
C TYR A 794 19.71 28.22 2.15
N TRP A 795 19.46 27.38 3.14
CA TRP A 795 20.53 26.79 3.93
C TRP A 795 21.09 25.59 3.18
N PHE A 796 22.40 25.61 2.91
CA PHE A 796 23.06 24.57 2.12
C PHE A 796 23.61 23.52 3.08
N VAL A 797 22.79 22.50 3.35
CA VAL A 797 23.19 21.41 4.23
C VAL A 797 24.10 20.49 3.43
N ALA A 798 25.41 20.65 3.61
CA ALA A 798 26.44 19.80 3.03
C ALA A 798 27.20 19.11 4.16
N ASP A 799 28.17 18.28 3.79
CA ASP A 799 28.95 17.48 4.72
C ASP A 799 28.08 16.57 5.57
N LEU A 800 26.83 16.36 5.16
CA LEU A 800 25.89 15.49 5.88
C LEU A 800 24.99 14.85 4.82
N HIS A 801 25.37 13.66 4.39
CA HIS A 801 24.66 12.95 3.33
C HIS A 801 23.54 12.11 3.92
N LEU A 802 22.31 12.36 3.49
CA LEU A 802 21.14 11.67 3.99
C LEU A 802 20.27 11.20 2.83
N ASN A 803 19.39 10.24 3.12
CA ASN A 803 18.46 9.74 2.12
C ASN A 803 17.42 10.81 1.81
N TYR A 804 16.57 10.53 0.82
CA TYR A 804 15.53 11.47 0.46
C TYR A 804 14.53 11.65 1.60
N GLU A 805 14.09 10.55 2.20
CA GLU A 805 13.17 10.63 3.33
C GLU A 805 13.82 11.36 4.51
N GLU A 806 15.08 11.04 4.80
CA GLU A 806 15.78 11.71 5.88
C GLU A 806 16.02 13.18 5.57
N ALA A 807 16.33 13.52 4.31
CA ALA A 807 16.51 14.91 3.94
C ALA A 807 15.21 15.69 4.09
N VAL A 808 14.08 15.09 3.69
CA VAL A 808 12.80 15.77 3.84
C VAL A 808 12.45 15.93 5.31
N LEU A 809 12.75 14.92 6.14
CA LEU A 809 12.49 15.04 7.56
C LEU A 809 13.39 16.09 8.22
N TYR A 810 14.60 16.28 7.67
CA TYR A 810 15.53 17.25 8.24
C TYR A 810 15.16 18.67 7.85
N CYS A 811 14.84 18.90 6.57
CA CYS A 811 14.49 20.25 6.12
C CYS A 811 13.17 20.69 6.72
N ALA A 812 12.16 19.83 6.66
CA ALA A 812 10.83 20.20 7.13
C ALA A 812 10.83 20.43 8.63
N SER A 813 10.33 21.60 9.04
CA SER A 813 10.26 21.98 10.45
C SER A 813 9.05 22.88 10.63
N ASN A 814 9.03 23.64 11.73
CA ASN A 814 7.92 24.55 11.99
C ASN A 814 7.75 25.54 10.85
N HIS A 815 8.85 26.07 10.32
CA HIS A 815 8.76 26.99 9.19
C HIS A 815 9.64 26.57 8.02
N SER A 816 10.83 26.03 8.28
CA SER A 816 11.70 25.61 7.20
C SER A 816 11.20 24.30 6.59
N PHE A 817 11.52 24.10 5.32
CA PHE A 817 11.09 22.91 4.60
C PHE A 817 12.08 22.64 3.47
N LEU A 818 11.76 21.64 2.65
CA LEU A 818 12.64 21.28 1.54
C LEU A 818 12.59 22.35 0.46
N ALA A 819 13.75 22.66 -0.10
CA ALA A 819 13.87 23.75 -1.07
C ALA A 819 13.14 23.39 -2.36
N THR A 820 12.09 24.14 -2.67
CA THR A 820 11.37 23.99 -3.94
C THR A 820 11.84 25.05 -4.91
N ILE A 821 12.27 24.61 -6.09
CA ILE A 821 12.76 25.50 -7.14
C ILE A 821 11.70 25.59 -8.21
N THR A 822 11.18 26.81 -8.43
CA THR A 822 10.14 27.05 -9.41
C THR A 822 10.52 28.11 -10.43
N SER A 823 11.70 28.69 -10.34
CA SER A 823 12.15 29.75 -11.24
C SER A 823 13.46 29.37 -11.88
N PHE A 824 13.70 29.91 -13.09
CA PHE A 824 14.96 29.69 -13.77
C PHE A 824 16.08 30.53 -13.17
N VAL A 825 15.74 31.73 -12.67
CA VAL A 825 16.74 32.56 -11.99
C VAL A 825 17.22 31.87 -10.73
N GLY A 826 16.29 31.35 -9.91
CA GLY A 826 16.69 30.60 -8.74
C GLY A 826 17.45 29.33 -9.09
N LEU A 827 17.09 28.70 -10.20
CA LEU A 827 17.81 27.52 -10.65
C LEU A 827 19.26 27.85 -10.98
N LYS A 828 19.48 28.93 -11.74
CA LYS A 828 20.84 29.34 -12.06
C LYS A 828 21.60 29.73 -10.80
N ALA A 829 20.93 30.41 -9.87
CA ALA A 829 21.60 30.84 -8.64
C ALA A 829 22.06 29.64 -7.81
N ILE A 830 21.16 28.66 -7.62
CA ILE A 830 21.54 27.49 -6.83
C ILE A 830 22.56 26.65 -7.57
N LYS A 831 22.52 26.63 -8.91
CA LYS A 831 23.53 25.90 -9.65
C LYS A 831 24.91 26.53 -9.45
N ASN A 832 24.99 27.86 -9.53
CA ASN A 832 26.26 28.53 -9.28
C ASN A 832 26.74 28.31 -7.85
N LYS A 833 25.82 28.36 -6.89
CA LYS A 833 26.22 28.16 -5.50
C LYS A 833 26.70 26.74 -5.24
N ILE A 834 26.09 25.74 -5.91
CA ILE A 834 26.56 24.37 -5.79
C ILE A 834 27.93 24.22 -6.44
N ALA A 835 28.11 24.82 -7.61
CA ALA A 835 29.42 24.74 -8.27
C ALA A 835 30.50 25.42 -7.46
N ASN A 836 30.15 26.44 -6.67
CA ASN A 836 31.11 27.14 -5.84
C ASN A 836 31.34 26.47 -4.49
N ILE A 837 30.36 25.74 -3.98
CA ILE A 837 30.44 25.20 -2.61
C ILE A 837 31.00 23.78 -2.61
N SER A 838 30.40 22.88 -3.37
CA SER A 838 30.78 21.47 -3.35
C SER A 838 31.52 21.04 -4.61
N GLY A 839 30.95 21.28 -5.79
CA GLY A 839 31.60 20.87 -7.03
C GLY A 839 30.61 20.40 -8.07
N ASP A 840 31.11 20.12 -9.27
CA ASP A 840 30.28 19.70 -10.39
C ASP A 840 30.02 18.19 -10.42
N GLY A 841 30.36 17.48 -9.35
CA GLY A 841 30.15 16.05 -9.31
C GLY A 841 29.10 15.62 -8.30
N GLN A 842 28.99 16.36 -7.20
CA GLN A 842 28.03 16.01 -6.16
C GLN A 842 26.60 16.29 -6.62
N LYS A 843 25.65 15.61 -5.99
CA LYS A 843 24.24 15.75 -6.29
C LYS A 843 23.50 16.24 -5.06
N TRP A 844 22.39 16.94 -5.28
CA TRP A 844 21.60 17.54 -4.21
C TRP A 844 20.13 17.25 -4.46
N TRP A 845 19.39 17.05 -3.36
CA TRP A 845 17.97 16.77 -3.43
C TRP A 845 17.20 18.08 -3.61
N ILE A 846 16.56 18.24 -4.77
CA ILE A 846 15.79 19.43 -5.08
C ILE A 846 14.43 19.00 -5.62
N ARG A 847 13.39 19.70 -5.20
CA ARG A 847 12.04 19.50 -5.72
C ARG A 847 11.79 20.57 -6.78
N ILE A 848 11.91 20.18 -8.05
CA ILE A 848 11.79 21.11 -9.17
C ILE A 848 10.35 21.09 -9.68
N SER A 849 9.74 22.26 -9.77
CA SER A 849 8.38 22.40 -10.27
C SER A 849 8.28 23.74 -10.98
N GLU A 850 7.06 24.11 -11.36
CA GLU A 850 6.80 25.39 -12.01
C GLU A 850 6.12 26.39 -11.08
N TRP A 851 5.26 25.92 -10.19
CA TRP A 851 4.56 26.75 -9.22
C TRP A 851 4.70 26.13 -7.83
N PRO A 852 4.66 26.94 -6.78
CA PRO A 852 4.82 26.39 -5.42
C PRO A 852 3.73 25.38 -5.08
N ILE A 853 4.12 24.13 -4.89
CA ILE A 853 3.16 23.07 -4.60
C ILE A 853 2.88 23.04 -3.10
N ASP A 854 1.65 22.67 -2.75
CA ASP A 854 1.22 22.58 -1.37
C ASP A 854 1.29 21.12 -0.92
N ASP A 855 1.95 20.88 0.22
CA ASP A 855 2.07 19.53 0.74
C ASP A 855 0.74 19.00 1.28
N HIS A 856 -0.24 19.86 1.52
CA HIS A 856 -1.52 19.41 2.03
C HIS A 856 -2.33 18.72 0.94
N PHE A 857 -2.50 19.39 -0.20
CA PHE A 857 -3.25 18.86 -1.33
C PHE A 857 -2.26 18.45 -2.41
N THR A 858 -2.14 17.14 -2.66
CA THR A 858 -1.18 16.65 -3.63
C THR A 858 -1.64 16.90 -5.06
N TYR A 859 -2.94 17.06 -5.27
CA TYR A 859 -3.56 17.30 -6.58
C TYR A 859 -3.29 16.17 -7.57
N SER A 860 -2.84 15.01 -7.10
CA SER A 860 -2.55 13.88 -7.98
C SER A 860 -3.78 12.98 -8.12
N ARG A 861 -4.88 13.59 -8.55
CA ARG A 861 -6.14 12.90 -8.75
C ARG A 861 -6.44 12.81 -10.24
N TYR A 862 -6.75 11.60 -10.70
CA TYR A 862 -7.11 11.42 -12.10
C TYR A 862 -8.49 12.02 -12.36
N PRO A 863 -8.66 12.77 -13.45
CA PRO A 863 -9.95 13.44 -13.69
C PRO A 863 -11.00 12.57 -14.34
N TRP A 864 -10.61 11.53 -15.09
CA TRP A 864 -11.57 10.77 -15.86
C TRP A 864 -12.10 9.54 -15.12
N HIS A 865 -11.24 8.86 -14.36
CA HIS A 865 -11.66 7.66 -13.65
C HIS A 865 -10.71 7.40 -12.49
N ARG A 866 -11.23 6.75 -11.46
CA ARG A 866 -10.44 6.36 -10.29
C ARG A 866 -10.03 4.91 -10.45
N PHE A 867 -8.97 4.71 -11.23
CA PHE A 867 -8.45 3.35 -11.45
C PHE A 867 -7.44 2.98 -10.37
N PRO A 868 -7.40 1.70 -9.96
CA PRO A 868 -6.56 1.29 -8.82
C PRO A 868 -5.07 1.17 -9.13
N VAL A 869 -4.38 2.33 -9.13
CA VAL A 869 -2.94 2.38 -9.28
C VAL A 869 -2.39 3.38 -8.28
N THR A 870 -1.48 2.93 -7.42
CA THR A 870 -0.82 3.79 -6.45
C THR A 870 0.48 4.30 -7.06
N PHE A 871 0.55 5.62 -7.29
CA PHE A 871 1.71 6.20 -7.92
C PHE A 871 2.88 6.30 -6.94
N GLY A 872 4.09 6.16 -7.47
CA GLY A 872 5.28 6.18 -6.66
C GLY A 872 5.64 7.58 -6.19
N GLU A 873 6.83 7.67 -5.62
CA GLU A 873 7.36 8.94 -5.11
C GLU A 873 8.20 9.62 -6.18
N GLU A 874 8.00 10.91 -6.36
CA GLU A 874 8.73 11.70 -7.34
C GLU A 874 9.88 12.41 -6.62
N CYS A 875 10.92 11.65 -6.31
CA CYS A 875 12.11 12.16 -5.62
C CYS A 875 13.18 12.47 -6.67
N LEU A 876 13.42 13.76 -6.89
CA LEU A 876 14.31 14.24 -7.93
C LEU A 876 15.67 14.60 -7.35
N TYR A 877 16.58 15.03 -8.23
CA TYR A 877 17.92 15.43 -7.83
C TYR A 877 18.49 16.38 -8.88
N MET A 878 19.61 17.01 -8.53
CA MET A 878 20.28 17.89 -9.48
C MET A 878 21.74 18.08 -9.08
N SER A 879 22.61 18.21 -10.07
CA SER A 879 24.03 18.47 -9.86
C SER A 879 24.40 19.84 -10.38
N ALA A 880 25.66 20.24 -10.12
CA ALA A 880 26.13 21.52 -10.61
C ALA A 880 26.33 21.50 -12.12
N LYS A 881 26.88 20.41 -12.65
CA LYS A 881 27.04 20.22 -14.08
C LYS A 881 25.99 19.23 -14.57
N THR A 882 25.62 19.40 -15.85
CA THR A 882 24.56 18.59 -16.47
C THR A 882 23.23 18.79 -15.74
N TRP A 883 22.93 20.05 -15.40
CA TRP A 883 21.67 20.37 -14.74
C TRP A 883 20.53 20.58 -15.73
N LEU A 884 20.84 20.85 -17.00
CA LEU A 884 19.81 21.05 -18.00
C LEU A 884 19.19 19.74 -18.47
N ILE A 885 19.82 18.61 -18.18
CA ILE A 885 19.33 17.32 -18.62
C ILE A 885 18.77 16.50 -17.47
N ASP A 886 19.46 16.50 -16.32
CA ASP A 886 19.06 15.69 -15.18
C ASP A 886 18.10 16.43 -14.24
N LEU A 887 17.37 17.42 -14.75
CA LEU A 887 16.40 18.12 -13.91
C LEU A 887 15.05 17.40 -13.92
N GLY A 888 14.77 16.62 -14.96
CA GLY A 888 13.53 15.88 -15.03
C GLY A 888 13.75 14.38 -15.05
N LYS A 889 14.84 13.92 -14.43
CA LYS A 889 15.17 12.50 -14.39
C LYS A 889 15.18 12.02 -12.96
N PRO A 890 14.26 11.15 -12.55
CA PRO A 890 14.30 10.60 -11.19
C PRO A 890 15.43 9.61 -11.01
N THR A 891 15.94 9.55 -9.78
CA THR A 891 17.07 8.70 -9.43
C THR A 891 16.67 7.73 -8.33
N ASP A 892 17.58 6.82 -8.03
CA ASP A 892 17.41 5.90 -6.91
C ASP A 892 17.58 6.70 -5.62
N CYS A 893 16.48 7.24 -5.10
CA CYS A 893 16.52 8.17 -3.99
C CYS A 893 16.57 7.50 -2.62
N SER A 894 17.02 6.25 -2.56
CA SER A 894 17.49 5.66 -1.31
C SER A 894 19.00 5.83 -1.19
N THR A 895 19.46 7.08 -1.37
CA THR A 895 20.88 7.39 -1.47
C THR A 895 21.20 8.58 -0.58
N LYS A 896 22.42 8.58 -0.02
CA LYS A 896 22.86 9.64 0.87
C LYS A 896 23.52 10.75 0.05
N LEU A 897 22.91 11.92 0.05
CA LEU A 897 23.40 13.07 -0.70
C LEU A 897 23.11 14.34 0.08
N PRO A 898 23.90 15.40 -0.12
CA PRO A 898 23.61 16.68 0.52
C PRO A 898 22.33 17.29 -0.03
N PHE A 899 21.90 18.39 0.59
CA PHE A 899 20.66 19.03 0.19
C PHE A 899 20.66 20.48 0.64
N ILE A 900 19.55 21.17 0.39
CA ILE A 900 19.36 22.54 0.84
C ILE A 900 17.93 22.69 1.34
N CYS A 901 17.75 23.57 2.31
CA CYS A 901 16.45 23.82 2.93
C CYS A 901 16.02 25.27 2.67
N GLU A 902 14.75 25.45 2.34
CA GLU A 902 14.16 26.76 2.14
C GLU A 902 13.37 27.16 3.38
N LYS A 903 13.08 28.46 3.49
CA LYS A 903 12.44 29.04 4.66
C LYS A 903 11.09 29.65 4.28
N TYR A 904 10.07 29.36 5.08
CA TYR A 904 8.77 30.00 4.91
C TYR A 904 8.81 31.41 5.48
N ASN A 905 8.12 32.33 4.80
CA ASN A 905 8.03 33.71 5.24
C ASN A 905 6.70 33.95 5.97
N VAL A 906 6.45 35.19 6.34
CA VAL A 906 5.22 35.56 7.02
C VAL A 906 4.07 35.49 6.01
N SER A 907 3.22 34.48 6.17
CA SER A 907 2.08 34.28 5.27
C SER A 907 0.80 34.91 5.82
N SER A 908 0.41 34.54 7.03
CA SER A 908 -0.80 35.06 7.67
C SER A 908 -0.48 36.14 8.69
N LEU A 909 0.59 36.91 8.49
CA LEU A 909 0.98 37.97 9.40
C LEU A 909 0.86 39.36 8.80
N GLU A 910 0.72 39.48 7.49
CA GLU A 910 0.62 40.79 6.85
C GLU A 910 -0.79 41.35 6.97
N LYS A 911 -0.88 42.63 7.30
CA LYS A 911 -2.15 43.32 7.45
C LYS A 911 -2.08 44.65 6.71
N TYR A 912 -3.08 44.92 5.88
CA TYR A 912 -3.12 46.14 5.08
C TYR A 912 -4.58 46.57 4.94
N SER A 913 -4.83 47.50 4.02
CA SER A 913 -6.15 48.03 3.71
C SER A 913 -6.79 48.64 4.96
N PRO A 914 -6.30 49.79 5.41
CA PRO A 914 -6.87 50.39 6.63
C PRO A 914 -8.30 50.88 6.43
N ASP A 915 -8.70 51.18 5.20
CA ASP A 915 -10.06 51.64 4.93
C ASP A 915 -11.04 50.51 5.17
N SER A 916 -11.91 50.66 6.18
CA SER A 916 -12.87 49.63 6.55
C SER A 916 -14.30 50.01 6.20
N ALA A 917 -14.77 51.18 6.65
CA ALA A 917 -16.13 51.61 6.38
C ALA A 917 -16.26 52.51 5.16
N ALA A 918 -15.15 53.06 4.67
CA ALA A 918 -15.21 53.95 3.51
C ALA A 918 -15.38 53.15 2.21
N LYS A 919 -14.52 52.16 1.99
CA LYS A 919 -14.55 51.39 0.75
C LYS A 919 -15.62 50.30 0.75
N VAL A 920 -16.29 50.07 1.88
CA VAL A 920 -17.33 49.04 1.98
C VAL A 920 -18.59 49.61 1.34
N GLN A 921 -18.92 49.13 0.14
CA GLN A 921 -20.11 49.59 -0.57
C GLN A 921 -20.57 48.46 -1.48
N CYS A 922 -21.64 47.77 -1.07
CA CYS A 922 -22.20 46.65 -1.82
C CYS A 922 -23.55 47.08 -2.40
N SER A 923 -23.57 47.42 -3.69
CA SER A 923 -24.78 47.85 -4.36
C SER A 923 -25.48 46.65 -4.98
N GLU A 924 -26.48 46.91 -5.83
CA GLU A 924 -27.25 45.84 -6.47
C GLU A 924 -26.49 45.15 -7.59
N GLN A 925 -25.40 45.75 -8.08
CA GLN A 925 -24.58 45.14 -9.11
C GLN A 925 -23.44 44.31 -8.53
N TRP A 926 -23.59 43.86 -7.28
CA TRP A 926 -22.50 43.28 -6.51
C TRP A 926 -22.99 42.02 -5.81
N ILE A 927 -22.20 40.95 -5.89
CA ILE A 927 -22.50 39.68 -5.22
C ILE A 927 -21.47 39.49 -4.11
N PRO A 928 -21.89 39.46 -2.84
CA PRO A 928 -20.92 39.37 -1.74
C PRO A 928 -20.57 37.93 -1.36
N PHE A 929 -19.30 37.74 -1.00
CA PHE A 929 -18.81 36.47 -0.49
C PHE A 929 -17.89 36.72 0.70
N GLN A 930 -17.27 35.67 1.22
CA GLN A 930 -16.53 35.76 2.48
C GLN A 930 -15.45 36.84 2.39
N ASN A 931 -15.66 37.93 3.12
CA ASN A 931 -14.77 39.08 3.23
C ASN A 931 -14.48 39.75 1.89
N LYS A 932 -15.27 39.50 0.85
CA LYS A 932 -15.03 40.15 -0.44
C LYS A 932 -16.35 40.26 -1.19
N CYS A 933 -16.27 40.77 -2.41
CA CYS A 933 -17.47 40.91 -3.22
C CYS A 933 -17.07 41.06 -4.69
N PHE A 934 -17.90 40.52 -5.58
CA PHE A 934 -17.60 40.47 -7.00
C PHE A 934 -18.61 41.26 -7.80
N LEU A 935 -18.19 41.70 -8.98
CA LEU A 935 -19.02 42.44 -9.93
C LEU A 935 -18.78 41.90 -11.33
N LYS A 936 -19.84 41.81 -12.12
CA LYS A 936 -19.80 41.25 -13.46
C LYS A 936 -19.93 42.35 -14.50
N ILE A 937 -19.26 42.18 -15.64
CA ILE A 937 -19.32 43.12 -16.75
C ILE A 937 -19.73 42.34 -18.00
N LYS A 938 -19.83 43.03 -19.13
CA LYS A 938 -20.12 42.36 -20.39
C LYS A 938 -18.93 41.49 -20.81
N PRO A 939 -19.18 40.47 -21.65
CA PRO A 939 -18.10 39.54 -22.00
C PRO A 939 -17.17 40.06 -23.09
N VAL A 940 -17.16 41.38 -23.31
CA VAL A 940 -16.31 42.01 -24.33
C VAL A 940 -14.86 41.61 -24.10
N SER A 941 -14.08 41.50 -25.18
CA SER A 941 -12.72 41.01 -25.14
C SER A 941 -11.72 42.16 -25.04
N LEU A 942 -10.78 42.03 -24.11
CA LEU A 942 -9.71 43.00 -23.92
C LEU A 942 -8.47 42.25 -23.46
N THR A 943 -7.32 42.90 -23.61
CA THR A 943 -6.07 42.32 -23.10
C THR A 943 -5.97 42.54 -21.60
N PHE A 944 -4.90 42.01 -21.01
CA PHE A 944 -4.73 42.12 -19.57
C PHE A 944 -4.45 43.55 -19.15
N SER A 945 -3.57 44.25 -19.88
CA SER A 945 -3.27 45.64 -19.54
C SER A 945 -4.49 46.53 -19.68
N GLN A 946 -5.41 46.18 -20.57
CA GLN A 946 -6.67 46.91 -20.69
C GLN A 946 -7.71 46.45 -19.68
N ALA A 947 -7.76 45.15 -19.39
CA ALA A 947 -8.70 44.64 -18.39
C ALA A 947 -8.39 45.21 -17.01
N SER A 948 -7.12 45.50 -16.73
CA SER A 948 -6.75 46.10 -15.45
C SER A 948 -7.49 47.43 -15.25
N ASP A 949 -7.31 48.36 -16.19
CA ASP A 949 -8.00 49.64 -16.07
C ASP A 949 -9.50 49.52 -16.30
N THR A 950 -9.95 48.47 -16.97
CA THR A 950 -11.40 48.23 -17.09
C THR A 950 -12.02 47.90 -15.75
N CYS A 951 -11.38 47.03 -14.97
CA CYS A 951 -11.82 46.80 -13.60
C CYS A 951 -11.61 48.03 -12.74
N HIS A 952 -10.55 48.80 -13.01
CA HIS A 952 -10.28 50.02 -12.25
C HIS A 952 -11.30 51.12 -12.54
N SER A 953 -12.01 51.06 -13.67
CA SER A 953 -13.10 51.99 -13.91
C SER A 953 -14.16 51.89 -12.82
N TYR A 954 -14.44 50.66 -12.36
CA TYR A 954 -15.23 50.45 -11.16
C TYR A 954 -14.31 50.45 -9.94
N GLY A 955 -14.91 50.41 -8.75
CA GLY A 955 -14.13 50.34 -7.54
C GLY A 955 -13.81 48.91 -7.15
N GLY A 956 -12.55 48.51 -7.28
CA GLY A 956 -12.14 47.18 -6.93
C GLY A 956 -10.90 46.76 -7.70
N THR A 957 -10.71 45.44 -7.79
CA THR A 957 -9.54 44.86 -8.41
C THR A 957 -9.96 43.62 -9.18
N LEU A 958 -9.04 43.08 -9.98
CA LEU A 958 -9.30 41.82 -10.68
C LEU A 958 -9.47 40.68 -9.68
N PRO A 959 -10.25 39.65 -10.02
CA PRO A 959 -10.53 38.59 -9.04
C PRO A 959 -9.29 37.79 -8.65
N SER A 960 -8.87 37.92 -7.40
CA SER A 960 -7.70 37.22 -6.89
C SER A 960 -8.17 36.04 -6.02
N VAL A 961 -7.65 34.86 -6.32
CA VAL A 961 -8.02 33.62 -5.63
C VAL A 961 -6.93 33.27 -4.65
N LEU A 962 -7.32 33.07 -3.38
CA LEU A 962 -6.39 32.67 -2.34
C LEU A 962 -6.79 31.38 -1.63
N SER A 963 -8.00 30.88 -1.88
CA SER A 963 -8.48 29.65 -1.27
C SER A 963 -9.26 28.86 -2.31
N GLN A 964 -9.65 27.64 -1.93
CA GLN A 964 -10.37 26.78 -2.88
C GLN A 964 -11.81 27.22 -3.06
N ILE A 965 -12.45 27.69 -1.99
CA ILE A 965 -13.86 28.06 -2.07
C ILE A 965 -14.08 29.31 -2.91
N GLU A 966 -13.11 30.23 -2.95
CA GLU A 966 -13.21 31.36 -3.87
C GLU A 966 -13.17 30.91 -5.31
N GLN A 967 -12.29 29.96 -5.63
CA GLN A 967 -12.27 29.36 -6.96
C GLN A 967 -13.60 28.68 -7.26
N ASP A 968 -14.20 28.05 -6.25
CA ASP A 968 -15.50 27.40 -6.45
C ASP A 968 -16.59 28.44 -6.72
N PHE A 969 -16.55 29.57 -6.03
CA PHE A 969 -17.52 30.63 -6.29
C PHE A 969 -17.36 31.18 -7.70
N ILE A 970 -16.10 31.39 -8.13
CA ILE A 970 -15.86 31.85 -9.50
C ILE A 970 -16.35 30.82 -10.51
N THR A 971 -16.16 29.53 -10.22
CA THR A 971 -16.63 28.49 -11.12
C THR A 971 -18.15 28.45 -11.18
N SER A 972 -18.82 28.74 -10.06
CA SER A 972 -20.28 28.77 -10.06
C SER A 972 -20.81 29.98 -10.79
N LEU A 973 -20.08 31.10 -10.77
CA LEU A 973 -20.45 32.25 -11.57
C LEU A 973 -20.07 32.10 -13.04
N LEU A 974 -19.18 31.16 -13.36
CA LEU A 974 -18.70 31.00 -14.72
C LEU A 974 -19.76 30.62 -15.76
N PRO A 975 -20.72 29.73 -15.47
CA PRO A 975 -21.63 29.27 -16.56
C PRO A 975 -22.30 30.38 -17.33
N ASP A 976 -22.69 31.47 -16.68
CA ASP A 976 -23.32 32.58 -17.38
C ASP A 976 -22.32 33.51 -18.06
N MET A 977 -21.03 33.32 -17.83
CA MET A 977 -20.00 34.16 -18.42
C MET A 977 -19.51 33.55 -19.73
N GLU A 978 -18.43 34.10 -20.27
CA GLU A 978 -17.88 33.65 -21.55
C GLU A 978 -17.04 32.39 -21.34
N ALA A 979 -16.31 31.98 -22.37
CA ALA A 979 -15.51 30.77 -22.34
C ALA A 979 -14.10 30.99 -21.79
N THR A 980 -13.77 32.22 -21.40
CA THR A 980 -12.46 32.51 -20.84
C THR A 980 -12.57 33.77 -19.99
N LEU A 981 -12.01 33.72 -18.78
CA LEU A 981 -12.07 34.84 -17.85
C LEU A 981 -10.67 35.27 -17.46
N TRP A 982 -10.45 36.57 -17.32
CA TRP A 982 -9.16 37.09 -16.92
C TRP A 982 -9.07 37.06 -15.40
N ILE A 983 -8.30 36.11 -14.87
CA ILE A 983 -8.11 36.04 -13.42
C ILE A 983 -7.21 37.15 -12.92
N GLY A 984 -6.22 37.56 -13.72
CA GLY A 984 -5.47 38.76 -13.39
C GLY A 984 -4.30 38.59 -12.44
N LEU A 985 -3.34 37.74 -12.80
CA LEU A 985 -2.06 37.69 -12.09
C LEU A 985 -0.96 37.59 -13.14
N ARG A 986 0.02 38.49 -13.06
CA ARG A 986 1.07 38.60 -14.05
C ARG A 986 2.43 38.39 -13.39
N TRP A 987 3.33 37.72 -14.10
CA TRP A 987 4.68 37.50 -13.61
C TRP A 987 5.65 37.51 -14.78
N THR A 988 6.86 38.00 -14.52
CA THR A 988 7.89 37.97 -15.55
C THR A 988 8.24 36.53 -15.89
N ALA A 989 8.46 36.27 -17.17
CA ALA A 989 8.70 34.91 -17.63
C ALA A 989 9.99 34.36 -17.02
N TYR A 990 9.95 33.07 -16.68
CA TYR A 990 11.10 32.36 -16.10
C TYR A 990 11.52 33.01 -14.78
N GLU A 991 10.55 33.17 -13.89
CA GLU A 991 10.76 33.62 -12.52
C GLU A 991 9.59 33.12 -11.69
N LYS A 992 9.52 33.56 -10.44
CA LYS A 992 8.42 33.18 -9.57
C LYS A 992 7.24 34.13 -9.77
N ILE A 993 6.15 33.84 -9.07
CA ILE A 993 4.90 34.58 -9.18
C ILE A 993 4.60 35.21 -7.84
N ASN A 994 4.26 36.50 -7.86
CA ASN A 994 4.03 37.25 -6.64
C ASN A 994 3.00 38.35 -6.87
N LYS A 995 2.63 39.02 -5.78
CA LYS A 995 1.89 40.27 -5.76
C LYS A 995 0.41 40.10 -6.10
N TRP A 996 0.03 38.94 -6.66
CA TRP A 996 -1.35 38.60 -6.98
C TRP A 996 -2.15 39.79 -7.53
N THR A 997 -1.46 40.71 -8.19
CA THR A 997 -1.95 42.02 -8.66
C THR A 997 -2.57 42.85 -7.55
N ASP A 998 -2.52 42.38 -6.29
CA ASP A 998 -3.17 43.09 -5.19
C ASP A 998 -2.35 43.03 -3.89
N ASN A 999 -1.03 42.85 -3.98
CA ASN A 999 -0.16 42.81 -2.81
C ASN A 999 -0.55 41.70 -1.84
N ARG A 1000 -0.91 40.54 -2.39
CA ARG A 1000 -1.31 39.38 -1.60
C ARG A 1000 -0.38 38.22 -1.91
N GLU A 1001 0.14 37.58 -0.86
CA GLU A 1001 1.04 36.45 -1.05
C GLU A 1001 0.29 35.30 -1.72
N LEU A 1002 0.95 34.68 -2.71
CA LEU A 1002 0.35 33.59 -3.45
C LEU A 1002 0.30 32.35 -2.58
N THR A 1003 -0.91 31.97 -2.15
CA THR A 1003 -1.05 30.79 -1.30
C THR A 1003 -1.08 29.51 -2.11
N TYR A 1004 -1.94 29.44 -3.12
CA TYR A 1004 -2.05 28.25 -3.95
C TYR A 1004 -2.41 28.66 -5.37
N SER A 1005 -2.11 27.76 -6.31
CA SER A 1005 -2.44 27.95 -7.72
C SER A 1005 -3.02 26.65 -8.27
N ASN A 1006 -4.02 26.78 -9.12
CA ASN A 1006 -4.73 25.63 -9.69
C ASN A 1006 -4.34 25.48 -11.15
N PHE A 1007 -3.24 24.77 -11.39
CA PHE A 1007 -2.76 24.45 -12.73
C PHE A 1007 -2.73 22.94 -12.88
N HIS A 1008 -3.67 22.39 -13.64
CA HIS A 1008 -3.75 20.95 -13.80
C HIS A 1008 -2.55 20.44 -14.59
N PRO A 1009 -1.81 19.45 -14.08
CA PRO A 1009 -0.63 18.95 -14.82
C PRO A 1009 -0.98 18.24 -16.11
N LEU A 1010 -2.25 17.93 -16.37
CA LEU A 1010 -2.65 17.28 -17.61
C LEU A 1010 -3.00 18.28 -18.71
N LEU A 1011 -3.19 19.55 -18.37
CA LEU A 1011 -3.41 20.61 -19.35
C LEU A 1011 -2.26 21.58 -19.46
N VAL A 1012 -1.62 21.93 -18.34
CA VAL A 1012 -0.46 22.81 -18.33
C VAL A 1012 0.73 22.00 -17.82
N SER A 1013 1.84 22.03 -18.56
CA SER A 1013 3.00 21.25 -18.21
C SER A 1013 3.60 21.75 -16.89
N GLY A 1014 3.63 20.87 -15.89
CA GLY A 1014 4.14 21.24 -14.58
C GLY A 1014 5.66 21.24 -14.47
N ARG A 1015 6.37 20.79 -15.50
CA ARG A 1015 7.82 20.79 -15.46
C ARG A 1015 8.36 22.21 -15.58
N LEU A 1016 9.62 22.37 -15.21
CA LEU A 1016 10.25 23.68 -15.26
C LEU A 1016 10.53 24.09 -16.71
N ARG A 1017 10.32 25.36 -17.01
CA ARG A 1017 10.53 25.88 -18.35
C ARG A 1017 11.97 26.33 -18.51
N ILE A 1018 12.61 25.88 -19.58
CA ILE A 1018 14.01 26.23 -19.89
C ILE A 1018 14.00 27.15 -21.10
N PRO A 1019 14.31 28.44 -20.93
CA PRO A 1019 14.29 29.35 -22.08
C PRO A 1019 15.53 29.23 -22.94
N GLU A 1020 15.63 30.04 -23.99
CA GLU A 1020 16.87 30.15 -24.72
C GLU A 1020 17.90 30.90 -23.88
N ASN A 1021 19.10 30.33 -23.81
CA ASN A 1021 20.14 30.89 -22.95
C ASN A 1021 20.70 32.20 -23.46
N PHE A 1022 20.30 32.64 -24.65
CA PHE A 1022 20.73 33.91 -25.22
C PHE A 1022 19.53 34.84 -25.29
N PHE A 1023 19.45 35.77 -24.34
CA PHE A 1023 18.35 36.73 -24.30
C PHE A 1023 18.85 37.97 -23.56
N GLU A 1024 19.17 39.02 -24.31
CA GLU A 1024 19.70 40.24 -23.70
C GLU A 1024 18.68 40.89 -22.78
N GLU A 1025 17.54 41.34 -23.34
CA GLU A 1025 16.54 42.03 -22.55
C GLU A 1025 15.12 41.62 -22.92
N GLU A 1026 14.93 40.60 -23.74
CA GLU A 1026 13.59 40.18 -24.14
C GLU A 1026 12.91 39.43 -23.00
N SER A 1027 12.50 40.15 -21.97
CA SER A 1027 11.84 39.56 -20.80
C SER A 1027 10.34 39.79 -20.91
N ARG A 1028 9.68 38.90 -21.63
CA ARG A 1028 8.24 38.98 -21.80
C ARG A 1028 7.54 38.62 -20.49
N TYR A 1029 6.28 39.04 -20.38
CA TYR A 1029 5.46 38.78 -19.22
C TYR A 1029 4.46 37.66 -19.52
N HIS A 1030 4.00 37.00 -18.47
CA HIS A 1030 3.03 35.93 -18.57
C HIS A 1030 1.88 36.21 -17.62
N CYS A 1031 0.66 36.17 -18.15
CA CYS A 1031 -0.57 36.34 -17.38
C CYS A 1031 -1.34 35.02 -17.39
N ALA A 1032 -2.44 34.99 -16.63
CA ALA A 1032 -3.20 33.76 -16.46
C ALA A 1032 -4.67 34.02 -16.73
N LEU A 1033 -5.41 32.93 -16.93
CA LEU A 1033 -6.85 33.00 -17.18
C LEU A 1033 -7.53 31.73 -16.70
N ILE A 1034 -8.85 31.82 -16.56
CA ILE A 1034 -9.69 30.69 -16.19
C ILE A 1034 -10.44 30.23 -17.43
N LEU A 1035 -10.44 28.92 -17.68
CA LEU A 1035 -11.09 28.34 -18.86
C LEU A 1035 -12.48 27.81 -18.50
N ASN A 1036 -13.42 28.02 -19.41
CA ASN A 1036 -14.76 27.42 -19.34
C ASN A 1036 -14.83 26.41 -20.48
N LEU A 1037 -14.53 25.15 -20.17
CA LEU A 1037 -14.24 24.14 -21.17
C LEU A 1037 -15.48 23.38 -21.65
N GLN A 1038 -16.68 23.85 -21.34
CA GLN A 1038 -17.92 23.39 -21.99
C GLN A 1038 -18.11 21.88 -21.82
N LYS A 1039 -18.38 21.50 -20.56
CA LYS A 1039 -18.72 20.14 -20.10
C LYS A 1039 -17.46 19.30 -19.88
N SER A 1040 -16.27 19.81 -20.15
CA SER A 1040 -15.06 19.09 -19.80
C SER A 1040 -14.85 19.10 -18.28
N PRO A 1041 -14.20 18.07 -17.74
CA PRO A 1041 -13.98 18.04 -16.28
C PRO A 1041 -12.91 19.00 -15.79
N PHE A 1042 -12.36 19.86 -16.64
CA PHE A 1042 -11.28 20.76 -16.27
C PHE A 1042 -11.72 22.22 -16.17
N THR A 1043 -13.01 22.50 -16.18
CA THR A 1043 -13.47 23.88 -16.06
C THR A 1043 -13.11 24.44 -14.68
N GLY A 1044 -12.69 25.70 -14.68
CA GLY A 1044 -12.23 26.36 -13.47
C GLY A 1044 -10.73 26.34 -13.30
N THR A 1045 -10.02 25.47 -14.02
CA THR A 1045 -8.57 25.43 -13.95
C THR A 1045 -7.98 26.67 -14.60
N TRP A 1046 -6.71 26.95 -14.27
CA TRP A 1046 -6.02 28.12 -14.77
C TRP A 1046 -5.04 27.74 -15.87
N ASN A 1047 -4.89 28.65 -16.84
CA ASN A 1047 -3.96 28.49 -17.93
C ASN A 1047 -3.15 29.77 -18.09
N PHE A 1048 -1.84 29.62 -18.24
CA PHE A 1048 -0.92 30.74 -18.41
C PHE A 1048 -0.69 30.98 -19.90
N THR A 1049 -0.40 32.24 -20.23
CA THR A 1049 -0.13 32.62 -21.61
C THR A 1049 0.53 33.99 -21.64
N SER A 1050 1.21 34.27 -22.74
CA SER A 1050 1.71 35.61 -22.99
C SER A 1050 0.52 36.54 -23.20
N CYS A 1051 0.22 37.38 -22.22
CA CYS A 1051 -1.03 38.12 -22.19
C CYS A 1051 -1.03 39.35 -23.09
N SER A 1052 -0.11 39.40 -24.06
CA SER A 1052 -0.23 40.40 -25.13
C SER A 1052 -1.49 40.18 -25.94
N GLU A 1053 -2.07 38.98 -25.90
CA GLU A 1053 -3.34 38.69 -26.55
C GLU A 1053 -4.51 39.20 -25.70
N ARG A 1054 -5.72 38.97 -26.19
CA ARG A 1054 -6.92 39.47 -25.54
C ARG A 1054 -7.89 38.32 -25.27
N HIS A 1055 -8.52 38.34 -24.10
CA HIS A 1055 -9.54 37.38 -23.74
C HIS A 1055 -10.69 38.11 -23.03
N PHE A 1056 -11.80 37.40 -22.85
CA PHE A 1056 -12.99 38.02 -22.28
C PHE A 1056 -12.78 38.33 -20.80
N VAL A 1057 -13.48 39.36 -20.34
CA VAL A 1057 -13.41 39.81 -18.95
C VAL A 1057 -14.82 39.94 -18.41
N SER A 1058 -15.11 39.24 -17.30
CA SER A 1058 -16.45 39.29 -16.73
C SER A 1058 -16.43 39.30 -15.20
N LEU A 1059 -15.35 39.80 -14.59
CA LEU A 1059 -15.26 39.75 -13.14
C LEU A 1059 -14.32 40.82 -12.62
N CYS A 1060 -14.74 41.50 -11.56
CA CYS A 1060 -13.87 42.34 -10.74
C CYS A 1060 -14.18 42.07 -9.28
N GLN A 1061 -13.19 42.26 -8.43
CA GLN A 1061 -13.32 41.97 -7.00
C GLN A 1061 -13.03 43.20 -6.17
N LYS A 1062 -13.64 43.24 -4.98
CA LYS A 1062 -13.46 44.36 -4.05
C LYS A 1062 -13.61 43.82 -2.63
N TYR A 1063 -13.15 44.61 -1.67
CA TYR A 1063 -13.22 44.25 -0.26
C TYR A 1063 -14.28 45.07 0.44
N SER A 1064 -15.22 44.38 1.10
CA SER A 1064 -16.28 45.01 1.87
C SER A 1064 -16.23 44.47 3.29
N GLU A 1065 -16.21 45.37 4.27
CA GLU A 1065 -15.94 45.01 5.66
C GLU A 1065 -17.19 44.99 6.54
N VAL A 1066 -17.95 46.09 6.57
CA VAL A 1066 -19.01 46.24 7.57
C VAL A 1066 -20.17 45.29 7.33
N LYS A 1067 -20.27 44.68 6.15
CA LYS A 1067 -21.38 43.81 5.80
C LYS A 1067 -20.86 42.50 5.21
N SER A 1068 -19.89 41.89 5.89
CA SER A 1068 -19.33 40.61 5.49
C SER A 1068 -20.42 39.54 5.43
N GLU A 1077 -34.18 26.74 1.76
CA GLU A 1077 -35.31 26.60 0.84
C GLU A 1077 -34.92 25.81 -0.39
N THR A 1078 -35.88 25.63 -1.30
CA THR A 1078 -35.64 24.91 -2.55
C THR A 1078 -34.88 25.83 -3.51
N VAL A 1079 -33.60 25.55 -3.71
CA VAL A 1079 -32.76 26.37 -4.58
C VAL A 1079 -32.76 25.77 -5.98
N LYS A 1080 -33.03 26.62 -6.97
CA LYS A 1080 -33.00 26.22 -8.37
C LYS A 1080 -31.64 26.56 -8.96
N TYR A 1081 -31.02 25.58 -9.61
CA TYR A 1081 -29.68 25.76 -10.16
C TYR A 1081 -29.45 24.75 -11.27
N LEU A 1082 -29.25 25.23 -12.49
CA LEU A 1082 -28.89 24.42 -13.64
C LEU A 1082 -29.81 23.20 -13.78
N ASN A 1083 -31.11 23.48 -13.87
CA ASN A 1083 -32.14 22.46 -14.04
C ASN A 1083 -32.13 21.44 -12.90
N ASN A 1084 -31.71 21.86 -11.70
CA ASN A 1084 -31.70 21.00 -10.53
C ASN A 1084 -32.33 21.75 -9.36
N LEU A 1085 -32.96 20.99 -8.47
CA LEU A 1085 -33.61 21.54 -7.29
C LEU A 1085 -32.91 20.97 -6.06
N TYR A 1086 -32.28 21.84 -5.27
CA TYR A 1086 -31.52 21.42 -4.11
C TYR A 1086 -32.21 21.85 -2.82
N LYS A 1087 -32.16 20.99 -1.82
CA LYS A 1087 -32.73 21.25 -0.50
C LYS A 1087 -31.69 20.93 0.56
N ILE A 1088 -31.39 21.89 1.41
CA ILE A 1088 -30.40 21.76 2.47
C ILE A 1088 -31.15 21.46 3.76
N ILE A 1089 -31.10 20.20 4.19
CA ILE A 1089 -31.75 19.79 5.43
C ILE A 1089 -30.82 20.09 6.60
N PRO A 1090 -31.21 20.98 7.51
CA PRO A 1090 -30.34 21.32 8.64
C PRO A 1090 -30.39 20.33 9.80
N LYS A 1091 -31.11 19.22 9.64
CA LYS A 1091 -31.21 18.24 10.72
C LYS A 1091 -29.89 17.52 10.93
N THR A 1092 -29.59 17.22 12.19
CA THR A 1092 -28.41 16.45 12.55
C THR A 1092 -28.79 14.97 12.59
N LEU A 1093 -28.36 14.22 11.59
CA LEU A 1093 -28.82 12.84 11.43
C LEU A 1093 -27.78 12.06 10.63
N THR A 1094 -28.03 10.76 10.51
CA THR A 1094 -27.11 9.85 9.83
C THR A 1094 -27.31 9.94 8.31
N TRP A 1095 -26.70 9.02 7.57
CA TRP A 1095 -26.85 9.02 6.12
C TRP A 1095 -28.10 8.26 5.70
N HIS A 1096 -28.44 7.16 6.40
CA HIS A 1096 -29.67 6.45 6.09
C HIS A 1096 -30.89 7.29 6.44
N SER A 1097 -30.88 7.93 7.60
CA SER A 1097 -31.96 8.84 7.94
C SER A 1097 -32.01 10.03 7.00
N ALA A 1098 -30.85 10.49 6.53
CA ALA A 1098 -30.84 11.58 5.54
C ALA A 1098 -31.49 11.14 4.24
N LYS A 1099 -31.18 9.92 3.78
CA LYS A 1099 -31.80 9.40 2.57
C LYS A 1099 -33.31 9.24 2.76
N ARG A 1100 -33.73 8.80 3.95
CA ARG A 1100 -35.16 8.67 4.23
C ARG A 1100 -35.85 10.02 4.22
N GLU A 1101 -35.21 11.04 4.80
CA GLU A 1101 -35.80 12.37 4.80
C GLU A 1101 -35.85 12.97 3.39
N CYS A 1102 -34.82 12.69 2.57
CA CYS A 1102 -34.85 13.15 1.19
C CYS A 1102 -35.96 12.47 0.41
N LEU A 1103 -36.16 11.17 0.64
CA LEU A 1103 -37.24 10.44 -0.01
C LEU A 1103 -38.61 10.88 0.49
N LYS A 1104 -38.69 11.40 1.71
CA LYS A 1104 -39.97 11.91 2.23
C LYS A 1104 -40.44 13.13 1.45
N SER A 1105 -39.51 13.89 0.86
CA SER A 1105 -39.83 15.08 0.10
C SER A 1105 -39.81 14.83 -1.40
N ASN A 1106 -40.01 13.58 -1.82
CA ASN A 1106 -40.01 13.20 -3.24
C ASN A 1106 -38.70 13.60 -3.92
N MET A 1107 -37.59 13.45 -3.20
CA MET A 1107 -36.27 13.78 -3.71
C MET A 1107 -35.31 12.66 -3.35
N GLN A 1108 -34.06 12.81 -3.78
CA GLN A 1108 -33.00 11.85 -3.46
C GLN A 1108 -31.75 12.61 -3.07
N LEU A 1109 -30.79 11.89 -2.51
CA LEU A 1109 -29.52 12.50 -2.13
C LEU A 1109 -28.77 12.95 -3.36
N VAL A 1110 -28.05 14.07 -3.23
CA VAL A 1110 -27.45 14.72 -4.38
C VAL A 1110 -26.35 13.86 -4.97
N SER A 1111 -26.24 13.85 -6.29
CA SER A 1111 -25.20 13.13 -7.02
C SER A 1111 -24.44 14.15 -7.87
N ILE A 1112 -23.24 14.51 -7.40
CA ILE A 1112 -22.44 15.53 -8.06
C ILE A 1112 -21.72 14.88 -9.24
N THR A 1113 -22.11 15.26 -10.46
CA THR A 1113 -21.52 14.70 -11.67
C THR A 1113 -20.78 15.73 -12.51
N ASP A 1114 -20.72 16.99 -12.08
CA ASP A 1114 -20.08 18.04 -12.86
C ASP A 1114 -19.46 19.05 -11.91
N PRO A 1115 -18.40 19.75 -12.34
CA PRO A 1115 -17.75 20.71 -11.42
C PRO A 1115 -18.63 21.89 -11.05
N TYR A 1116 -19.60 22.25 -11.88
CA TYR A 1116 -20.50 23.34 -11.54
C TYR A 1116 -21.31 23.01 -10.30
N GLN A 1117 -21.92 21.82 -10.27
CA GLN A 1117 -22.69 21.40 -9.10
C GLN A 1117 -21.79 21.28 -7.88
N GLN A 1118 -20.56 20.79 -8.06
CA GLN A 1118 -19.63 20.66 -6.95
C GLN A 1118 -19.32 22.03 -6.35
N ALA A 1119 -19.02 23.01 -7.19
CA ALA A 1119 -18.68 24.34 -6.70
C ALA A 1119 -19.88 25.01 -6.05
N PHE A 1120 -21.07 24.86 -6.63
CA PHE A 1120 -22.27 25.45 -6.04
C PHE A 1120 -22.56 24.84 -4.69
N LEU A 1121 -22.49 23.51 -4.58
CA LEU A 1121 -22.72 22.87 -3.29
C LEU A 1121 -21.65 23.23 -2.28
N SER A 1122 -20.40 23.43 -2.74
CA SER A 1122 -19.34 23.83 -1.83
C SER A 1122 -19.60 25.22 -1.25
N VAL A 1123 -19.98 26.18 -2.09
CA VAL A 1123 -20.22 27.52 -1.56
C VAL A 1123 -21.49 27.53 -0.71
N GLN A 1124 -22.49 26.71 -1.04
CA GLN A 1124 -23.68 26.62 -0.20
C GLN A 1124 -23.36 25.99 1.15
N ALA A 1125 -22.45 25.02 1.18
CA ALA A 1125 -22.04 24.43 2.45
C ALA A 1125 -21.20 25.40 3.27
N LEU A 1126 -20.38 26.20 2.61
CA LEU A 1126 -19.65 27.25 3.32
C LEU A 1126 -20.61 28.28 3.91
N LEU A 1127 -21.71 28.58 3.21
CA LEU A 1127 -22.72 29.46 3.77
C LEU A 1127 -23.37 28.88 5.01
N HIS A 1128 -23.30 27.57 5.21
CA HIS A 1128 -23.86 26.92 6.39
C HIS A 1128 -22.80 26.61 7.45
N ASN A 1129 -21.51 26.69 7.10
CA ASN A 1129 -20.42 26.51 8.04
C ASN A 1129 -20.46 25.14 8.71
N SER A 1130 -20.83 24.12 7.94
CA SER A 1130 -20.87 22.75 8.45
C SER A 1130 -20.94 21.79 7.26
N SER A 1131 -20.33 20.63 7.44
CA SER A 1131 -20.31 19.62 6.38
C SER A 1131 -21.65 18.89 6.33
N LEU A 1132 -22.13 18.65 5.12
CA LEU A 1132 -23.44 18.05 4.89
C LEU A 1132 -23.30 16.73 4.15
N TRP A 1133 -24.31 15.88 4.30
CA TRP A 1133 -24.32 14.58 3.64
C TRP A 1133 -24.53 14.75 2.14
N ILE A 1134 -23.99 13.81 1.38
CA ILE A 1134 -24.21 13.72 -0.05
C ILE A 1134 -24.53 12.28 -0.41
N GLY A 1135 -24.88 12.06 -1.68
CA GLY A 1135 -25.33 10.75 -2.11
C GLY A 1135 -24.24 9.81 -2.54
N LEU A 1136 -23.12 9.81 -1.83
CA LEU A 1136 -21.99 8.94 -2.13
C LEU A 1136 -21.77 7.98 -0.97
N PHE A 1137 -21.70 6.68 -1.30
CA PHE A 1137 -21.52 5.65 -0.28
C PHE A 1137 -20.74 4.50 -0.89
N SER A 1138 -20.34 3.56 -0.03
CA SER A 1138 -19.56 2.41 -0.46
C SER A 1138 -20.17 1.13 0.11
N GLN A 1139 -19.89 0.03 -0.58
CA GLN A 1139 -20.36 -1.28 -0.13
C GLN A 1139 -19.22 -2.29 -0.16
N ASP A 1140 -18.23 -2.06 -1.02
CA ASP A 1140 -17.11 -2.98 -1.21
C ASP A 1140 -15.96 -2.59 -0.29
N ASP A 1141 -16.20 -2.76 1.02
CA ASP A 1141 -15.21 -2.53 2.08
C ASP A 1141 -14.34 -1.30 1.85
N GLU A 1142 -14.98 -0.22 1.37
CA GLU A 1142 -14.28 1.01 0.98
C GLU A 1142 -13.21 0.73 -0.08
N LEU A 1143 -13.67 0.21 -1.22
CA LEU A 1143 -12.80 0.00 -2.37
C LEU A 1143 -13.39 0.68 -3.61
N ASN A 1144 -14.71 0.63 -3.74
CA ASN A 1144 -15.42 1.23 -4.86
C ASN A 1144 -16.59 2.04 -4.35
N PHE A 1145 -16.64 3.31 -4.69
CA PHE A 1145 -17.72 4.20 -4.29
C PHE A 1145 -18.71 4.37 -5.44
N GLY A 1146 -19.92 4.81 -5.09
CA GLY A 1146 -20.97 4.98 -6.07
C GLY A 1146 -22.08 5.83 -5.53
N TRP A 1147 -22.89 6.36 -6.45
CA TRP A 1147 -23.98 7.24 -6.11
C TRP A 1147 -25.25 6.44 -5.78
N SER A 1148 -26.06 7.01 -4.89
CA SER A 1148 -27.29 6.34 -4.48
C SER A 1148 -28.33 6.31 -5.61
N ASP A 1149 -28.12 7.06 -6.68
CA ASP A 1149 -29.05 7.10 -7.80
C ASP A 1149 -28.77 6.03 -8.85
N GLY A 1150 -27.61 5.39 -8.79
CA GLY A 1150 -27.22 4.46 -9.83
C GLY A 1150 -26.53 5.17 -10.98
N LYS A 1151 -25.59 6.05 -10.65
CA LYS A 1151 -24.83 6.81 -11.64
C LYS A 1151 -23.36 6.50 -11.50
N ARG A 1152 -22.66 6.41 -12.64
CA ARG A 1152 -21.25 6.10 -12.63
C ARG A 1152 -20.45 7.25 -12.02
N LEU A 1153 -19.46 6.89 -11.20
CA LEU A 1153 -18.58 7.88 -10.57
C LEU A 1153 -17.54 8.30 -11.58
N HIS A 1154 -17.78 9.43 -12.26
CA HIS A 1154 -16.85 9.97 -13.24
C HIS A 1154 -16.13 11.20 -12.76
N PHE A 1155 -16.80 12.07 -12.00
CA PHE A 1155 -16.19 13.27 -11.45
C PHE A 1155 -16.00 13.08 -9.94
N SER A 1156 -14.78 13.37 -9.47
CA SER A 1156 -14.46 13.20 -8.06
C SER A 1156 -13.56 14.34 -7.60
N ARG A 1157 -13.76 14.77 -6.37
CA ARG A 1157 -12.98 15.84 -5.75
C ARG A 1157 -12.55 15.44 -4.34
N TRP A 1158 -12.00 14.22 -4.22
CA TRP A 1158 -11.53 13.74 -2.93
C TRP A 1158 -10.41 14.63 -2.40
N ALA A 1159 -10.26 14.65 -1.08
CA ALA A 1159 -9.26 15.51 -0.45
C ALA A 1159 -7.87 14.89 -0.46
N GLU A 1160 -7.79 13.56 -0.50
CA GLU A 1160 -6.51 12.87 -0.47
C GLU A 1160 -6.51 11.76 -1.52
N THR A 1161 -5.32 11.30 -1.88
CA THR A 1161 -5.20 10.20 -2.83
C THR A 1161 -5.71 8.90 -2.22
N ASN A 1162 -5.21 8.53 -1.05
CA ASN A 1162 -5.69 7.37 -0.30
C ASN A 1162 -6.20 7.90 1.04
N GLY A 1163 -7.46 8.33 1.05
CA GLY A 1163 -8.04 8.89 2.25
C GLY A 1163 -9.43 8.36 2.53
N GLN A 1164 -9.93 7.49 1.66
CA GLN A 1164 -11.23 6.85 1.84
C GLN A 1164 -11.08 5.75 2.88
N LEU A 1165 -11.00 6.18 4.14
CA LEU A 1165 -10.77 5.27 5.25
C LEU A 1165 -12.07 4.78 5.88
N GLU A 1166 -13.19 5.43 5.61
CA GLU A 1166 -14.48 4.99 6.17
C GLU A 1166 -15.49 4.82 5.05
N ASP A 1167 -16.75 4.53 5.40
CA ASP A 1167 -17.72 4.07 4.41
C ASP A 1167 -18.43 5.23 3.70
N CYS A 1168 -19.18 6.03 4.45
CA CYS A 1168 -20.06 6.99 3.82
C CYS A 1168 -19.33 8.32 3.61
N VAL A 1169 -19.93 9.20 2.80
CA VAL A 1169 -19.27 10.40 2.31
C VAL A 1169 -20.08 11.62 2.70
N VAL A 1170 -19.37 12.69 3.08
CA VAL A 1170 -19.95 14.00 3.33
C VAL A 1170 -19.19 15.03 2.51
N LEU A 1171 -19.82 16.19 2.33
CA LEU A 1171 -19.20 17.31 1.62
C LEU A 1171 -18.70 18.32 2.63
N ASP A 1172 -17.39 18.47 2.74
CA ASP A 1172 -16.80 19.37 3.71
C ASP A 1172 -17.05 20.83 3.32
N THR A 1173 -16.71 21.73 4.24
CA THR A 1173 -16.89 23.16 3.98
C THR A 1173 -15.88 23.68 2.97
N ASP A 1174 -14.69 23.07 2.90
CA ASP A 1174 -13.65 23.51 1.99
C ASP A 1174 -13.88 23.07 0.55
N GLY A 1175 -14.97 22.34 0.27
CA GLY A 1175 -15.25 21.86 -1.06
C GLY A 1175 -14.72 20.49 -1.37
N PHE A 1176 -14.11 19.81 -0.41
CA PHE A 1176 -13.56 18.48 -0.61
C PHE A 1176 -14.49 17.43 -0.01
N TRP A 1177 -14.53 16.26 -0.65
CA TRP A 1177 -15.39 15.17 -0.21
C TRP A 1177 -14.70 14.41 0.93
N LYS A 1178 -15.17 14.62 2.15
CA LYS A 1178 -14.64 13.88 3.28
C LYS A 1178 -15.38 12.55 3.42
N THR A 1179 -14.73 11.61 4.12
CA THR A 1179 -15.26 10.26 4.26
C THR A 1179 -15.35 9.93 5.74
N VAL A 1180 -16.56 9.61 6.21
CA VAL A 1180 -16.80 9.25 7.60
C VAL A 1180 -17.74 8.04 7.62
N ASP A 1181 -17.64 7.25 8.68
CA ASP A 1181 -18.58 6.16 8.88
C ASP A 1181 -19.94 6.75 9.21
N CYS A 1182 -20.93 6.44 8.38
CA CYS A 1182 -22.25 7.05 8.48
C CYS A 1182 -23.10 6.49 9.61
N ASN A 1183 -22.50 5.81 10.58
CA ASN A 1183 -23.12 5.64 11.89
C ASN A 1183 -22.72 6.79 12.80
N ASP A 1184 -22.89 8.01 12.31
CA ASP A 1184 -22.45 9.22 13.00
C ASP A 1184 -23.50 10.31 12.77
N ASN A 1185 -23.25 11.48 13.36
CA ASN A 1185 -24.19 12.60 13.35
C ASN A 1185 -23.54 13.79 12.67
N GLN A 1186 -23.98 14.12 11.45
CA GLN A 1186 -23.53 15.31 10.75
C GLN A 1186 -24.64 16.36 10.77
N PRO A 1187 -24.27 17.65 10.86
CA PRO A 1187 -25.28 18.68 11.14
C PRO A 1187 -26.16 19.06 9.96
N GLY A 1188 -26.13 18.29 8.86
CA GLY A 1188 -26.97 18.62 7.73
C GLY A 1188 -26.82 17.59 6.63
N ALA A 1189 -27.69 17.74 5.62
CA ALA A 1189 -27.67 16.87 4.45
C ALA A 1189 -28.18 17.65 3.26
N ILE A 1190 -28.00 17.08 2.07
CA ILE A 1190 -28.37 17.73 0.82
C ILE A 1190 -29.19 16.75 -0.01
N CYS A 1191 -30.42 17.15 -0.34
CA CYS A 1191 -31.28 16.40 -1.24
C CYS A 1191 -31.37 17.11 -2.58
N TYR A 1192 -31.51 16.35 -3.66
CA TYR A 1192 -31.56 16.92 -5.00
C TYR A 1192 -32.73 16.32 -5.77
N TYR A 1193 -33.16 17.06 -6.79
CA TYR A 1193 -34.23 16.63 -7.68
C TYR A 1193 -33.89 17.08 -9.09
N SER A 1194 -34.05 16.17 -10.05
CA SER A 1194 -33.75 16.43 -11.46
C SER A 1194 -35.03 16.15 -12.26
N GLY A 1195 -35.80 17.20 -12.50
CA GLY A 1195 -37.03 17.08 -13.27
C GLY A 1195 -36.93 17.72 -14.64
N ASN A 1196 -36.17 18.80 -14.75
CA ASN A 1196 -36.03 19.50 -16.02
C ASN A 1196 -35.07 18.80 -16.98
N GLU A 1197 -34.15 17.98 -16.46
CA GLU A 1197 -33.18 17.27 -17.29
C GLU A 1197 -33.01 15.87 -16.73
N THR A 1198 -33.50 14.86 -17.46
CA THR A 1198 -33.39 13.46 -17.07
C THR A 1198 -32.82 12.69 -18.26
N GLU A 1199 -31.49 12.61 -18.33
CA GLU A 1199 -30.80 11.91 -19.41
C GLU A 1199 -29.83 10.92 -18.80
N LYS A 1200 -30.06 9.63 -19.05
CA LYS A 1200 -29.19 8.57 -18.55
C LYS A 1200 -28.94 7.49 -19.59
N GLU A 1201 -28.93 7.87 -20.87
CA GLU A 1201 -28.74 6.94 -21.97
C GLU A 1201 -27.27 6.95 -22.37
N VAL A 1202 -26.52 5.95 -21.93
CA VAL A 1202 -25.11 5.81 -22.26
C VAL A 1202 -24.73 4.34 -22.27
N LYS A 1203 -24.16 3.88 -23.38
CA LYS A 1203 -23.74 2.50 -23.51
C LYS A 1203 -22.62 2.37 -24.54
N PRO A 1204 -21.42 1.99 -24.12
CA PRO A 1204 -20.32 1.84 -25.08
C PRO A 1204 -20.42 0.54 -25.86
N VAL A 1205 -19.96 0.61 -27.11
CA VAL A 1205 -19.97 -0.53 -28.02
C VAL A 1205 -18.53 -0.96 -28.26
N ASP A 1206 -18.26 -2.26 -28.13
CA ASP A 1206 -16.93 -2.83 -28.34
C ASP A 1206 -17.09 -4.05 -29.23
N SER A 1207 -16.82 -3.88 -30.52
CA SER A 1207 -17.00 -4.94 -31.51
C SER A 1207 -15.70 -5.23 -32.26
N VAL A 1208 -14.56 -5.10 -31.59
CA VAL A 1208 -13.25 -5.37 -32.18
C VAL A 1208 -12.58 -6.47 -31.38
N LYS A 1209 -12.10 -7.50 -32.08
CA LYS A 1209 -11.40 -8.61 -31.47
C LYS A 1209 -9.96 -8.61 -31.97
N CYS A 1210 -9.01 -8.60 -31.04
CA CYS A 1210 -7.60 -8.56 -31.38
C CYS A 1210 -7.08 -9.95 -31.68
N PRO A 1211 -5.98 -10.06 -32.43
CA PRO A 1211 -5.41 -11.39 -32.72
C PRO A 1211 -4.82 -12.06 -31.49
N SER A 1212 -4.25 -13.25 -31.68
CA SER A 1212 -3.72 -14.01 -30.57
C SER A 1212 -2.56 -13.28 -29.91
N PRO A 1213 -2.44 -13.36 -28.59
CA PRO A 1213 -1.30 -12.72 -27.91
C PRO A 1213 0.01 -13.41 -28.25
N VAL A 1214 1.10 -12.64 -28.21
CA VAL A 1214 2.42 -13.13 -28.54
C VAL A 1214 3.39 -12.75 -27.41
N LEU A 1215 4.21 -13.71 -26.99
CA LEU A 1215 5.25 -13.48 -25.98
C LEU A 1215 4.66 -12.94 -24.68
N ASN A 1216 3.51 -13.48 -24.28
CA ASN A 1216 2.84 -13.10 -23.03
C ASN A 1216 2.52 -11.61 -22.98
N THR A 1217 2.21 -11.02 -24.13
CA THR A 1217 1.84 -9.60 -24.20
C THR A 1217 0.60 -9.49 -25.09
N PRO A 1218 -0.59 -9.42 -24.50
CA PRO A 1218 -1.81 -9.38 -25.31
C PRO A 1218 -1.96 -8.06 -26.05
N TRP A 1219 -2.95 -8.03 -26.95
CA TRP A 1219 -3.29 -6.83 -27.71
C TRP A 1219 -4.58 -6.26 -27.14
N ILE A 1220 -4.49 -5.08 -26.54
CA ILE A 1220 -5.65 -4.43 -25.95
C ILE A 1220 -6.39 -3.64 -27.02
N PRO A 1221 -7.68 -3.88 -27.22
CA PRO A 1221 -8.41 -3.15 -28.27
C PRO A 1221 -8.88 -1.79 -27.79
N PHE A 1222 -8.79 -0.81 -28.69
CA PHE A 1222 -9.27 0.54 -28.39
C PHE A 1222 -9.55 1.26 -29.69
N GLN A 1223 -10.84 1.45 -30.01
CA GLN A 1223 -11.29 2.26 -31.14
C GLN A 1223 -10.71 1.73 -32.46
N ASN A 1224 -11.13 0.51 -32.80
CA ASN A 1224 -10.78 -0.13 -34.07
C ASN A 1224 -9.28 -0.32 -34.22
N CYS A 1225 -8.57 -0.56 -33.11
CA CYS A 1225 -7.14 -0.77 -33.13
C CYS A 1225 -6.77 -1.82 -32.08
N CYS A 1226 -5.53 -2.28 -32.15
CA CYS A 1226 -4.99 -3.25 -31.19
C CYS A 1226 -3.58 -2.82 -30.83
N TYR A 1227 -3.38 -2.41 -29.59
CA TYR A 1227 -2.10 -1.92 -29.11
C TYR A 1227 -1.39 -3.01 -28.31
N ASN A 1228 -0.07 -3.02 -28.37
CA ASN A 1228 0.75 -4.01 -27.67
C ASN A 1228 1.90 -3.28 -26.99
N PHE A 1229 1.74 -2.96 -25.71
CA PHE A 1229 2.79 -2.32 -24.92
C PHE A 1229 3.77 -3.38 -24.49
N ILE A 1230 4.83 -3.55 -25.28
CA ILE A 1230 5.78 -4.64 -25.09
C ILE A 1230 6.69 -4.27 -23.92
N ILE A 1231 6.38 -4.79 -22.74
CA ILE A 1231 7.26 -4.66 -21.58
C ILE A 1231 7.99 -6.00 -21.47
N THR A 1232 9.15 -6.09 -22.11
CA THR A 1232 9.93 -7.32 -22.18
C THR A 1232 11.39 -6.96 -22.31
N LYS A 1233 12.25 -7.97 -22.22
CA LYS A 1233 13.69 -7.77 -22.36
C LYS A 1233 14.02 -7.27 -23.76
N ASN A 1234 14.65 -6.10 -23.85
CA ASN A 1234 15.05 -5.53 -25.13
C ASN A 1234 16.21 -4.60 -24.90
N ARG A 1235 17.36 -4.89 -25.51
CA ARG A 1235 18.55 -4.07 -25.36
C ARG A 1235 19.13 -3.60 -26.69
N HIS A 1236 18.51 -3.95 -27.81
CA HIS A 1236 18.99 -3.50 -29.12
C HIS A 1236 18.66 -2.03 -29.29
N MET A 1237 19.66 -1.17 -29.10
CA MET A 1237 19.50 0.28 -29.22
C MET A 1237 20.51 0.85 -30.20
N ALA A 1238 20.64 0.20 -31.35
CA ALA A 1238 21.51 0.64 -32.43
C ALA A 1238 20.65 0.99 -33.63
N THR A 1239 20.65 2.27 -34.01
CA THR A 1239 19.78 2.78 -35.08
C THR A 1239 18.33 2.45 -34.79
N THR A 1240 17.83 3.00 -33.69
CA THR A 1240 16.51 2.62 -33.17
C THR A 1240 15.38 2.97 -34.13
N GLN A 1241 15.60 3.90 -35.06
CA GLN A 1241 14.54 4.29 -36.00
C GLN A 1241 14.02 3.08 -36.76
N ASP A 1242 14.90 2.42 -37.52
CA ASP A 1242 14.50 1.21 -38.23
C ASP A 1242 14.46 -0.01 -37.32
N GLU A 1243 15.21 0.01 -36.22
CA GLU A 1243 15.25 -1.15 -35.33
C GLU A 1243 13.89 -1.40 -34.68
N VAL A 1244 13.28 -0.34 -34.14
CA VAL A 1244 11.97 -0.49 -33.51
C VAL A 1244 10.93 -0.91 -34.54
N HIS A 1245 11.06 -0.42 -35.78
CA HIS A 1245 10.12 -0.77 -36.82
C HIS A 1245 10.21 -2.25 -37.18
N THR A 1246 11.43 -2.76 -37.38
CA THR A 1246 11.58 -4.19 -37.63
C THR A 1246 11.16 -5.03 -36.43
N LYS A 1247 11.37 -4.52 -35.21
CA LYS A 1247 10.94 -5.26 -34.03
C LYS A 1247 9.43 -5.39 -34.00
N CYS A 1248 8.72 -4.30 -34.27
CA CYS A 1248 7.25 -4.36 -34.34
C CYS A 1248 6.78 -5.18 -35.53
N GLN A 1249 7.59 -5.26 -36.59
CA GLN A 1249 7.19 -5.97 -37.79
C GLN A 1249 7.29 -7.49 -37.60
N LYS A 1250 8.50 -7.99 -37.32
CA LYS A 1250 8.66 -9.43 -37.16
C LYS A 1250 7.94 -9.97 -35.93
N LEU A 1251 7.54 -9.10 -35.00
CA LEU A 1251 6.68 -9.55 -33.91
C LEU A 1251 5.32 -9.98 -34.43
N ASN A 1252 4.69 -9.15 -35.25
CA ASN A 1252 3.41 -9.45 -35.87
C ASN A 1252 3.21 -8.56 -37.10
N PRO A 1253 2.97 -9.13 -38.27
CA PRO A 1253 2.71 -8.30 -39.46
C PRO A 1253 1.42 -7.50 -39.30
N LYS A 1254 1.23 -6.57 -40.23
CA LYS A 1254 0.08 -5.67 -40.23
C LYS A 1254 0.02 -4.87 -38.93
N SER A 1255 1.17 -4.36 -38.51
CA SER A 1255 1.28 -3.63 -37.26
C SER A 1255 2.53 -2.77 -37.30
N HIS A 1256 2.34 -1.45 -37.22
CA HIS A 1256 3.44 -0.50 -37.23
C HIS A 1256 3.64 0.09 -35.84
N ILE A 1257 4.61 1.01 -35.73
CA ILE A 1257 4.90 1.64 -34.45
C ILE A 1257 3.73 2.54 -34.04
N LEU A 1258 3.65 2.83 -32.74
CA LEU A 1258 2.59 3.67 -32.22
C LEU A 1258 2.67 5.08 -32.79
N SER A 1259 1.52 5.62 -33.18
CA SER A 1259 1.44 6.98 -33.71
C SER A 1259 0.08 7.54 -33.33
N ILE A 1260 0.07 8.43 -32.33
CA ILE A 1260 -1.17 9.02 -31.84
C ILE A 1260 -1.65 10.07 -32.84
N ARG A 1261 -2.92 9.96 -33.25
CA ARG A 1261 -3.51 10.89 -34.20
C ARG A 1261 -4.85 11.41 -33.70
N ASP A 1262 -5.04 11.47 -32.39
CA ASP A 1262 -6.29 11.93 -31.80
C ASP A 1262 -6.02 12.33 -30.36
N GLU A 1263 -7.07 12.81 -29.68
CA GLU A 1263 -6.95 13.19 -28.28
C GLU A 1263 -7.31 12.05 -27.33
N LYS A 1264 -8.37 11.30 -27.64
CA LYS A 1264 -8.75 10.17 -26.81
C LYS A 1264 -7.70 9.06 -26.86
N GLU A 1265 -7.03 8.90 -28.00
CA GLU A 1265 -5.97 7.91 -28.10
C GLU A 1265 -4.80 8.26 -27.19
N ASN A 1266 -4.49 9.55 -27.07
CA ASN A 1266 -3.44 9.99 -26.16
C ASN A 1266 -3.81 9.67 -24.71
N ASN A 1267 -5.07 9.90 -24.34
CA ASN A 1267 -5.52 9.58 -22.99
C ASN A 1267 -5.46 8.08 -22.75
N PHE A 1268 -5.80 7.27 -23.76
CA PHE A 1268 -5.71 5.83 -23.61
C PHE A 1268 -4.28 5.38 -23.42
N VAL A 1269 -3.34 5.92 -24.20
CA VAL A 1269 -1.94 5.57 -24.05
C VAL A 1269 -1.42 6.00 -22.69
N LEU A 1270 -1.86 7.16 -22.20
CA LEU A 1270 -1.46 7.61 -20.88
C LEU A 1270 -2.00 6.69 -19.79
N GLU A 1271 -3.26 6.24 -19.93
CA GLU A 1271 -3.83 5.32 -18.97
C GLU A 1271 -3.08 3.99 -18.95
N GLN A 1272 -2.71 3.49 -20.14
CA GLN A 1272 -1.95 2.24 -20.19
C GLN A 1272 -0.54 2.41 -19.64
N LEU A 1273 0.05 3.60 -19.79
CA LEU A 1273 1.36 3.84 -19.22
C LEU A 1273 1.31 3.93 -17.71
N LEU A 1274 0.25 4.55 -17.17
CA LEU A 1274 0.17 4.74 -15.72
C LEU A 1274 0.12 3.44 -14.95
N TYR A 1275 -0.27 2.33 -15.59
CA TYR A 1275 -0.22 1.04 -14.93
C TYR A 1275 1.20 0.55 -14.72
N PHE A 1276 2.16 1.07 -15.48
CA PHE A 1276 3.57 0.71 -15.37
C PHE A 1276 4.41 1.91 -14.96
N ASN A 1277 3.91 2.71 -14.03
CA ASN A 1277 4.60 3.91 -13.60
C ASN A 1277 5.77 3.64 -12.67
N TYR A 1278 6.04 2.37 -12.33
CA TYR A 1278 7.14 2.02 -11.44
C TYR A 1278 8.36 1.50 -12.19
N MET A 1279 8.23 1.17 -13.48
CA MET A 1279 9.36 0.66 -14.24
C MET A 1279 9.46 1.27 -15.63
N ALA A 1280 8.63 2.26 -15.95
CA ALA A 1280 8.66 2.89 -17.26
C ALA A 1280 7.99 4.25 -17.16
N SER A 1281 8.70 5.29 -17.60
CA SER A 1281 8.19 6.65 -17.53
C SER A 1281 7.87 7.25 -18.90
N TRP A 1282 8.14 6.52 -19.98
CA TRP A 1282 7.87 7.02 -21.33
C TRP A 1282 7.43 5.88 -22.22
N VAL A 1283 6.68 6.22 -23.27
CA VAL A 1283 6.30 5.29 -24.32
C VAL A 1283 6.89 5.79 -25.62
N MET A 1284 7.65 4.93 -26.30
CA MET A 1284 8.32 5.32 -27.53
C MET A 1284 7.31 5.63 -28.63
N LEU A 1285 7.56 6.70 -29.38
CA LEU A 1285 6.69 7.11 -30.47
C LEU A 1285 7.47 7.06 -31.78
N GLY A 1286 6.73 6.87 -32.87
CA GLY A 1286 7.34 6.82 -34.19
C GLY A 1286 7.43 8.16 -34.86
N ILE A 1287 8.29 9.05 -34.35
CA ILE A 1287 8.48 10.38 -34.89
C ILE A 1287 9.84 10.44 -35.57
N THR A 1288 9.86 10.93 -36.81
CA THR A 1288 11.08 11.09 -37.59
C THR A 1288 11.12 12.49 -38.18
N TYR A 1289 12.21 12.79 -38.89
CA TYR A 1289 12.40 14.08 -39.53
C TYR A 1289 12.72 13.90 -41.00
N ARG A 1290 11.92 13.07 -41.67
CA ARG A 1290 12.08 12.85 -43.10
C ARG A 1290 11.51 14.04 -43.88
N ASN A 1291 12.16 14.36 -45.00
CA ASN A 1291 11.76 15.46 -45.87
C ASN A 1291 11.77 16.80 -45.12
N LYS A 1292 12.67 16.94 -44.14
CA LYS A 1292 12.85 18.17 -43.38
C LYS A 1292 11.54 18.60 -42.71
N SER A 1293 10.88 17.66 -42.05
CA SER A 1293 9.62 17.93 -41.36
C SER A 1293 9.33 16.77 -40.42
N LEU A 1294 8.78 17.10 -39.25
CA LEU A 1294 8.44 16.08 -38.25
C LEU A 1294 7.19 15.34 -38.70
N MET A 1295 7.36 14.06 -39.06
CA MET A 1295 6.26 13.22 -39.51
C MET A 1295 6.43 11.82 -38.95
N TRP A 1296 5.36 11.04 -39.02
CA TRP A 1296 5.40 9.67 -38.52
C TRP A 1296 6.19 8.79 -39.49
N PHE A 1297 6.41 7.53 -39.07
CA PHE A 1297 7.12 6.58 -39.92
C PHE A 1297 6.34 6.27 -41.17
N ASP A 1298 5.03 6.09 -41.05
CA ASP A 1298 4.18 5.87 -42.20
C ASP A 1298 4.08 7.13 -43.05
N LYS A 1299 3.67 6.96 -44.31
CA LYS A 1299 3.54 8.08 -45.24
C LYS A 1299 2.26 8.84 -44.90
N THR A 1300 2.34 9.64 -43.84
CA THR A 1300 1.21 10.43 -43.37
C THR A 1300 1.72 11.60 -42.58
N PRO A 1301 1.08 12.77 -42.66
CA PRO A 1301 1.56 13.94 -41.90
C PRO A 1301 1.27 13.83 -40.41
N LEU A 1302 1.71 14.82 -39.65
CA LEU A 1302 1.51 14.88 -38.21
C LEU A 1302 0.46 15.95 -37.92
N SER A 1303 -0.80 15.53 -37.80
CA SER A 1303 -1.89 16.48 -37.59
C SER A 1303 -1.96 16.93 -36.15
N TYR A 1304 -2.22 15.99 -35.23
CA TYR A 1304 -2.35 16.31 -33.81
C TYR A 1304 -1.00 16.17 -33.12
N THR A 1305 -0.74 17.09 -32.19
CA THR A 1305 0.50 17.06 -31.43
C THR A 1305 0.24 17.62 -30.04
N HIS A 1306 0.98 17.08 -29.06
CA HIS A 1306 0.88 17.49 -27.66
C HIS A 1306 2.30 17.64 -27.12
N TRP A 1307 2.88 18.83 -27.28
CA TRP A 1307 4.23 19.09 -26.82
C TRP A 1307 4.21 19.66 -25.40
N ARG A 1308 5.40 19.70 -24.79
CA ARG A 1308 5.51 20.22 -23.43
C ARG A 1308 5.52 21.75 -23.42
N ALA A 1309 6.40 22.35 -24.22
CA ALA A 1309 6.49 23.82 -24.29
C ALA A 1309 6.90 24.18 -25.72
N GLY A 1310 5.90 24.48 -26.55
CA GLY A 1310 6.15 24.86 -27.92
C GLY A 1310 6.63 23.73 -28.81
N ARG A 1311 6.67 23.97 -30.12
CA ARG A 1311 7.15 22.96 -31.04
C ARG A 1311 8.68 22.84 -30.94
N PRO A 1312 9.22 21.63 -31.06
CA PRO A 1312 10.67 21.47 -30.95
C PRO A 1312 11.43 22.08 -32.12
N THR A 1313 12.76 22.04 -32.07
CA THR A 1313 13.62 22.57 -33.11
C THR A 1313 14.63 21.52 -33.56
N ILE A 1314 14.15 20.30 -33.77
CA ILE A 1314 14.99 19.19 -34.19
C ILE A 1314 15.33 19.35 -35.66
N LYS A 1315 16.62 19.44 -35.97
CA LYS A 1315 17.09 19.56 -37.35
C LYS A 1315 17.63 18.25 -37.91
N ASN A 1316 18.29 17.45 -37.09
CA ASN A 1316 18.81 16.16 -37.51
C ASN A 1316 17.71 15.11 -37.44
N GLU A 1317 18.08 13.83 -37.58
CA GLU A 1317 17.14 12.73 -37.51
C GLU A 1317 17.43 11.78 -36.36
N LYS A 1318 18.44 12.06 -35.54
CA LYS A 1318 18.81 11.19 -34.41
C LYS A 1318 18.21 11.78 -33.15
N PHE A 1319 17.03 11.28 -32.78
CA PHE A 1319 16.34 11.74 -31.59
C PHE A 1319 15.33 10.68 -31.17
N LEU A 1320 14.94 10.74 -29.89
CA LEU A 1320 13.98 9.81 -29.31
C LEU A 1320 12.75 10.59 -28.88
N ALA A 1321 11.58 10.18 -29.36
CA ALA A 1321 10.32 10.82 -29.02
C ALA A 1321 9.54 9.92 -28.07
N GLY A 1322 9.09 10.48 -26.95
CA GLY A 1322 8.40 9.70 -25.94
C GLY A 1322 7.20 10.36 -25.32
N LEU A 1323 6.07 9.67 -25.35
CA LEU A 1323 4.90 10.09 -24.59
C LEU A 1323 5.19 9.92 -23.10
N SER A 1324 5.09 11.01 -22.34
CA SER A 1324 5.48 11.01 -20.95
C SER A 1324 4.32 10.52 -20.08
N THR A 1325 4.49 10.60 -18.75
CA THR A 1325 3.48 10.17 -17.80
C THR A 1325 2.44 11.24 -17.52
N ASP A 1326 2.46 12.35 -18.25
CA ASP A 1326 1.49 13.43 -18.08
C ASP A 1326 0.73 13.73 -19.36
N GLY A 1327 0.89 12.93 -20.41
CA GLY A 1327 0.25 13.17 -21.68
C GLY A 1327 1.07 14.00 -22.66
N PHE A 1328 2.16 14.60 -22.21
CA PHE A 1328 2.99 15.43 -23.07
C PHE A 1328 4.04 14.58 -23.79
N TRP A 1329 4.46 15.07 -24.96
CA TRP A 1329 5.44 14.38 -25.78
C TRP A 1329 6.78 15.06 -25.63
N ASP A 1330 7.76 14.34 -25.10
CA ASP A 1330 9.12 14.86 -24.93
C ASP A 1330 10.01 14.36 -26.05
N ILE A 1331 11.04 15.13 -26.36
CA ILE A 1331 12.01 14.80 -27.40
C ILE A 1331 13.40 14.91 -26.81
N GLN A 1332 14.19 13.84 -26.90
CA GLN A 1332 15.57 13.82 -26.44
C GLN A 1332 16.47 13.67 -27.65
N THR A 1333 17.24 14.71 -27.95
CA THR A 1333 18.21 14.67 -29.03
C THR A 1333 19.58 14.31 -28.48
N PHE A 1334 20.39 13.67 -29.32
CA PHE A 1334 21.68 13.17 -28.90
C PHE A 1334 22.65 13.14 -30.07
N LYS A 1335 23.94 13.22 -29.75
CA LYS A 1335 25.00 13.08 -30.74
C LYS A 1335 25.65 11.70 -30.72
N VAL A 1336 25.72 11.07 -29.55
CA VAL A 1336 26.23 9.72 -29.41
C VAL A 1336 25.07 8.81 -29.02
N ILE A 1337 24.97 7.66 -29.67
CA ILE A 1337 23.85 6.75 -29.41
C ILE A 1337 23.93 6.20 -27.99
N GLU A 1338 25.14 5.97 -27.47
CA GLU A 1338 25.32 5.43 -26.13
C GLU A 1338 25.14 6.49 -25.04
N GLU A 1339 24.61 7.67 -25.37
CA GLU A 1339 24.39 8.72 -24.39
C GLU A 1339 22.94 8.81 -23.93
N ALA A 1340 21.99 8.36 -24.76
CA ALA A 1340 20.57 8.40 -24.43
C ALA A 1340 20.03 7.04 -24.02
N VAL A 1341 20.84 6.22 -23.35
CA VAL A 1341 20.38 4.91 -22.91
C VAL A 1341 19.41 5.02 -21.73
N TYR A 1342 19.45 6.13 -21.00
CA TYR A 1342 18.49 6.33 -19.92
C TYR A 1342 17.08 6.48 -20.47
N PHE A 1343 16.92 7.07 -21.65
CA PHE A 1343 15.61 7.14 -22.28
C PHE A 1343 15.16 5.77 -22.79
N HIS A 1344 16.10 4.93 -23.20
CA HIS A 1344 15.74 3.60 -23.70
C HIS A 1344 15.40 2.64 -22.56
N GLN A 1345 16.02 2.82 -21.39
CA GLN A 1345 15.76 1.91 -20.28
C GLN A 1345 14.34 2.08 -19.73
N HIS A 1346 13.80 3.30 -19.76
CA HIS A 1346 12.49 3.59 -19.21
C HIS A 1346 11.46 3.86 -20.30
N SER A 1347 11.54 3.16 -21.42
CA SER A 1347 10.60 3.34 -22.53
C SER A 1347 9.87 2.04 -22.81
N ILE A 1348 8.66 2.18 -23.36
CA ILE A 1348 7.84 1.05 -23.76
C ILE A 1348 7.70 1.06 -25.27
N LEU A 1349 7.81 -0.11 -25.89
CA LEU A 1349 7.73 -0.27 -27.34
C LEU A 1349 6.32 -0.72 -27.70
N ALA A 1350 5.45 0.24 -27.99
CA ALA A 1350 4.07 -0.03 -28.38
C ALA A 1350 3.94 -0.07 -29.89
N CYS A 1351 3.30 -1.13 -30.39
CA CYS A 1351 3.10 -1.32 -31.83
C CYS A 1351 1.61 -1.52 -32.08
N LYS A 1352 0.94 -0.47 -32.57
CA LYS A 1352 -0.47 -0.57 -32.88
C LYS A 1352 -0.68 -1.32 -34.19
N ILE A 1353 -1.94 -1.67 -34.47
CA ILE A 1353 -2.31 -2.42 -35.66
C ILE A 1353 -3.12 -1.58 -36.63
N GLU A 1354 -4.23 -1.01 -36.16
CA GLU A 1354 -5.12 -0.18 -36.97
C GLU A 1354 -5.60 -0.94 -38.22
#